data_2G52
# 
_entry.id   2G52 
# 
_audit_conform.dict_name       mmcif_pdbx.dic 
_audit_conform.dict_version    5.399 
_audit_conform.dict_location   http://mmcif.pdb.org/dictionaries/ascii/mmcif_pdbx.dic 
# 
loop_
_database_2.database_id 
_database_2.database_code 
_database_2.pdbx_database_accession 
_database_2.pdbx_DOI 
PDB   2G52         pdb_00002g52 10.2210/pdb2g52/pdb 
RCSB  RCSB036697   ?            ?                   
WWPDB D_1000036697 ?            ?                   
# 
loop_
_pdbx_audit_revision_history.ordinal 
_pdbx_audit_revision_history.data_content_type 
_pdbx_audit_revision_history.major_revision 
_pdbx_audit_revision_history.minor_revision 
_pdbx_audit_revision_history.revision_date 
1 'Structure model' 1 0 2007-02-20 
2 'Structure model' 1 1 2008-05-01 
3 'Structure model' 1 2 2011-07-13 
4 'Structure model' 1 3 2024-11-20 
# 
_pdbx_audit_revision_details.ordinal             1 
_pdbx_audit_revision_details.revision_ordinal    1 
_pdbx_audit_revision_details.data_content_type   'Structure model' 
_pdbx_audit_revision_details.provider            repository 
_pdbx_audit_revision_details.type                'Initial release' 
_pdbx_audit_revision_details.description         ? 
_pdbx_audit_revision_details.details             ? 
# 
loop_
_pdbx_audit_revision_group.ordinal 
_pdbx_audit_revision_group.revision_ordinal 
_pdbx_audit_revision_group.data_content_type 
_pdbx_audit_revision_group.group 
1 2 'Structure model' 'Version format compliance' 
2 3 'Structure model' Advisory                    
3 3 'Structure model' 'Version format compliance' 
4 4 'Structure model' 'Data collection'           
5 4 'Structure model' 'Database references'       
6 4 'Structure model' 'Derived calculations'      
7 4 'Structure model' 'Structure summary'         
# 
loop_
_pdbx_audit_revision_category.ordinal 
_pdbx_audit_revision_category.revision_ordinal 
_pdbx_audit_revision_category.data_content_type 
_pdbx_audit_revision_category.category 
1 4 'Structure model' chem_comp_atom            
2 4 'Structure model' chem_comp_bond            
3 4 'Structure model' database_2                
4 4 'Structure model' diffrn_source             
5 4 'Structure model' pdbx_entry_details        
6 4 'Structure model' pdbx_modification_feature 
7 4 'Structure model' struct_site               
# 
loop_
_pdbx_audit_revision_item.ordinal 
_pdbx_audit_revision_item.revision_ordinal 
_pdbx_audit_revision_item.data_content_type 
_pdbx_audit_revision_item.item 
1 4 'Structure model' '_database_2.pdbx_DOI'                 
2 4 'Structure model' '_database_2.pdbx_database_accession'  
3 4 'Structure model' '_diffrn_source.pdbx_synchrotron_site' 
4 4 'Structure model' '_struct_site.pdbx_auth_asym_id'       
5 4 'Structure model' '_struct_site.pdbx_auth_comp_id'       
6 4 'Structure model' '_struct_site.pdbx_auth_seq_id'        
# 
_pdbx_database_status.status_code                     REL 
_pdbx_database_status.entry_id                        2G52 
_pdbx_database_status.recvd_initial_deposition_date   2006-02-22 
_pdbx_database_status.deposit_site                    RCSB 
_pdbx_database_status.process_site                    RCSB 
_pdbx_database_status.status_code_sf                  REL 
_pdbx_database_status.status_code_mr                  ? 
_pdbx_database_status.SG_entry                        ? 
_pdbx_database_status.pdb_format_compatible           Y 
_pdbx_database_status.status_code_cs                  ? 
_pdbx_database_status.status_code_nmr_data            ? 
_pdbx_database_status.methods_development_category    ? 
# 
loop_
_pdbx_database_related.db_name 
_pdbx_database_related.db_id 
_pdbx_database_related.details 
_pdbx_database_related.content_type 
PDB 2G4H . unspecified 
PDB 2G4I . unspecified 
PDB 2G4J . unspecified 
PDB 2G4K . unspecified 
PDB 2G4L . unspecified 
PDB 2G4M . unspecified 
PDB 2G4N . unspecified 
PDB 2G4O . unspecified 
PDB 2G4P . unspecified 
PDB 2G4Q . unspecified 
PDB 2G4R . unspecified 
PDB 2G4S . unspecified 
PDB 2G4T . unspecified 
PDB 2G4U . unspecified 
PDB 2G4V . unspecified 
PDB 2G4W . unspecified 
PDB 2G4X . unspecified 
PDB 2G4Y . unspecified 
PDB 2G4Z . unspecified 
PDB 2G51 . unspecified 
PDB 2G55 . unspecified 
# 
loop_
_audit_author.name 
_audit_author.pdbx_ordinal 
'Mueller-Dieckmann, C.' 1 
'Weiss, M.S.'           2 
# 
_citation.id                        primary 
_citation.title                     
;On the routine use of soft X-rays in macromolecular crystallography. Part IV. Efficient determination of anomalous substructures in biomacromolecules using longer X-ray wavelengths.
;
_citation.journal_abbrev            'Acta Crystallogr.,Sect.D' 
_citation.journal_volume            63 
_citation.page_first                366 
_citation.page_last                 380 
_citation.year                      2007 
_citation.journal_id_ASTM           ABCRE6 
_citation.country                   DK 
_citation.journal_id_ISSN           0907-4449 
_citation.journal_id_CSD            0766 
_citation.book_publisher            ? 
_citation.pdbx_database_id_PubMed   17327674 
_citation.pdbx_database_id_DOI      10.1107/S0907444906055624 
# 
loop_
_citation_author.citation_id 
_citation_author.name 
_citation_author.ordinal 
_citation_author.identifier_ORCID 
primary 'Mueller-Dieckmann, C.' 1  ? 
primary 'Panjikar, S.'          2  ? 
primary 'Schmidt, A.'           3  ? 
primary 'Mueller, S.'           4  ? 
primary 'Kuper, J.'             5  ? 
primary 'Geerlof, A.'           6  ? 
primary 'Wilmanns, M.'          7  ? 
primary 'Singh, R.K.'           8  ? 
primary 'Tucker, P.A.'          9  ? 
primary 'Weiss, M.S.'           10 ? 
# 
loop_
_entity.id 
_entity.type 
_entity.src_method 
_entity.pdbx_description 
_entity.formula_weight 
_entity.pdbx_number_of_molecules 
_entity.pdbx_ec 
_entity.pdbx_mutation 
_entity.pdbx_fragment 
_entity.details 
1 polymer     nat Trypsin       22200.490 1   3.4.21.4 ? ? ? 
2 non-polymer syn 'SULFATE ION' 96.063    2   ?        ? ? ? 
3 water       nat water         18.015    153 ?        ? ? ? 
# 
_entity_poly.entity_id                      1 
_entity_poly.type                           'polypeptide(L)' 
_entity_poly.nstd_linkage                   no 
_entity_poly.nstd_monomer                   no 
_entity_poly.pdbx_seq_one_letter_code       
;IVGGTSASAGDFPFIVSISRNGGPWCGGSLLNANTVLTAAHCVSGYAQSGFQIRAGSLSRTSGGITSSLSSVRVHPSYSG
NNNDLAILKLSTSIPSGGNIGYARLAASGSDPVAGSSATVAGWGATSEGGSSTPVNLLKVTVPIVSRATCRAQYGTSAIT
NQMFCAGVSSGGKDSCQGDSGGPIVDSSNTLIGAVSWGNGCARPNYSGVYASVGALRSFIDTYA
;
_entity_poly.pdbx_seq_one_letter_code_can   
;IVGGTSASAGDFPFIVSISRNGGPWCGGSLLNANTVLTAAHCVSGYAQSGFQIRAGSLSRTSGGITSSLSSVRVHPSYSG
NNNDLAILKLSTSIPSGGNIGYARLAASGSDPVAGSSATVAGWGATSEGGSSTPVNLLKVTVPIVSRATCRAQYGTSAIT
NQMFCAGVSSGGKDSCQGDSGGPIVDSSNTLIGAVSWGNGCARPNYSGVYASVGALRSFIDTYA
;
_entity_poly.pdbx_strand_id                 A 
_entity_poly.pdbx_target_identifier         ? 
# 
loop_
_pdbx_entity_nonpoly.entity_id 
_pdbx_entity_nonpoly.name 
_pdbx_entity_nonpoly.comp_id 
2 'SULFATE ION' SO4 
3 water         HOH 
# 
loop_
_entity_poly_seq.entity_id 
_entity_poly_seq.num 
_entity_poly_seq.mon_id 
_entity_poly_seq.hetero 
1 1   ILE n 
1 2   VAL n 
1 3   GLY n 
1 4   GLY n 
1 5   THR n 
1 6   SER n 
1 7   ALA n 
1 8   SER n 
1 9   ALA n 
1 10  GLY n 
1 11  ASP n 
1 12  PHE n 
1 13  PRO n 
1 14  PHE n 
1 15  ILE n 
1 16  VAL n 
1 17  SER n 
1 18  ILE n 
1 19  SER n 
1 20  ARG n 
1 21  ASN n 
1 22  GLY n 
1 23  GLY n 
1 24  PRO n 
1 25  TRP n 
1 26  CYS n 
1 27  GLY n 
1 28  GLY n 
1 29  SER n 
1 30  LEU n 
1 31  LEU n 
1 32  ASN n 
1 33  ALA n 
1 34  ASN n 
1 35  THR n 
1 36  VAL n 
1 37  LEU n 
1 38  THR n 
1 39  ALA n 
1 40  ALA n 
1 41  HIS n 
1 42  CYS n 
1 43  VAL n 
1 44  SER n 
1 45  GLY n 
1 46  TYR n 
1 47  ALA n 
1 48  GLN n 
1 49  SER n 
1 50  GLY n 
1 51  PHE n 
1 52  GLN n 
1 53  ILE n 
1 54  ARG n 
1 55  ALA n 
1 56  GLY n 
1 57  SER n 
1 58  LEU n 
1 59  SER n 
1 60  ARG n 
1 61  THR n 
1 62  SER n 
1 63  GLY n 
1 64  GLY n 
1 65  ILE n 
1 66  THR n 
1 67  SER n 
1 68  SER n 
1 69  LEU n 
1 70  SER n 
1 71  SER n 
1 72  VAL n 
1 73  ARG n 
1 74  VAL n 
1 75  HIS n 
1 76  PRO n 
1 77  SER n 
1 78  TYR n 
1 79  SER n 
1 80  GLY n 
1 81  ASN n 
1 82  ASN n 
1 83  ASN n 
1 84  ASP n 
1 85  LEU n 
1 86  ALA n 
1 87  ILE n 
1 88  LEU n 
1 89  LYS n 
1 90  LEU n 
1 91  SER n 
1 92  THR n 
1 93  SER n 
1 94  ILE n 
1 95  PRO n 
1 96  SER n 
1 97  GLY n 
1 98  GLY n 
1 99  ASN n 
1 100 ILE n 
1 101 GLY n 
1 102 TYR n 
1 103 ALA n 
1 104 ARG n 
1 105 LEU n 
1 106 ALA n 
1 107 ALA n 
1 108 SER n 
1 109 GLY n 
1 110 SER n 
1 111 ASP n 
1 112 PRO n 
1 113 VAL n 
1 114 ALA n 
1 115 GLY n 
1 116 SER n 
1 117 SER n 
1 118 ALA n 
1 119 THR n 
1 120 VAL n 
1 121 ALA n 
1 122 GLY n 
1 123 TRP n 
1 124 GLY n 
1 125 ALA n 
1 126 THR n 
1 127 SER n 
1 128 GLU n 
1 129 GLY n 
1 130 GLY n 
1 131 SER n 
1 132 SER n 
1 133 THR n 
1 134 PRO n 
1 135 VAL n 
1 136 ASN n 
1 137 LEU n 
1 138 LEU n 
1 139 LYS n 
1 140 VAL n 
1 141 THR n 
1 142 VAL n 
1 143 PRO n 
1 144 ILE n 
1 145 VAL n 
1 146 SER n 
1 147 ARG n 
1 148 ALA n 
1 149 THR n 
1 150 CYS n 
1 151 ARG n 
1 152 ALA n 
1 153 GLN n 
1 154 TYR n 
1 155 GLY n 
1 156 THR n 
1 157 SER n 
1 158 ALA n 
1 159 ILE n 
1 160 THR n 
1 161 ASN n 
1 162 GLN n 
1 163 MET n 
1 164 PHE n 
1 165 CYS n 
1 166 ALA n 
1 167 GLY n 
1 168 VAL n 
1 169 SER n 
1 170 SER n 
1 171 GLY n 
1 172 GLY n 
1 173 LYS n 
1 174 ASP n 
1 175 SER n 
1 176 CYS n 
1 177 GLN n 
1 178 GLY n 
1 179 ASP n 
1 180 SER n 
1 181 GLY n 
1 182 GLY n 
1 183 PRO n 
1 184 ILE n 
1 185 VAL n 
1 186 ASP n 
1 187 SER n 
1 188 SER n 
1 189 ASN n 
1 190 THR n 
1 191 LEU n 
1 192 ILE n 
1 193 GLY n 
1 194 ALA n 
1 195 VAL n 
1 196 SER n 
1 197 TRP n 
1 198 GLY n 
1 199 ASN n 
1 200 GLY n 
1 201 CYS n 
1 202 ALA n 
1 203 ARG n 
1 204 PRO n 
1 205 ASN n 
1 206 TYR n 
1 207 SER n 
1 208 GLY n 
1 209 VAL n 
1 210 TYR n 
1 211 ALA n 
1 212 SER n 
1 213 VAL n 
1 214 GLY n 
1 215 ALA n 
1 216 LEU n 
1 217 ARG n 
1 218 SER n 
1 219 PHE n 
1 220 ILE n 
1 221 ASP n 
1 222 THR n 
1 223 TYR n 
1 224 ALA n 
# 
_entity_src_nat.entity_id                  1 
_entity_src_nat.pdbx_src_id                1 
_entity_src_nat.pdbx_alt_source_flag       sample 
_entity_src_nat.pdbx_beg_seq_num           ? 
_entity_src_nat.pdbx_end_seq_num           ? 
_entity_src_nat.common_name                ? 
_entity_src_nat.pdbx_organism_scientific   'Fusarium oxysporum' 
_entity_src_nat.pdbx_ncbi_taxonomy_id      5507 
_entity_src_nat.genus                      Fusarium 
_entity_src_nat.species                    ? 
_entity_src_nat.strain                     ? 
_entity_src_nat.tissue                     ? 
_entity_src_nat.tissue_fraction            ? 
_entity_src_nat.pdbx_secretion             ? 
_entity_src_nat.pdbx_fragment              ? 
_entity_src_nat.pdbx_variant               ? 
_entity_src_nat.pdbx_cell_line             ? 
_entity_src_nat.pdbx_atcc                  ? 
_entity_src_nat.pdbx_cellular_location     ? 
_entity_src_nat.pdbx_organ                 ? 
_entity_src_nat.pdbx_organelle             ? 
_entity_src_nat.pdbx_cell                  ? 
_entity_src_nat.pdbx_plasmid_name          ? 
_entity_src_nat.pdbx_plasmid_details       ? 
_entity_src_nat.details                    ? 
# 
loop_
_chem_comp.id 
_chem_comp.type 
_chem_comp.mon_nstd_flag 
_chem_comp.name 
_chem_comp.pdbx_synonyms 
_chem_comp.formula 
_chem_comp.formula_weight 
ALA 'L-peptide linking' y ALANINE         ? 'C3 H7 N O2'     89.093  
ARG 'L-peptide linking' y ARGININE        ? 'C6 H15 N4 O2 1' 175.209 
ASN 'L-peptide linking' y ASPARAGINE      ? 'C4 H8 N2 O3'    132.118 
ASP 'L-peptide linking' y 'ASPARTIC ACID' ? 'C4 H7 N O4'     133.103 
CYS 'L-peptide linking' y CYSTEINE        ? 'C3 H7 N O2 S'   121.158 
GLN 'L-peptide linking' y GLUTAMINE       ? 'C5 H10 N2 O3'   146.144 
GLU 'L-peptide linking' y 'GLUTAMIC ACID' ? 'C5 H9 N O4'     147.129 
GLY 'peptide linking'   y GLYCINE         ? 'C2 H5 N O2'     75.067  
HIS 'L-peptide linking' y HISTIDINE       ? 'C6 H10 N3 O2 1' 156.162 
HOH non-polymer         . WATER           ? 'H2 O'           18.015  
ILE 'L-peptide linking' y ISOLEUCINE      ? 'C6 H13 N O2'    131.173 
LEU 'L-peptide linking' y LEUCINE         ? 'C6 H13 N O2'    131.173 
LYS 'L-peptide linking' y LYSINE          ? 'C6 H15 N2 O2 1' 147.195 
MET 'L-peptide linking' y METHIONINE      ? 'C5 H11 N O2 S'  149.211 
PHE 'L-peptide linking' y PHENYLALANINE   ? 'C9 H11 N O2'    165.189 
PRO 'L-peptide linking' y PROLINE         ? 'C5 H9 N O2'     115.130 
SER 'L-peptide linking' y SERINE          ? 'C3 H7 N O3'     105.093 
SO4 non-polymer         . 'SULFATE ION'   ? 'O4 S -2'        96.063  
THR 'L-peptide linking' y THREONINE       ? 'C4 H9 N O3'     119.119 
TRP 'L-peptide linking' y TRYPTOPHAN      ? 'C11 H12 N2 O2'  204.225 
TYR 'L-peptide linking' y TYROSINE        ? 'C9 H11 N O3'    181.189 
VAL 'L-peptide linking' y VALINE          ? 'C5 H11 N O2'    117.146 
# 
loop_
_pdbx_poly_seq_scheme.asym_id 
_pdbx_poly_seq_scheme.entity_id 
_pdbx_poly_seq_scheme.seq_id 
_pdbx_poly_seq_scheme.mon_id 
_pdbx_poly_seq_scheme.ndb_seq_num 
_pdbx_poly_seq_scheme.pdb_seq_num 
_pdbx_poly_seq_scheme.auth_seq_num 
_pdbx_poly_seq_scheme.pdb_mon_id 
_pdbx_poly_seq_scheme.auth_mon_id 
_pdbx_poly_seq_scheme.pdb_strand_id 
_pdbx_poly_seq_scheme.pdb_ins_code 
_pdbx_poly_seq_scheme.hetero 
A 1 1   ILE 1   16  16  ILE ILE A . n 
A 1 2   VAL 2   17  17  VAL VAL A . n 
A 1 3   GLY 3   18  18  GLY GLY A . n 
A 1 4   GLY 4   19  19  GLY GLY A . n 
A 1 5   THR 5   20  20  THR THR A . n 
A 1 6   SER 6   21  21  SER SER A . n 
A 1 7   ALA 7   22  22  ALA ALA A . n 
A 1 8   SER 8   23  23  SER SER A . n 
A 1 9   ALA 9   24  24  ALA ALA A . n 
A 1 10  GLY 10  25  25  GLY GLY A . n 
A 1 11  ASP 11  26  26  ASP ASP A . n 
A 1 12  PHE 12  27  27  PHE PHE A . n 
A 1 13  PRO 13  28  28  PRO PRO A . n 
A 1 14  PHE 14  29  29  PHE PHE A . n 
A 1 15  ILE 15  30  30  ILE ILE A . n 
A 1 16  VAL 16  31  31  VAL VAL A . n 
A 1 17  SER 17  32  32  SER SER A . n 
A 1 18  ILE 18  33  33  ILE ILE A . n 
A 1 19  SER 19  34  34  SER SER A . n 
A 1 20  ARG 20  35  35  ARG ARG A . n 
A 1 21  ASN 21  36  36  ASN ASN A . n 
A 1 22  GLY 22  37  37  GLY GLY A . n 
A 1 23  GLY 23  38  38  GLY GLY A . n 
A 1 24  PRO 24  39  39  PRO PRO A . n 
A 1 25  TRP 25  40  40  TRP TRP A . n 
A 1 26  CYS 26  41  41  CYS CYS A . n 
A 1 27  GLY 27  42  42  GLY GLY A . n 
A 1 28  GLY 28  43  43  GLY GLY A . n 
A 1 29  SER 29  44  44  SER SER A . n 
A 1 30  LEU 30  45  45  LEU LEU A . n 
A 1 31  LEU 31  46  46  LEU LEU A . n 
A 1 32  ASN 32  47  47  ASN ASN A . n 
A 1 33  ALA 33  48  48  ALA ALA A . n 
A 1 34  ASN 34  49  49  ASN ASN A . n 
A 1 35  THR 35  50  50  THR THR A . n 
A 1 36  VAL 36  51  51  VAL VAL A . n 
A 1 37  LEU 37  52  52  LEU LEU A . n 
A 1 38  THR 38  53  53  THR THR A . n 
A 1 39  ALA 39  54  54  ALA ALA A . n 
A 1 40  ALA 40  55  55  ALA ALA A . n 
A 1 41  HIS 41  56  56  HIS HIS A . n 
A 1 42  CYS 42  57  57  CYS CYS A . n 
A 1 43  VAL 43  58  58  VAL VAL A . n 
A 1 44  SER 44  59  59  SER SER A . n 
A 1 45  GLY 45  60  60  GLY GLY A . n 
A 1 46  TYR 46  61  61  TYR TYR A . n 
A 1 47  ALA 47  62  62  ALA ALA A . n 
A 1 48  GLN 48  63  63  GLN GLN A . n 
A 1 49  SER 49  64  64  SER SER A . n 
A 1 50  GLY 50  65  65  GLY GLY A . n 
A 1 51  PHE 51  66  66  PHE PHE A . n 
A 1 52  GLN 52  67  67  GLN GLN A . n 
A 1 53  ILE 53  68  68  ILE ILE A . n 
A 1 54  ARG 54  69  69  ARG ARG A . n 
A 1 55  ALA 55  70  70  ALA ALA A . n 
A 1 56  GLY 56  71  71  GLY GLY A . n 
A 1 57  SER 57  72  72  SER SER A . n 
A 1 58  LEU 58  73  73  LEU LEU A . n 
A 1 59  SER 59  74  74  SER SER A . n 
A 1 60  ARG 60  75  75  ARG ARG A . n 
A 1 61  THR 61  76  76  THR THR A . n 
A 1 62  SER 62  77  77  SER SER A . n 
A 1 63  GLY 63  78  78  GLY GLY A . n 
A 1 64  GLY 64  79  79  GLY GLY A . n 
A 1 65  ILE 65  80  80  ILE ILE A . n 
A 1 66  THR 66  81  81  THR THR A . n 
A 1 67  SER 67  82  82  SER SER A . n 
A 1 68  SER 68  83  83  SER SER A . n 
A 1 69  LEU 69  84  84  LEU LEU A . n 
A 1 70  SER 70  85  85  SER SER A . n 
A 1 71  SER 71  86  86  SER SER A . n 
A 1 72  VAL 72  87  87  VAL VAL A . n 
A 1 73  ARG 73  88  88  ARG ALA A . n 
A 1 74  VAL 74  89  89  VAL VAL A . n 
A 1 75  HIS 75  90  90  HIS HIS A . n 
A 1 76  PRO 76  91  91  PRO PRO A . n 
A 1 77  SER 77  92  92  SER SER A . n 
A 1 78  TYR 78  93  93  TYR TYR A . n 
A 1 79  SER 79  94  94  SER SER A . n 
A 1 80  GLY 80  95  95  GLY GLY A . n 
A 1 81  ASN 81  96  96  ASN ASN A . n 
A 1 82  ASN 82  97  97  ASN ASN A . n 
A 1 83  ASN 83  98  98  ASN ASN A . n 
A 1 84  ASP 84  99  99  ASP ASP A . n 
A 1 85  LEU 85  100 100 LEU LEU A . n 
A 1 86  ALA 86  101 101 ALA ALA A . n 
A 1 87  ILE 87  102 102 ILE ILE A . n 
A 1 88  LEU 88  103 103 LEU LEU A . n 
A 1 89  LYS 89  104 104 LYS LYS A . n 
A 1 90  LEU 90  105 105 LEU LEU A . n 
A 1 91  SER 91  106 106 SER SER A . n 
A 1 92  THR 92  107 107 THR THR A . n 
A 1 93  SER 93  108 108 SER SER A . n 
A 1 94  ILE 94  109 109 ILE ILE A . n 
A 1 95  PRO 95  110 110 PRO PRO A . n 
A 1 96  SER 96  111 111 SER SER A . n 
A 1 97  GLY 97  112 112 GLY GLY A . n 
A 1 98  GLY 98  113 113 GLY GLY A . n 
A 1 99  ASN 99  114 114 ASN ASN A . n 
A 1 100 ILE 100 115 115 ILE ILE A . n 
A 1 101 GLY 101 116 116 GLY GLY A . n 
A 1 102 TYR 102 117 117 TYR TYR A . n 
A 1 103 ALA 103 118 118 ALA ALA A . n 
A 1 104 ARG 104 119 119 ARG ARG A . n 
A 1 105 LEU 105 120 120 LEU LEU A . n 
A 1 106 ALA 106 121 121 ALA ALA A . n 
A 1 107 ALA 107 122 122 ALA ALA A . n 
A 1 108 SER 108 123 123 SER SER A . n 
A 1 109 GLY 109 124 124 GLY GLY A . n 
A 1 110 SER 110 125 125 SER SER A . n 
A 1 111 ASP 111 126 126 ASP ASP A . n 
A 1 112 PRO 112 127 127 PRO PRO A . n 
A 1 113 VAL 113 128 128 VAL VAL A . n 
A 1 114 ALA 114 129 129 ALA ALA A . n 
A 1 115 GLY 115 130 130 GLY GLY A . n 
A 1 116 SER 116 131 131 SER SER A . n 
A 1 117 SER 117 132 132 SER SER A . n 
A 1 118 ALA 118 133 133 ALA ALA A . n 
A 1 119 THR 119 134 134 THR THR A . n 
A 1 120 VAL 120 135 135 VAL VAL A . n 
A 1 121 ALA 121 136 136 ALA ALA A . n 
A 1 122 GLY 122 137 137 GLY GLY A . n 
A 1 123 TRP 123 138 138 TRP TRP A . n 
A 1 124 GLY 124 139 139 GLY GLY A . n 
A 1 125 ALA 125 140 140 ALA ALA A . n 
A 1 126 THR 126 141 141 THR THR A . n 
A 1 127 SER 127 142 142 SER SER A . n 
A 1 128 GLU 128 143 143 GLU GLU A . n 
A 1 129 GLY 129 144 144 GLY GLY A . n 
A 1 130 GLY 130 145 145 GLY GLY A . n 
A 1 131 SER 131 146 146 SER SER A . n 
A 1 132 SER 132 147 147 SER SER A . n 
A 1 133 THR 133 148 148 THR THR A . n 
A 1 134 PRO 134 149 149 PRO PRO A . n 
A 1 135 VAL 135 150 150 VAL VAL A . n 
A 1 136 ASN 136 151 151 ASN ASN A . n 
A 1 137 LEU 137 152 152 LEU LEU A . n 
A 1 138 LEU 138 153 153 LEU LEU A . n 
A 1 139 LYS 139 154 154 LYS LYS A . n 
A 1 140 VAL 140 155 155 VAL VAL A . n 
A 1 141 THR 141 156 156 THR THR A . n 
A 1 142 VAL 142 157 157 VAL VAL A . n 
A 1 143 PRO 143 158 158 PRO PRO A . n 
A 1 144 ILE 144 159 159 ILE ILE A . n 
A 1 145 VAL 145 160 160 VAL VAL A . n 
A 1 146 SER 146 161 161 SER SER A . n 
A 1 147 ARG 147 162 162 ARG ARG A . n 
A 1 148 ALA 148 163 163 ALA ALA A . n 
A 1 149 THR 149 164 164 THR THR A . n 
A 1 150 CYS 150 165 165 CYS CYS A . n 
A 1 151 ARG 151 166 166 ARG ARG A . n 
A 1 152 ALA 152 167 167 ALA ALA A . n 
A 1 153 GLN 153 168 168 GLN GLN A . n 
A 1 154 TYR 154 169 169 TYR TYR A . n 
A 1 155 GLY 155 170 170 GLY GLY A . n 
A 1 156 THR 156 171 171 THR THR A . n 
A 1 157 SER 157 172 172 SER SER A . n 
A 1 158 ALA 158 173 173 ALA ALA A . n 
A 1 159 ILE 159 174 174 ILE ILE A . n 
A 1 160 THR 160 175 175 THR THR A . n 
A 1 161 ASN 161 176 176 ASN ASN A . n 
A 1 162 GLN 162 177 177 GLN GLN A . n 
A 1 163 MET 163 178 178 MET MET A . n 
A 1 164 PHE 164 179 179 PHE PHE A . n 
A 1 165 CYS 165 180 180 CYS CYS A . n 
A 1 166 ALA 166 181 181 ALA ALA A . n 
A 1 167 GLY 167 182 182 GLY GLY A . n 
A 1 168 VAL 168 183 183 VAL VAL A . n 
A 1 169 SER 169 184 184 SER SER A . n 
A 1 170 SER 170 185 185 SER SER A . n 
A 1 171 GLY 171 186 186 GLY GLY A . n 
A 1 172 GLY 172 187 187 GLY GLY A . n 
A 1 173 LYS 173 188 188 LYS LYS A . n 
A 1 174 ASP 174 189 189 ASP ASP A . n 
A 1 175 SER 175 190 190 SER SER A . n 
A 1 176 CYS 176 191 191 CYS CYS A . n 
A 1 177 GLN 177 192 192 GLN GLN A . n 
A 1 178 GLY 178 193 193 GLY GLY A . n 
A 1 179 ASP 179 194 194 ASP ASP A . n 
A 1 180 SER 180 195 195 SER SER A . n 
A 1 181 GLY 181 196 196 GLY GLY A . n 
A 1 182 GLY 182 197 197 GLY GLY A . n 
A 1 183 PRO 183 198 198 PRO PRO A . n 
A 1 184 ILE 184 199 199 ILE ILE A . n 
A 1 185 VAL 185 200 200 VAL VAL A . n 
A 1 186 ASP 186 201 201 ASP ASP A . n 
A 1 187 SER 187 202 202 SER SER A . n 
A 1 188 SER 188 203 203 SER SER A . n 
A 1 189 ASN 189 204 204 ASN ASN A . n 
A 1 190 THR 190 205 205 THR THR A . n 
A 1 191 LEU 191 206 206 LEU LEU A . n 
A 1 192 ILE 192 207 207 ILE ILE A . n 
A 1 193 GLY 193 208 208 GLY GLY A . n 
A 1 194 ALA 194 209 209 ALA ALA A . n 
A 1 195 VAL 195 210 210 VAL VAL A . n 
A 1 196 SER 196 211 211 SER SER A . n 
A 1 197 TRP 197 212 212 TRP TRP A . n 
A 1 198 GLY 198 213 213 GLY GLY A . n 
A 1 199 ASN 199 214 214 ASN ASN A . n 
A 1 200 GLY 200 215 215 GLY GLY A . n 
A 1 201 CYS 201 216 216 CYS CYS A . n 
A 1 202 ALA 202 217 217 ALA ALA A . n 
A 1 203 ARG 203 218 218 ARG ARG A . n 
A 1 204 PRO 204 219 219 PRO PRO A . n 
A 1 205 ASN 205 220 220 ASN ASN A . n 
A 1 206 TYR 206 221 221 TYR TYR A . n 
A 1 207 SER 207 222 222 SER SER A . n 
A 1 208 GLY 208 223 223 GLY GLY A . n 
A 1 209 VAL 209 224 224 VAL VAL A . n 
A 1 210 TYR 210 225 225 TYR TYR A . n 
A 1 211 ALA 211 226 226 ALA ALA A . n 
A 1 212 SER 212 227 227 SER SER A . n 
A 1 213 VAL 213 228 228 VAL VAL A . n 
A 1 214 GLY 214 229 229 GLY GLY A . n 
A 1 215 ALA 215 230 230 ALA ALA A . n 
A 1 216 LEU 216 231 231 LEU LEU A . n 
A 1 217 ARG 217 232 232 ARG ARG A . n 
A 1 218 SER 218 233 233 SER SER A . n 
A 1 219 PHE 219 234 234 PHE PHE A . n 
A 1 220 ILE 220 235 235 ILE ILE A . n 
A 1 221 ASP 221 236 236 ASP ASP A . n 
A 1 222 THR 222 237 237 THR THR A . n 
A 1 223 TYR 223 238 238 TYR TYR A . n 
A 1 224 ALA 224 239 239 ALA ALA A . n 
# 
loop_
_pdbx_nonpoly_scheme.asym_id 
_pdbx_nonpoly_scheme.entity_id 
_pdbx_nonpoly_scheme.mon_id 
_pdbx_nonpoly_scheme.ndb_seq_num 
_pdbx_nonpoly_scheme.pdb_seq_num 
_pdbx_nonpoly_scheme.auth_seq_num 
_pdbx_nonpoly_scheme.pdb_mon_id 
_pdbx_nonpoly_scheme.auth_mon_id 
_pdbx_nonpoly_scheme.pdb_strand_id 
_pdbx_nonpoly_scheme.pdb_ins_code 
B 2 SO4 1   240 1   SO4 SUL A . 
C 2 SO4 1   241 2   SO4 SUL A . 
D 3 HOH 1   242 1   HOH HOH A . 
D 3 HOH 2   243 2   HOH HOH A . 
D 3 HOH 3   244 3   HOH HOH A . 
D 3 HOH 4   245 4   HOH HOH A . 
D 3 HOH 5   246 5   HOH HOH A . 
D 3 HOH 6   247 6   HOH HOH A . 
D 3 HOH 7   248 7   HOH HOH A . 
D 3 HOH 8   249 8   HOH HOH A . 
D 3 HOH 9   250 9   HOH HOH A . 
D 3 HOH 10  251 10  HOH HOH A . 
D 3 HOH 11  252 11  HOH HOH A . 
D 3 HOH 12  253 12  HOH HOH A . 
D 3 HOH 13  254 13  HOH HOH A . 
D 3 HOH 14  255 14  HOH HOH A . 
D 3 HOH 15  256 15  HOH HOH A . 
D 3 HOH 16  257 16  HOH HOH A . 
D 3 HOH 17  258 17  HOH HOH A . 
D 3 HOH 18  259 18  HOH HOH A . 
D 3 HOH 19  260 19  HOH HOH A . 
D 3 HOH 20  261 20  HOH HOH A . 
D 3 HOH 21  262 21  HOH HOH A . 
D 3 HOH 22  263 22  HOH HOH A . 
D 3 HOH 23  264 23  HOH HOH A . 
D 3 HOH 24  265 24  HOH HOH A . 
D 3 HOH 25  266 25  HOH HOH A . 
D 3 HOH 26  267 26  HOH HOH A . 
D 3 HOH 27  268 27  HOH HOH A . 
D 3 HOH 28  269 28  HOH HOH A . 
D 3 HOH 29  270 29  HOH HOH A . 
D 3 HOH 30  271 30  HOH HOH A . 
D 3 HOH 31  272 31  HOH HOH A . 
D 3 HOH 32  273 32  HOH HOH A . 
D 3 HOH 33  274 33  HOH HOH A . 
D 3 HOH 34  275 34  HOH HOH A . 
D 3 HOH 35  276 35  HOH HOH A . 
D 3 HOH 36  277 36  HOH HOH A . 
D 3 HOH 37  278 37  HOH HOH A . 
D 3 HOH 38  279 38  HOH HOH A . 
D 3 HOH 39  280 39  HOH HOH A . 
D 3 HOH 40  281 40  HOH HOH A . 
D 3 HOH 41  282 41  HOH HOH A . 
D 3 HOH 42  283 42  HOH HOH A . 
D 3 HOH 43  284 43  HOH HOH A . 
D 3 HOH 44  285 44  HOH HOH A . 
D 3 HOH 45  286 45  HOH HOH A . 
D 3 HOH 46  287 46  HOH HOH A . 
D 3 HOH 47  288 47  HOH HOH A . 
D 3 HOH 48  289 48  HOH HOH A . 
D 3 HOH 49  290 49  HOH HOH A . 
D 3 HOH 50  291 50  HOH HOH A . 
D 3 HOH 51  292 51  HOH HOH A . 
D 3 HOH 52  293 52  HOH HOH A . 
D 3 HOH 53  294 53  HOH HOH A . 
D 3 HOH 54  295 54  HOH HOH A . 
D 3 HOH 55  296 55  HOH HOH A . 
D 3 HOH 56  297 56  HOH HOH A . 
D 3 HOH 57  298 57  HOH HOH A . 
D 3 HOH 58  299 58  HOH HOH A . 
D 3 HOH 59  300 59  HOH HOH A . 
D 3 HOH 60  301 60  HOH HOH A . 
D 3 HOH 61  302 61  HOH HOH A . 
D 3 HOH 62  303 62  HOH HOH A . 
D 3 HOH 63  304 63  HOH HOH A . 
D 3 HOH 64  305 64  HOH HOH A . 
D 3 HOH 65  306 65  HOH HOH A . 
D 3 HOH 66  307 66  HOH HOH A . 
D 3 HOH 67  308 67  HOH HOH A . 
D 3 HOH 68  309 68  HOH HOH A . 
D 3 HOH 69  310 69  HOH HOH A . 
D 3 HOH 70  311 70  HOH HOH A . 
D 3 HOH 71  312 71  HOH HOH A . 
D 3 HOH 72  313 72  HOH HOH A . 
D 3 HOH 73  314 73  HOH HOH A . 
D 3 HOH 74  315 74  HOH HOH A . 
D 3 HOH 75  316 75  HOH HOH A . 
D 3 HOH 76  317 76  HOH HOH A . 
D 3 HOH 77  318 77  HOH HOH A . 
D 3 HOH 78  319 78  HOH HOH A . 
D 3 HOH 79  320 79  HOH HOH A . 
D 3 HOH 80  321 80  HOH HOH A . 
D 3 HOH 81  322 81  HOH HOH A . 
D 3 HOH 82  323 82  HOH HOH A . 
D 3 HOH 83  324 83  HOH HOH A . 
D 3 HOH 84  325 84  HOH HOH A . 
D 3 HOH 85  326 85  HOH HOH A . 
D 3 HOH 86  327 86  HOH HOH A . 
D 3 HOH 87  328 87  HOH HOH A . 
D 3 HOH 88  329 88  HOH HOH A . 
D 3 HOH 89  330 89  HOH HOH A . 
D 3 HOH 90  331 90  HOH HOH A . 
D 3 HOH 91  332 91  HOH HOH A . 
D 3 HOH 92  333 92  HOH HOH A . 
D 3 HOH 93  334 93  HOH HOH A . 
D 3 HOH 94  335 94  HOH HOH A . 
D 3 HOH 95  336 95  HOH HOH A . 
D 3 HOH 96  337 96  HOH HOH A . 
D 3 HOH 97  338 97  HOH HOH A . 
D 3 HOH 98  339 98  HOH HOH A . 
D 3 HOH 99  340 99  HOH HOH A . 
D 3 HOH 100 341 100 HOH HOH A . 
D 3 HOH 101 342 101 HOH HOH A . 
D 3 HOH 102 343 102 HOH HOH A . 
D 3 HOH 103 344 103 HOH HOH A . 
D 3 HOH 104 345 104 HOH HOH A . 
D 3 HOH 105 346 105 HOH HOH A . 
D 3 HOH 106 347 106 HOH HOH A . 
D 3 HOH 107 348 107 HOH HOH A . 
D 3 HOH 108 349 108 HOH HOH A . 
D 3 HOH 109 350 109 HOH HOH A . 
D 3 HOH 110 351 110 HOH HOH A . 
D 3 HOH 111 352 111 HOH HOH A . 
D 3 HOH 112 353 112 HOH HOH A . 
D 3 HOH 113 354 113 HOH HOH A . 
D 3 HOH 114 355 114 HOH HOH A . 
D 3 HOH 115 356 115 HOH HOH A . 
D 3 HOH 116 357 116 HOH HOH A . 
D 3 HOH 117 358 117 HOH HOH A . 
D 3 HOH 118 359 118 HOH HOH A . 
D 3 HOH 119 360 119 HOH HOH A . 
D 3 HOH 120 361 120 HOH HOH A . 
D 3 HOH 121 362 121 HOH HOH A . 
D 3 HOH 122 363 122 HOH HOH A . 
D 3 HOH 123 364 123 HOH HOH A . 
D 3 HOH 124 365 124 HOH HOH A . 
D 3 HOH 125 366 125 HOH HOH A . 
D 3 HOH 126 367 126 HOH HOH A . 
D 3 HOH 127 368 127 HOH HOH A . 
D 3 HOH 128 369 128 HOH HOH A . 
D 3 HOH 129 370 129 HOH HOH A . 
D 3 HOH 130 371 130 HOH HOH A . 
D 3 HOH 131 372 131 HOH HOH A . 
D 3 HOH 132 373 132 HOH HOH A . 
D 3 HOH 133 374 133 HOH HOH A . 
D 3 HOH 134 375 134 HOH HOH A . 
D 3 HOH 135 376 135 HOH HOH A . 
D 3 HOH 136 377 136 HOH HOH A . 
D 3 HOH 137 378 137 HOH HOH A . 
D 3 HOH 138 379 138 HOH HOH A . 
D 3 HOH 139 380 139 HOH HOH A . 
D 3 HOH 140 381 140 HOH HOH A . 
D 3 HOH 141 382 141 HOH HOH A . 
D 3 HOH 142 383 142 HOH HOH A . 
D 3 HOH 143 384 143 HOH HOH A . 
D 3 HOH 144 385 144 HOH HOH A . 
D 3 HOH 145 386 145 HOH HOH A . 
D 3 HOH 146 387 146 HOH HOH A . 
D 3 HOH 147 388 147 HOH HOH A . 
D 3 HOH 148 389 148 HOH HOH A . 
D 3 HOH 149 390 149 HOH HOH A . 
D 3 HOH 150 391 150 HOH HOH A . 
D 3 HOH 151 392 151 HOH HOH A . 
D 3 HOH 152 393 152 HOH HOH A . 
D 3 HOH 153 394 153 HOH HOH A . 
# 
loop_
_pdbx_unobs_or_zero_occ_atoms.id 
_pdbx_unobs_or_zero_occ_atoms.PDB_model_num 
_pdbx_unobs_or_zero_occ_atoms.polymer_flag 
_pdbx_unobs_or_zero_occ_atoms.occupancy_flag 
_pdbx_unobs_or_zero_occ_atoms.auth_asym_id 
_pdbx_unobs_or_zero_occ_atoms.auth_comp_id 
_pdbx_unobs_or_zero_occ_atoms.auth_seq_id 
_pdbx_unobs_or_zero_occ_atoms.PDB_ins_code 
_pdbx_unobs_or_zero_occ_atoms.auth_atom_id 
_pdbx_unobs_or_zero_occ_atoms.label_alt_id 
_pdbx_unobs_or_zero_occ_atoms.label_asym_id 
_pdbx_unobs_or_zero_occ_atoms.label_comp_id 
_pdbx_unobs_or_zero_occ_atoms.label_seq_id 
_pdbx_unobs_or_zero_occ_atoms.label_atom_id 
1 1 Y 1 A ARG 88 ? CG  ? A ARG 73 CG  
2 1 Y 1 A ARG 88 ? CD  ? A ARG 73 CD  
3 1 Y 1 A ARG 88 ? NE  ? A ARG 73 NE  
4 1 Y 1 A ARG 88 ? CZ  ? A ARG 73 CZ  
5 1 Y 1 A ARG 88 ? NH1 ? A ARG 73 NH1 
6 1 Y 1 A ARG 88 ? NH2 ? A ARG 73 NH2 
# 
loop_
_software.name 
_software.classification 
_software.version 
_software.citation_id 
_software.pdbx_ordinal 
REFMAC refinement       5.2.0005  ? 1 
DENZO  'data reduction' .         ? 2 
CCP4   'data scaling'   '(SCALA)' ? 3 
FFT    phasing          .         ? 4 
# 
_cell.entry_id           2G52 
_cell.length_a           33.100 
_cell.length_b           66.690 
_cell.length_c           39.250 
_cell.angle_alpha        90.00 
_cell.angle_beta         108.23 
_cell.angle_gamma        90.00 
_cell.Z_PDB              2 
_cell.pdbx_unique_axis   ? 
_cell.length_a_esd       ? 
_cell.length_b_esd       ? 
_cell.length_c_esd       ? 
_cell.angle_alpha_esd    ? 
_cell.angle_beta_esd     ? 
_cell.angle_gamma_esd    ? 
# 
_symmetry.entry_id                         2G52 
_symmetry.space_group_name_H-M             'P 1 21 1' 
_symmetry.pdbx_full_space_group_name_H-M   ? 
_symmetry.cell_setting                     ? 
_symmetry.Int_Tables_number                4 
_symmetry.space_group_name_Hall            ? 
# 
_exptl.entry_id          2G52 
_exptl.method            'X-RAY DIFFRACTION' 
_exptl.crystals_number   1 
# 
_exptl_crystal.id                    1 
_exptl_crystal.density_meas          ? 
_exptl_crystal.density_Matthews      1.85 
_exptl_crystal.density_percent_sol   33.61 
_exptl_crystal.description           ? 
_exptl_crystal.F_000                 ? 
_exptl_crystal.preparation           ? 
# 
_diffrn.id                     1 
_diffrn.ambient_temp           100 
_diffrn.ambient_temp_details   ? 
_diffrn.crystal_id             1 
# 
_diffrn_detector.diffrn_id              1 
_diffrn_detector.detector               CCD 
_diffrn_detector.type                   MARRESEARCH 
_diffrn_detector.pdbx_collection_date   2005-01-01 
_diffrn_detector.details                ? 
# 
_diffrn_radiation.diffrn_id                        1 
_diffrn_radiation.wavelength_id                    1 
_diffrn_radiation.pdbx_monochromatic_or_laue_m_l   M 
_diffrn_radiation.monochromator                    ? 
_diffrn_radiation.pdbx_diffrn_protocol             'SINGLE WAVELENGTH' 
_diffrn_radiation.pdbx_scattering_type             x-ray 
# 
_diffrn_radiation_wavelength.id           1 
_diffrn_radiation_wavelength.wavelength   2.00 
_diffrn_radiation_wavelength.wt           1.0 
# 
_diffrn_source.diffrn_id                   1 
_diffrn_source.source                      SYNCHROTRON 
_diffrn_source.type                        'EMBL/DESY, HAMBURG BEAMLINE X12' 
_diffrn_source.pdbx_synchrotron_site       'EMBL/DESY, HAMBURG' 
_diffrn_source.pdbx_synchrotron_beamline   X12 
_diffrn_source.pdbx_wavelength             ? 
_diffrn_source.pdbx_wavelength_list        2.00 
# 
_reflns.entry_id                     2G52 
_reflns.observed_criterion_sigma_I   0 
_reflns.observed_criterion_sigma_F   0 
_reflns.d_resolution_low             30 
_reflns.d_resolution_high            1.84 
_reflns.number_obs                   12996 
_reflns.number_all                   ? 
_reflns.percent_possible_obs         ? 
_reflns.pdbx_Rmerge_I_obs            ? 
_reflns.pdbx_Rsym_value              ? 
_reflns.pdbx_netI_over_sigmaI        ? 
_reflns.B_iso_Wilson_estimate        ? 
_reflns.pdbx_redundancy              ? 
_reflns.R_free_details               ? 
_reflns.limit_h_max                  ? 
_reflns.limit_h_min                  ? 
_reflns.limit_k_max                  ? 
_reflns.limit_k_min                  ? 
_reflns.limit_l_max                  ? 
_reflns.limit_l_min                  ? 
_reflns.observed_criterion_F_max     ? 
_reflns.observed_criterion_F_min     ? 
_reflns.pdbx_chi_squared             ? 
_reflns.pdbx_scaling_rejects         ? 
_reflns.pdbx_ordinal                 1 
_reflns.pdbx_diffrn_id               1 
# 
_refine.entry_id                                 2G52 
_refine.ls_number_reflns_obs                     12729 
_refine.ls_number_reflns_all                     ? 
_refine.pdbx_ls_sigma_I                          ? 
_refine.pdbx_ls_sigma_F                          ? 
_refine.pdbx_data_cutoff_high_absF               ? 
_refine.pdbx_data_cutoff_low_absF                ? 
_refine.pdbx_data_cutoff_high_rms_absF           ? 
_refine.ls_d_res_low                             30.00 
_refine.ls_d_res_high                            1.84 
_refine.ls_percent_reflns_obs                    92.16 
_refine.ls_R_factor_obs                          0.15673 
_refine.ls_R_factor_all                          ? 
_refine.ls_R_factor_R_work                       0.1554 
_refine.ls_R_factor_R_free                       0.22464 
_refine.ls_R_factor_R_free_error                 ? 
_refine.ls_R_factor_R_free_error_details         ? 
_refine.ls_percent_reflns_R_free                 2.1 
_refine.ls_number_reflns_R_free                  267 
_refine.ls_number_parameters                     ? 
_refine.ls_number_restraints                     ? 
_refine.occupancy_min                            ? 
_refine.occupancy_max                            ? 
_refine.correlation_coeff_Fo_to_Fc               0.972 
_refine.correlation_coeff_Fo_to_Fc_free          0.924 
_refine.B_iso_mean                               23.832 
_refine.aniso_B[1][1]                            0.64 
_refine.aniso_B[2][2]                            -0.39 
_refine.aniso_B[3][3]                            0.50 
_refine.aniso_B[1][2]                            0.00 
_refine.aniso_B[1][3]                            1.20 
_refine.aniso_B[2][3]                            0.00 
_refine.solvent_model_details                    'BABINET MODEL WITH MASK' 
_refine.solvent_model_param_ksol                 ? 
_refine.solvent_model_param_bsol                 ? 
_refine.pdbx_solvent_vdw_probe_radii             1.40 
_refine.pdbx_solvent_ion_probe_radii             0.80 
_refine.pdbx_solvent_shrinkage_radii             0.80 
_refine.pdbx_ls_cross_valid_method               THROUGHOUT 
_refine.details                                  'HYDROGENS HAVE BEEN ADDED IN THE RIDING POSITIONS' 
_refine.pdbx_starting_model                      ? 
_refine.pdbx_method_to_determine_struct          'FOURIER SYNTHESIS' 
_refine.pdbx_isotropic_thermal_model             ? 
_refine.pdbx_stereochemistry_target_values       'MAXIMUM LIKELIHOOD' 
_refine.pdbx_stereochem_target_val_spec_case     ? 
_refine.pdbx_R_Free_selection_details            RANDOM 
_refine.pdbx_overall_ESU_R                       0.160 
_refine.pdbx_overall_ESU_R_Free                  0.157 
_refine.overall_SU_ML                            0.115 
_refine.overall_SU_B                             7.418 
_refine.ls_redundancy_reflns_obs                 ? 
_refine.B_iso_min                                ? 
_refine.B_iso_max                                ? 
_refine.overall_SU_R_Cruickshank_DPI             ? 
_refine.overall_SU_R_free                        ? 
_refine.ls_wR_factor_R_free                      ? 
_refine.ls_wR_factor_R_work                      ? 
_refine.overall_FOM_free_R_set                   ? 
_refine.overall_FOM_work_R_set                   ? 
_refine.pdbx_refine_id                           'X-RAY DIFFRACTION' 
_refine.pdbx_TLS_residual_ADP_flag               'LIKELY RESIDUAL' 
_refine.pdbx_diffrn_id                           1 
_refine.pdbx_overall_phase_error                 ? 
_refine.pdbx_overall_SU_R_free_Cruickshank_DPI   ? 
_refine.pdbx_overall_SU_R_Blow_DPI               ? 
_refine.pdbx_overall_SU_R_free_Blow_DPI          ? 
# 
_refine_hist.pdbx_refine_id                   'X-RAY DIFFRACTION' 
_refine_hist.cycle_id                         LAST 
_refine_hist.pdbx_number_atoms_protein        1551 
_refine_hist.pdbx_number_atoms_nucleic_acid   0 
_refine_hist.pdbx_number_atoms_ligand         10 
_refine_hist.number_atoms_solvent             153 
_refine_hist.number_atoms_total               1714 
_refine_hist.d_res_high                       1.84 
_refine_hist.d_res_low                        30.00 
# 
loop_
_refine_ls_restr.type 
_refine_ls_restr.dev_ideal 
_refine_ls_restr.dev_ideal_target 
_refine_ls_restr.weight 
_refine_ls_restr.number 
_refine_ls_restr.pdbx_refine_id 
_refine_ls_restr.pdbx_restraint_function 
r_bond_refined_d         0.027  0.021  ? 1590 'X-RAY DIFFRACTION' ? 
r_bond_other_d           0.002  0.020  ? 1395 'X-RAY DIFFRACTION' ? 
r_angle_refined_deg      2.154  1.948  ? 2169 'X-RAY DIFFRACTION' ? 
r_angle_other_deg        1.099  3.000  ? 3239 'X-RAY DIFFRACTION' ? 
r_dihedral_angle_1_deg   8.073  5.000  ? 223  'X-RAY DIFFRACTION' ? 
r_dihedral_angle_2_deg   36.007 23.400 ? 50   'X-RAY DIFFRACTION' ? 
r_dihedral_angle_3_deg   11.949 15.000 ? 215  'X-RAY DIFFRACTION' ? 
r_dihedral_angle_4_deg   23.439 15.000 ? 8    'X-RAY DIFFRACTION' ? 
r_chiral_restr           0.138  0.200  ? 248  'X-RAY DIFFRACTION' ? 
r_gen_planes_refined     0.010  0.020  ? 1847 'X-RAY DIFFRACTION' ? 
r_gen_planes_other       0.001  0.020  ? 318  'X-RAY DIFFRACTION' ? 
r_nbd_refined            0.210  0.200  ? 316  'X-RAY DIFFRACTION' ? 
r_nbd_other              0.199  0.200  ? 1392 'X-RAY DIFFRACTION' ? 
r_nbtor_refined          0.170  0.200  ? 756  'X-RAY DIFFRACTION' ? 
r_nbtor_other            0.095  0.200  ? 926  'X-RAY DIFFRACTION' ? 
r_xyhbond_nbd_refined    0.188  0.200  ? 108  'X-RAY DIFFRACTION' ? 
r_symmetry_vdw_refined   0.313  0.200  ? 10   'X-RAY DIFFRACTION' ? 
r_symmetry_vdw_other     0.260  0.200  ? 37   'X-RAY DIFFRACTION' ? 
r_symmetry_hbond_refined 0.234  0.200  ? 10   'X-RAY DIFFRACTION' ? 
r_mcbond_it              1.384  1.500  ? 1350 'X-RAY DIFFRACTION' ? 
r_mcbond_other           0.334  1.500  ? 475  'X-RAY DIFFRACTION' ? 
r_mcangle_it             2.074  2.500  ? 1736 'X-RAY DIFFRACTION' ? 
r_scbond_it              4.224  5.000  ? 582  'X-RAY DIFFRACTION' ? 
r_scangle_it             5.283  10.000 ? 433  'X-RAY DIFFRACTION' ? 
# 
_refine_ls_shell.pdbx_total_number_of_bins_used   20 
_refine_ls_shell.d_res_high                       1.840 
_refine_ls_shell.d_res_low                        1.888 
_refine_ls_shell.number_reflns_R_work             864 
_refine_ls_shell.R_factor_R_work                  0.319 
_refine_ls_shell.percent_reflns_obs               86.22 
_refine_ls_shell.R_factor_R_free                  0.455 
_refine_ls_shell.R_factor_R_free_error            ? 
_refine_ls_shell.percent_reflns_R_free            ? 
_refine_ls_shell.number_reflns_R_free             12 
_refine_ls_shell.number_reflns_all                ? 
_refine_ls_shell.R_factor_all                     ? 
_refine_ls_shell.number_reflns_obs                ? 
_refine_ls_shell.redundancy_reflns_obs            ? 
_refine_ls_shell.pdbx_refine_id                   'X-RAY DIFFRACTION' 
# 
_struct.entry_id                  2G52 
_struct.title                     'Anomalous substructure of trypsin (P21)' 
_struct.pdbx_model_details        ? 
_struct.pdbx_CASP_flag            ? 
_struct.pdbx_model_type_details   ? 
# 
_struct_keywords.entry_id        2G52 
_struct_keywords.pdbx_keywords   HYDROLASE 
_struct_keywords.text            'anomalous substructure of trypsin (p21), HYDROLASE' 
# 
loop_
_struct_asym.id 
_struct_asym.pdbx_blank_PDB_chainid_flag 
_struct_asym.pdbx_modified 
_struct_asym.entity_id 
_struct_asym.details 
A N N 1 ? 
B N N 2 ? 
C N N 2 ? 
D N N 3 ? 
# 
_struct_ref.id                         1 
_struct_ref.db_name                    UNP 
_struct_ref.db_code                    TRYP_FUSOX 
_struct_ref.pdbx_db_accession          P35049 
_struct_ref.entity_id                  1 
_struct_ref.pdbx_seq_one_letter_code   
;IVGGTSASAGDFPFIVSISRNGGPWCGGSLLNANTVLTAAHCVSGYAQSGFQIRAGSLSRTSGGITSSLSSVRVHPSYSG
NNNDLAILKLSTSIPSGGNIGYARLAASGSDPVAGSSATVAGWGATSEGGSSTPVNLLKVTVPIVSRATCRAQYGTSAIT
NQMFCAGVSSGGKDSCQGDSGGPIVDSSNTLIGAVSWGNGCARPNYSGVYASVGALRSFIDTYA
;
_struct_ref.pdbx_align_begin           25 
_struct_ref.pdbx_db_isoform            ? 
# 
_struct_ref_seq.align_id                      1 
_struct_ref_seq.ref_id                        1 
_struct_ref_seq.pdbx_PDB_id_code              2G52 
_struct_ref_seq.pdbx_strand_id                A 
_struct_ref_seq.seq_align_beg                 1 
_struct_ref_seq.pdbx_seq_align_beg_ins_code   ? 
_struct_ref_seq.seq_align_end                 224 
_struct_ref_seq.pdbx_seq_align_end_ins_code   ? 
_struct_ref_seq.pdbx_db_accession             P35049 
_struct_ref_seq.db_align_beg                  25 
_struct_ref_seq.pdbx_db_align_beg_ins_code    ? 
_struct_ref_seq.db_align_end                  248 
_struct_ref_seq.pdbx_db_align_end_ins_code    ? 
_struct_ref_seq.pdbx_auth_seq_align_beg       16 
_struct_ref_seq.pdbx_auth_seq_align_end       239 
# 
_pdbx_struct_assembly.id                   1 
_pdbx_struct_assembly.details              author_defined_assembly 
_pdbx_struct_assembly.method_details       ? 
_pdbx_struct_assembly.oligomeric_details   monomeric 
_pdbx_struct_assembly.oligomeric_count     1 
# 
_pdbx_struct_assembly_gen.assembly_id       1 
_pdbx_struct_assembly_gen.oper_expression   1 
_pdbx_struct_assembly_gen.asym_id_list      A,B,C,D 
# 
_pdbx_struct_oper_list.id                   1 
_pdbx_struct_oper_list.type                 'identity operation' 
_pdbx_struct_oper_list.name                 1_555 
_pdbx_struct_oper_list.symmetry_operation   x,y,z 
_pdbx_struct_oper_list.matrix[1][1]         1.0000000000 
_pdbx_struct_oper_list.matrix[1][2]         0.0000000000 
_pdbx_struct_oper_list.matrix[1][3]         0.0000000000 
_pdbx_struct_oper_list.vector[1]            0.0000000000 
_pdbx_struct_oper_list.matrix[2][1]         0.0000000000 
_pdbx_struct_oper_list.matrix[2][2]         1.0000000000 
_pdbx_struct_oper_list.matrix[2][3]         0.0000000000 
_pdbx_struct_oper_list.vector[2]            0.0000000000 
_pdbx_struct_oper_list.matrix[3][1]         0.0000000000 
_pdbx_struct_oper_list.matrix[3][2]         0.0000000000 
_pdbx_struct_oper_list.matrix[3][3]         1.0000000000 
_pdbx_struct_oper_list.vector[3]            0.0000000000 
# 
_struct_biol.id   1 
# 
loop_
_struct_conf.conf_type_id 
_struct_conf.id 
_struct_conf.pdbx_PDB_helix_id 
_struct_conf.beg_label_comp_id 
_struct_conf.beg_label_asym_id 
_struct_conf.beg_label_seq_id 
_struct_conf.pdbx_beg_PDB_ins_code 
_struct_conf.end_label_comp_id 
_struct_conf.end_label_asym_id 
_struct_conf.end_label_seq_id 
_struct_conf.pdbx_end_PDB_ins_code 
_struct_conf.beg_auth_comp_id 
_struct_conf.beg_auth_asym_id 
_struct_conf.beg_auth_seq_id 
_struct_conf.end_auth_comp_id 
_struct_conf.end_auth_asym_id 
_struct_conf.end_auth_seq_id 
_struct_conf.pdbx_PDB_helix_class 
_struct_conf.details 
_struct_conf.pdbx_PDB_helix_length 
HELX_P HELX_P1 1 ALA A 39  ? SER A 44  ? ALA A 54  SER A 59  1 ? 6  
HELX_P HELX_P2 2 ALA A 47  ? SER A 49  ? ALA A 62  SER A 64  5 ? 3  
HELX_P HELX_P3 3 SER A 146 ? GLY A 155 ? SER A 161 GLY A 170 1 ? 10 
HELX_P HELX_P4 4 LEU A 216 ? ALA A 224 ? LEU A 231 ALA A 239 1 ? 9  
# 
_struct_conf_type.id          HELX_P 
_struct_conf_type.criteria    ? 
_struct_conf_type.reference   ? 
# 
loop_
_struct_conn.id 
_struct_conn.conn_type_id 
_struct_conn.pdbx_leaving_atom_flag 
_struct_conn.pdbx_PDB_id 
_struct_conn.ptnr1_label_asym_id 
_struct_conn.ptnr1_label_comp_id 
_struct_conn.ptnr1_label_seq_id 
_struct_conn.ptnr1_label_atom_id 
_struct_conn.pdbx_ptnr1_label_alt_id 
_struct_conn.pdbx_ptnr1_PDB_ins_code 
_struct_conn.pdbx_ptnr1_standard_comp_id 
_struct_conn.ptnr1_symmetry 
_struct_conn.ptnr2_label_asym_id 
_struct_conn.ptnr2_label_comp_id 
_struct_conn.ptnr2_label_seq_id 
_struct_conn.ptnr2_label_atom_id 
_struct_conn.pdbx_ptnr2_label_alt_id 
_struct_conn.pdbx_ptnr2_PDB_ins_code 
_struct_conn.ptnr1_auth_asym_id 
_struct_conn.ptnr1_auth_comp_id 
_struct_conn.ptnr1_auth_seq_id 
_struct_conn.ptnr2_auth_asym_id 
_struct_conn.ptnr2_auth_comp_id 
_struct_conn.ptnr2_auth_seq_id 
_struct_conn.ptnr2_symmetry 
_struct_conn.pdbx_ptnr3_label_atom_id 
_struct_conn.pdbx_ptnr3_label_seq_id 
_struct_conn.pdbx_ptnr3_label_comp_id 
_struct_conn.pdbx_ptnr3_label_asym_id 
_struct_conn.pdbx_ptnr3_label_alt_id 
_struct_conn.pdbx_ptnr3_PDB_ins_code 
_struct_conn.details 
_struct_conn.pdbx_dist_value 
_struct_conn.pdbx_value_order 
_struct_conn.pdbx_role 
disulf1 disulf ? ? A CYS 26  SG ? ? ? 1_555 A CYS 42  SG ? ? A CYS 41  A CYS 57  1_555 ? ? ? ? ? ? ? 2.049 ? ? 
disulf2 disulf ? ? A CYS 150 SG ? ? ? 1_555 A CYS 165 SG ? ? A CYS 165 A CYS 180 1_555 ? ? ? ? ? ? ? 2.015 ? ? 
disulf3 disulf ? ? A CYS 176 SG ? ? ? 1_555 A CYS 201 SG ? ? A CYS 191 A CYS 216 1_555 ? ? ? ? ? ? ? 2.058 ? ? 
# 
_struct_conn_type.id          disulf 
_struct_conn_type.criteria    ? 
_struct_conn_type.reference   ? 
# 
loop_
_pdbx_modification_feature.ordinal 
_pdbx_modification_feature.label_comp_id 
_pdbx_modification_feature.label_asym_id 
_pdbx_modification_feature.label_seq_id 
_pdbx_modification_feature.label_alt_id 
_pdbx_modification_feature.modified_residue_label_comp_id 
_pdbx_modification_feature.modified_residue_label_asym_id 
_pdbx_modification_feature.modified_residue_label_seq_id 
_pdbx_modification_feature.modified_residue_label_alt_id 
_pdbx_modification_feature.auth_comp_id 
_pdbx_modification_feature.auth_asym_id 
_pdbx_modification_feature.auth_seq_id 
_pdbx_modification_feature.PDB_ins_code 
_pdbx_modification_feature.symmetry 
_pdbx_modification_feature.modified_residue_auth_comp_id 
_pdbx_modification_feature.modified_residue_auth_asym_id 
_pdbx_modification_feature.modified_residue_auth_seq_id 
_pdbx_modification_feature.modified_residue_PDB_ins_code 
_pdbx_modification_feature.modified_residue_symmetry 
_pdbx_modification_feature.comp_id_linking_atom 
_pdbx_modification_feature.modified_residue_id_linking_atom 
_pdbx_modification_feature.modified_residue_id 
_pdbx_modification_feature.ref_pcm_id 
_pdbx_modification_feature.ref_comp_id 
_pdbx_modification_feature.type 
_pdbx_modification_feature.category 
1 CYS A 26  ? CYS A 42  ? CYS A 41  ? 1_555 CYS A 57  ? 1_555 SG SG . . . None 'Disulfide bridge' 
2 CYS A 150 ? CYS A 165 ? CYS A 165 ? 1_555 CYS A 180 ? 1_555 SG SG . . . None 'Disulfide bridge' 
3 CYS A 176 ? CYS A 201 ? CYS A 191 ? 1_555 CYS A 216 ? 1_555 SG SG . . . None 'Disulfide bridge' 
# 
loop_
_struct_sheet.id 
_struct_sheet.type 
_struct_sheet.number_strands 
_struct_sheet.details 
A ? 8 ? 
B ? 7 ? 
# 
loop_
_struct_sheet_order.sheet_id 
_struct_sheet_order.range_id_1 
_struct_sheet_order.range_id_2 
_struct_sheet_order.offset 
_struct_sheet_order.sense 
A 1 2 ? anti-parallel 
A 2 3 ? anti-parallel 
A 3 4 ? anti-parallel 
A 4 5 ? anti-parallel 
A 5 6 ? anti-parallel 
A 6 7 ? anti-parallel 
A 7 8 ? anti-parallel 
B 1 2 ? anti-parallel 
B 2 3 ? anti-parallel 
B 3 4 ? anti-parallel 
B 4 5 ? anti-parallel 
B 5 6 ? anti-parallel 
B 6 7 ? anti-parallel 
# 
loop_
_struct_sheet_range.sheet_id 
_struct_sheet_range.id 
_struct_sheet_range.beg_label_comp_id 
_struct_sheet_range.beg_label_asym_id 
_struct_sheet_range.beg_label_seq_id 
_struct_sheet_range.pdbx_beg_PDB_ins_code 
_struct_sheet_range.end_label_comp_id 
_struct_sheet_range.end_label_asym_id 
_struct_sheet_range.end_label_seq_id 
_struct_sheet_range.pdbx_end_PDB_ins_code 
_struct_sheet_range.beg_auth_comp_id 
_struct_sheet_range.beg_auth_asym_id 
_struct_sheet_range.beg_auth_seq_id 
_struct_sheet_range.end_auth_comp_id 
_struct_sheet_range.end_auth_asym_id 
_struct_sheet_range.end_auth_seq_id 
A 1 THR A 5   ? SER A 6   ? THR A 20  SER A 21  
A 2 LEU A 138 ? VAL A 145 ? LEU A 153 VAL A 160 
A 3 MET A 163 ? ALA A 166 ? MET A 178 ALA A 181 
A 4 GLY A 208 ? SER A 212 ? GLY A 223 SER A 227 
A 5 LEU A 191 ? TRP A 197 ? LEU A 206 TRP A 212 
A 6 PRO A 183 ? VAL A 185 ? PRO A 198 VAL A 200 
A 7 SER A 117 ? GLY A 122 ? SER A 132 GLY A 137 
A 8 LEU A 138 ? VAL A 145 ? LEU A 153 VAL A 160 
B 1 ILE A 15  ? ARG A 20  ? ILE A 30  ARG A 35  
B 2 GLY A 23  ? ASN A 32  ? GLY A 38  ASN A 47  
B 3 THR A 35  ? THR A 38  ? THR A 50  THR A 53  
B 4 ALA A 86  ? LEU A 90  ? ALA A 101 LEU A 105 
B 5 ILE A 65  ? VAL A 74  ? ILE A 80  VAL A 89  
B 6 PHE A 51  ? ALA A 55  ? PHE A 66  ALA A 70  
B 7 ILE A 15  ? ARG A 20  ? ILE A 30  ARG A 35  
# 
loop_
_pdbx_struct_sheet_hbond.sheet_id 
_pdbx_struct_sheet_hbond.range_id_1 
_pdbx_struct_sheet_hbond.range_id_2 
_pdbx_struct_sheet_hbond.range_1_label_atom_id 
_pdbx_struct_sheet_hbond.range_1_label_comp_id 
_pdbx_struct_sheet_hbond.range_1_label_asym_id 
_pdbx_struct_sheet_hbond.range_1_label_seq_id 
_pdbx_struct_sheet_hbond.range_1_PDB_ins_code 
_pdbx_struct_sheet_hbond.range_1_auth_atom_id 
_pdbx_struct_sheet_hbond.range_1_auth_comp_id 
_pdbx_struct_sheet_hbond.range_1_auth_asym_id 
_pdbx_struct_sheet_hbond.range_1_auth_seq_id 
_pdbx_struct_sheet_hbond.range_2_label_atom_id 
_pdbx_struct_sheet_hbond.range_2_label_comp_id 
_pdbx_struct_sheet_hbond.range_2_label_asym_id 
_pdbx_struct_sheet_hbond.range_2_label_seq_id 
_pdbx_struct_sheet_hbond.range_2_PDB_ins_code 
_pdbx_struct_sheet_hbond.range_2_auth_atom_id 
_pdbx_struct_sheet_hbond.range_2_auth_comp_id 
_pdbx_struct_sheet_hbond.range_2_auth_asym_id 
_pdbx_struct_sheet_hbond.range_2_auth_seq_id 
A 1 2 N THR A 5   ? N THR A 20  O LYS A 139 ? O LYS A 154 
A 2 3 N VAL A 145 ? N VAL A 160 O CYS A 165 ? O CYS A 180 
A 3 4 N PHE A 164 ? N PHE A 179 O TYR A 210 ? O TYR A 225 
A 4 5 O ALA A 211 ? O ALA A 226 N ALA A 194 ? N ALA A 209 
A 5 6 O ILE A 192 ? O ILE A 207 N ILE A 184 ? N ILE A 199 
A 6 7 O VAL A 185 ? O VAL A 200 N THR A 119 ? N THR A 134 
A 7 8 N ALA A 118 ? N ALA A 133 O VAL A 142 ? O VAL A 157 
B 1 2 N ILE A 18  ? N ILE A 33  O CYS A 26  ? O CYS A 41  
B 2 3 N SER A 29  ? N SER A 44  O LEU A 37  ? O LEU A 52  
B 3 4 N VAL A 36  ? N VAL A 51  O LEU A 88  ? O LEU A 103 
B 4 5 O ILE A 87  ? O ILE A 102 N ARG A 73  ? N ARG A 88  
B 5 6 O SER A 67  ? O SER A 82  N ILE A 53  ? N ILE A 68  
B 6 7 O GLN A 52  ? O GLN A 67  N SER A 19  ? N SER A 34  
# 
loop_
_struct_site.id 
_struct_site.pdbx_evidence_code 
_struct_site.pdbx_auth_asym_id 
_struct_site.pdbx_auth_comp_id 
_struct_site.pdbx_auth_seq_id 
_struct_site.pdbx_auth_ins_code 
_struct_site.pdbx_num_residues 
_struct_site.details 
AC1 Software A SO4 240 ? 2 'BINDING SITE FOR RESIDUE SO4 A 240' 
AC2 Software A SO4 241 ? 4 'BINDING SITE FOR RESIDUE SO4 A 241' 
# 
loop_
_struct_site_gen.id 
_struct_site_gen.site_id 
_struct_site_gen.pdbx_num_res 
_struct_site_gen.label_comp_id 
_struct_site_gen.label_asym_id 
_struct_site_gen.label_seq_id 
_struct_site_gen.pdbx_auth_ins_code 
_struct_site_gen.auth_comp_id 
_struct_site_gen.auth_asym_id 
_struct_site_gen.auth_seq_id 
_struct_site_gen.label_atom_id 
_struct_site_gen.label_alt_id 
_struct_site_gen.symmetry 
_struct_site_gen.details 
1 AC1 2 ARG A 151 ? ARG A 166 . ? 1_555 ? 
2 AC1 2 ASN A 161 ? ASN A 176 . ? 1_555 ? 
3 AC2 4 VAL A 168 ? VAL A 183 . ? 1_555 ? 
4 AC2 4 SER A 169 ? SER A 184 . ? 1_555 ? 
5 AC2 4 TYR A 223 ? TYR A 238 . ? 1_454 ? 
6 AC2 4 HOH D .   ? HOH A 300 . ? 1_555 ? 
# 
_pdbx_entry_details.entry_id                   2G52 
_pdbx_entry_details.compound_details           ? 
_pdbx_entry_details.source_details             ? 
_pdbx_entry_details.nonpolymer_details         ? 
_pdbx_entry_details.sequence_details           ? 
_pdbx_entry_details.has_ligand_of_interest     ? 
_pdbx_entry_details.has_protein_modification   Y 
# 
loop_
_pdbx_validate_close_contact.id 
_pdbx_validate_close_contact.PDB_model_num 
_pdbx_validate_close_contact.auth_atom_id_1 
_pdbx_validate_close_contact.auth_asym_id_1 
_pdbx_validate_close_contact.auth_comp_id_1 
_pdbx_validate_close_contact.auth_seq_id_1 
_pdbx_validate_close_contact.PDB_ins_code_1 
_pdbx_validate_close_contact.label_alt_id_1 
_pdbx_validate_close_contact.auth_atom_id_2 
_pdbx_validate_close_contact.auth_asym_id_2 
_pdbx_validate_close_contact.auth_comp_id_2 
_pdbx_validate_close_contact.auth_seq_id_2 
_pdbx_validate_close_contact.PDB_ins_code_2 
_pdbx_validate_close_contact.label_alt_id_2 
_pdbx_validate_close_contact.dist 
1 1 O A HOH 259 ? ? O A HOH 274 ? ? 2.12 
2 1 O A PHE 29  ? ? O A HOH 336 ? ? 2.17 
3 1 O A HOH 298 ? ? O A HOH 345 ? ? 2.17 
# 
_pdbx_validate_symm_contact.id                1 
_pdbx_validate_symm_contact.PDB_model_num     1 
_pdbx_validate_symm_contact.auth_atom_id_1    OG 
_pdbx_validate_symm_contact.auth_asym_id_1    A 
_pdbx_validate_symm_contact.auth_comp_id_1    SER 
_pdbx_validate_symm_contact.auth_seq_id_1     94 
_pdbx_validate_symm_contact.PDB_ins_code_1    ? 
_pdbx_validate_symm_contact.label_alt_id_1    ? 
_pdbx_validate_symm_contact.site_symmetry_1   1_555 
_pdbx_validate_symm_contact.auth_atom_id_2    O 
_pdbx_validate_symm_contact.auth_asym_id_2    A 
_pdbx_validate_symm_contact.auth_comp_id_2    HOH 
_pdbx_validate_symm_contact.auth_seq_id_2     297 
_pdbx_validate_symm_contact.PDB_ins_code_2    ? 
_pdbx_validate_symm_contact.label_alt_id_2    ? 
_pdbx_validate_symm_contact.site_symmetry_2   2_646 
_pdbx_validate_symm_contact.dist              2.11 
# 
_pdbx_validate_rmsd_bond.id                        1 
_pdbx_validate_rmsd_bond.PDB_model_num             1 
_pdbx_validate_rmsd_bond.auth_atom_id_1            CB 
_pdbx_validate_rmsd_bond.auth_asym_id_1            A 
_pdbx_validate_rmsd_bond.auth_comp_id_1            ASN 
_pdbx_validate_rmsd_bond.auth_seq_id_1             176 
_pdbx_validate_rmsd_bond.PDB_ins_code_1            ? 
_pdbx_validate_rmsd_bond.label_alt_id_1            ? 
_pdbx_validate_rmsd_bond.auth_atom_id_2            CG 
_pdbx_validate_rmsd_bond.auth_asym_id_2            A 
_pdbx_validate_rmsd_bond.auth_comp_id_2            ASN 
_pdbx_validate_rmsd_bond.auth_seq_id_2             176 
_pdbx_validate_rmsd_bond.PDB_ins_code_2            ? 
_pdbx_validate_rmsd_bond.label_alt_id_2            ? 
_pdbx_validate_rmsd_bond.bond_value                1.696 
_pdbx_validate_rmsd_bond.bond_target_value         1.506 
_pdbx_validate_rmsd_bond.bond_deviation            0.190 
_pdbx_validate_rmsd_bond.bond_standard_deviation   0.023 
_pdbx_validate_rmsd_bond.linker_flag               N 
# 
loop_
_pdbx_validate_rmsd_angle.id 
_pdbx_validate_rmsd_angle.PDB_model_num 
_pdbx_validate_rmsd_angle.auth_atom_id_1 
_pdbx_validate_rmsd_angle.auth_asym_id_1 
_pdbx_validate_rmsd_angle.auth_comp_id_1 
_pdbx_validate_rmsd_angle.auth_seq_id_1 
_pdbx_validate_rmsd_angle.PDB_ins_code_1 
_pdbx_validate_rmsd_angle.label_alt_id_1 
_pdbx_validate_rmsd_angle.auth_atom_id_2 
_pdbx_validate_rmsd_angle.auth_asym_id_2 
_pdbx_validate_rmsd_angle.auth_comp_id_2 
_pdbx_validate_rmsd_angle.auth_seq_id_2 
_pdbx_validate_rmsd_angle.PDB_ins_code_2 
_pdbx_validate_rmsd_angle.label_alt_id_2 
_pdbx_validate_rmsd_angle.auth_atom_id_3 
_pdbx_validate_rmsd_angle.auth_asym_id_3 
_pdbx_validate_rmsd_angle.auth_comp_id_3 
_pdbx_validate_rmsd_angle.auth_seq_id_3 
_pdbx_validate_rmsd_angle.PDB_ins_code_3 
_pdbx_validate_rmsd_angle.label_alt_id_3 
_pdbx_validate_rmsd_angle.angle_value 
_pdbx_validate_rmsd_angle.angle_target_value 
_pdbx_validate_rmsd_angle.angle_deviation 
_pdbx_validate_rmsd_angle.angle_standard_deviation 
_pdbx_validate_rmsd_angle.linker_flag 
1 1 CB A ASP 26  ? ? CG A ASP 26  ? ? OD2 A ASP 26  ? ? 112.50 118.30 -5.80  0.90 N 
2 1 CD A LYS 188 ? ? CE A LYS 188 ? ? NZ  A LYS 188 ? ? 94.95  111.70 -16.75 2.30 N 
3 1 CB A ASP 189 ? ? CG A ASP 189 ? ? OD1 A ASP 189 ? ? 124.99 118.30 6.69   0.90 N 
# 
loop_
_pdbx_validate_torsion.id 
_pdbx_validate_torsion.PDB_model_num 
_pdbx_validate_torsion.auth_comp_id 
_pdbx_validate_torsion.auth_asym_id 
_pdbx_validate_torsion.auth_seq_id 
_pdbx_validate_torsion.PDB_ins_code 
_pdbx_validate_torsion.label_alt_id 
_pdbx_validate_torsion.phi 
_pdbx_validate_torsion.psi 
1 1 TRP A 40  ? ? -149.59 -58.37 
2 1 SER A 94  ? ? -167.92 99.13  
3 1 SER A 211 ? ? -121.18 -68.39 
# 
_pdbx_refine_tls.id               1 
_pdbx_refine_tls.details          ? 
_pdbx_refine_tls.method           refined 
_pdbx_refine_tls.origin_x         0.3660 
_pdbx_refine_tls.origin_y         0.0368 
_pdbx_refine_tls.origin_z         0.0606 
_pdbx_refine_tls.T[1][1]          -0.0781 
_pdbx_refine_tls.T[2][2]          -0.0827 
_pdbx_refine_tls.T[3][3]          -0.1199 
_pdbx_refine_tls.T[1][2]          -0.0057 
_pdbx_refine_tls.T[1][3]          0.0099 
_pdbx_refine_tls.T[2][3]          -0.0078 
_pdbx_refine_tls.L[1][1]          1.3837 
_pdbx_refine_tls.L[2][2]          3.5261 
_pdbx_refine_tls.L[3][3]          1.0432 
_pdbx_refine_tls.L[1][2]          -0.2294 
_pdbx_refine_tls.L[1][3]          0.1257 
_pdbx_refine_tls.L[2][3]          -0.4159 
_pdbx_refine_tls.S[1][1]          0.0424 
_pdbx_refine_tls.S[1][2]          -0.0244 
_pdbx_refine_tls.S[1][3]          -0.0398 
_pdbx_refine_tls.S[2][1]          -0.1115 
_pdbx_refine_tls.S[2][2]          -0.0160 
_pdbx_refine_tls.S[2][3]          -0.1484 
_pdbx_refine_tls.S[3][1]          0.0674 
_pdbx_refine_tls.S[3][2]          -0.0240 
_pdbx_refine_tls.S[3][3]          -0.0264 
_pdbx_refine_tls.pdbx_refine_id   'X-RAY DIFFRACTION' 
# 
_pdbx_refine_tls_group.id                  1 
_pdbx_refine_tls_group.refine_tls_id       1 
_pdbx_refine_tls_group.beg_auth_asym_id    A 
_pdbx_refine_tls_group.beg_auth_seq_id     16 
_pdbx_refine_tls_group.beg_label_asym_id   A 
_pdbx_refine_tls_group.beg_label_seq_id    1 
_pdbx_refine_tls_group.end_auth_asym_id    A 
_pdbx_refine_tls_group.end_auth_seq_id     239 
_pdbx_refine_tls_group.end_label_asym_id   A 
_pdbx_refine_tls_group.end_label_seq_id    224 
_pdbx_refine_tls_group.selection           ? 
_pdbx_refine_tls_group.pdbx_refine_id      'X-RAY DIFFRACTION' 
_pdbx_refine_tls_group.selection_details   ? 
# 
loop_
_chem_comp_atom.comp_id 
_chem_comp_atom.atom_id 
_chem_comp_atom.type_symbol 
_chem_comp_atom.pdbx_aromatic_flag 
_chem_comp_atom.pdbx_stereo_config 
_chem_comp_atom.pdbx_ordinal 
ALA N    N N N 1   
ALA CA   C N S 2   
ALA C    C N N 3   
ALA O    O N N 4   
ALA CB   C N N 5   
ALA OXT  O N N 6   
ALA H    H N N 7   
ALA H2   H N N 8   
ALA HA   H N N 9   
ALA HB1  H N N 10  
ALA HB2  H N N 11  
ALA HB3  H N N 12  
ALA HXT  H N N 13  
ARG N    N N N 14  
ARG CA   C N S 15  
ARG C    C N N 16  
ARG O    O N N 17  
ARG CB   C N N 18  
ARG CG   C N N 19  
ARG CD   C N N 20  
ARG NE   N N N 21  
ARG CZ   C N N 22  
ARG NH1  N N N 23  
ARG NH2  N N N 24  
ARG OXT  O N N 25  
ARG H    H N N 26  
ARG H2   H N N 27  
ARG HA   H N N 28  
ARG HB2  H N N 29  
ARG HB3  H N N 30  
ARG HG2  H N N 31  
ARG HG3  H N N 32  
ARG HD2  H N N 33  
ARG HD3  H N N 34  
ARG HE   H N N 35  
ARG HH11 H N N 36  
ARG HH12 H N N 37  
ARG HH21 H N N 38  
ARG HH22 H N N 39  
ARG HXT  H N N 40  
ASN N    N N N 41  
ASN CA   C N S 42  
ASN C    C N N 43  
ASN O    O N N 44  
ASN CB   C N N 45  
ASN CG   C N N 46  
ASN OD1  O N N 47  
ASN ND2  N N N 48  
ASN OXT  O N N 49  
ASN H    H N N 50  
ASN H2   H N N 51  
ASN HA   H N N 52  
ASN HB2  H N N 53  
ASN HB3  H N N 54  
ASN HD21 H N N 55  
ASN HD22 H N N 56  
ASN HXT  H N N 57  
ASP N    N N N 58  
ASP CA   C N S 59  
ASP C    C N N 60  
ASP O    O N N 61  
ASP CB   C N N 62  
ASP CG   C N N 63  
ASP OD1  O N N 64  
ASP OD2  O N N 65  
ASP OXT  O N N 66  
ASP H    H N N 67  
ASP H2   H N N 68  
ASP HA   H N N 69  
ASP HB2  H N N 70  
ASP HB3  H N N 71  
ASP HD2  H N N 72  
ASP HXT  H N N 73  
CYS N    N N N 74  
CYS CA   C N R 75  
CYS C    C N N 76  
CYS O    O N N 77  
CYS CB   C N N 78  
CYS SG   S N N 79  
CYS OXT  O N N 80  
CYS H    H N N 81  
CYS H2   H N N 82  
CYS HA   H N N 83  
CYS HB2  H N N 84  
CYS HB3  H N N 85  
CYS HG   H N N 86  
CYS HXT  H N N 87  
GLN N    N N N 88  
GLN CA   C N S 89  
GLN C    C N N 90  
GLN O    O N N 91  
GLN CB   C N N 92  
GLN CG   C N N 93  
GLN CD   C N N 94  
GLN OE1  O N N 95  
GLN NE2  N N N 96  
GLN OXT  O N N 97  
GLN H    H N N 98  
GLN H2   H N N 99  
GLN HA   H N N 100 
GLN HB2  H N N 101 
GLN HB3  H N N 102 
GLN HG2  H N N 103 
GLN HG3  H N N 104 
GLN HE21 H N N 105 
GLN HE22 H N N 106 
GLN HXT  H N N 107 
GLU N    N N N 108 
GLU CA   C N S 109 
GLU C    C N N 110 
GLU O    O N N 111 
GLU CB   C N N 112 
GLU CG   C N N 113 
GLU CD   C N N 114 
GLU OE1  O N N 115 
GLU OE2  O N N 116 
GLU OXT  O N N 117 
GLU H    H N N 118 
GLU H2   H N N 119 
GLU HA   H N N 120 
GLU HB2  H N N 121 
GLU HB3  H N N 122 
GLU HG2  H N N 123 
GLU HG3  H N N 124 
GLU HE2  H N N 125 
GLU HXT  H N N 126 
GLY N    N N N 127 
GLY CA   C N N 128 
GLY C    C N N 129 
GLY O    O N N 130 
GLY OXT  O N N 131 
GLY H    H N N 132 
GLY H2   H N N 133 
GLY HA2  H N N 134 
GLY HA3  H N N 135 
GLY HXT  H N N 136 
HIS N    N N N 137 
HIS CA   C N S 138 
HIS C    C N N 139 
HIS O    O N N 140 
HIS CB   C N N 141 
HIS CG   C Y N 142 
HIS ND1  N Y N 143 
HIS CD2  C Y N 144 
HIS CE1  C Y N 145 
HIS NE2  N Y N 146 
HIS OXT  O N N 147 
HIS H    H N N 148 
HIS H2   H N N 149 
HIS HA   H N N 150 
HIS HB2  H N N 151 
HIS HB3  H N N 152 
HIS HD1  H N N 153 
HIS HD2  H N N 154 
HIS HE1  H N N 155 
HIS HE2  H N N 156 
HIS HXT  H N N 157 
HOH O    O N N 158 
HOH H1   H N N 159 
HOH H2   H N N 160 
ILE N    N N N 161 
ILE CA   C N S 162 
ILE C    C N N 163 
ILE O    O N N 164 
ILE CB   C N S 165 
ILE CG1  C N N 166 
ILE CG2  C N N 167 
ILE CD1  C N N 168 
ILE OXT  O N N 169 
ILE H    H N N 170 
ILE H2   H N N 171 
ILE HA   H N N 172 
ILE HB   H N N 173 
ILE HG12 H N N 174 
ILE HG13 H N N 175 
ILE HG21 H N N 176 
ILE HG22 H N N 177 
ILE HG23 H N N 178 
ILE HD11 H N N 179 
ILE HD12 H N N 180 
ILE HD13 H N N 181 
ILE HXT  H N N 182 
LEU N    N N N 183 
LEU CA   C N S 184 
LEU C    C N N 185 
LEU O    O N N 186 
LEU CB   C N N 187 
LEU CG   C N N 188 
LEU CD1  C N N 189 
LEU CD2  C N N 190 
LEU OXT  O N N 191 
LEU H    H N N 192 
LEU H2   H N N 193 
LEU HA   H N N 194 
LEU HB2  H N N 195 
LEU HB3  H N N 196 
LEU HG   H N N 197 
LEU HD11 H N N 198 
LEU HD12 H N N 199 
LEU HD13 H N N 200 
LEU HD21 H N N 201 
LEU HD22 H N N 202 
LEU HD23 H N N 203 
LEU HXT  H N N 204 
LYS N    N N N 205 
LYS CA   C N S 206 
LYS C    C N N 207 
LYS O    O N N 208 
LYS CB   C N N 209 
LYS CG   C N N 210 
LYS CD   C N N 211 
LYS CE   C N N 212 
LYS NZ   N N N 213 
LYS OXT  O N N 214 
LYS H    H N N 215 
LYS H2   H N N 216 
LYS HA   H N N 217 
LYS HB2  H N N 218 
LYS HB3  H N N 219 
LYS HG2  H N N 220 
LYS HG3  H N N 221 
LYS HD2  H N N 222 
LYS HD3  H N N 223 
LYS HE2  H N N 224 
LYS HE3  H N N 225 
LYS HZ1  H N N 226 
LYS HZ2  H N N 227 
LYS HZ3  H N N 228 
LYS HXT  H N N 229 
MET N    N N N 230 
MET CA   C N S 231 
MET C    C N N 232 
MET O    O N N 233 
MET CB   C N N 234 
MET CG   C N N 235 
MET SD   S N N 236 
MET CE   C N N 237 
MET OXT  O N N 238 
MET H    H N N 239 
MET H2   H N N 240 
MET HA   H N N 241 
MET HB2  H N N 242 
MET HB3  H N N 243 
MET HG2  H N N 244 
MET HG3  H N N 245 
MET HE1  H N N 246 
MET HE2  H N N 247 
MET HE3  H N N 248 
MET HXT  H N N 249 
PHE N    N N N 250 
PHE CA   C N S 251 
PHE C    C N N 252 
PHE O    O N N 253 
PHE CB   C N N 254 
PHE CG   C Y N 255 
PHE CD1  C Y N 256 
PHE CD2  C Y N 257 
PHE CE1  C Y N 258 
PHE CE2  C Y N 259 
PHE CZ   C Y N 260 
PHE OXT  O N N 261 
PHE H    H N N 262 
PHE H2   H N N 263 
PHE HA   H N N 264 
PHE HB2  H N N 265 
PHE HB3  H N N 266 
PHE HD1  H N N 267 
PHE HD2  H N N 268 
PHE HE1  H N N 269 
PHE HE2  H N N 270 
PHE HZ   H N N 271 
PHE HXT  H N N 272 
PRO N    N N N 273 
PRO CA   C N S 274 
PRO C    C N N 275 
PRO O    O N N 276 
PRO CB   C N N 277 
PRO CG   C N N 278 
PRO CD   C N N 279 
PRO OXT  O N N 280 
PRO H    H N N 281 
PRO HA   H N N 282 
PRO HB2  H N N 283 
PRO HB3  H N N 284 
PRO HG2  H N N 285 
PRO HG3  H N N 286 
PRO HD2  H N N 287 
PRO HD3  H N N 288 
PRO HXT  H N N 289 
SER N    N N N 290 
SER CA   C N S 291 
SER C    C N N 292 
SER O    O N N 293 
SER CB   C N N 294 
SER OG   O N N 295 
SER OXT  O N N 296 
SER H    H N N 297 
SER H2   H N N 298 
SER HA   H N N 299 
SER HB2  H N N 300 
SER HB3  H N N 301 
SER HG   H N N 302 
SER HXT  H N N 303 
SO4 S    S N N 304 
SO4 O1   O N N 305 
SO4 O2   O N N 306 
SO4 O3   O N N 307 
SO4 O4   O N N 308 
THR N    N N N 309 
THR CA   C N S 310 
THR C    C N N 311 
THR O    O N N 312 
THR CB   C N R 313 
THR OG1  O N N 314 
THR CG2  C N N 315 
THR OXT  O N N 316 
THR H    H N N 317 
THR H2   H N N 318 
THR HA   H N N 319 
THR HB   H N N 320 
THR HG1  H N N 321 
THR HG21 H N N 322 
THR HG22 H N N 323 
THR HG23 H N N 324 
THR HXT  H N N 325 
TRP N    N N N 326 
TRP CA   C N S 327 
TRP C    C N N 328 
TRP O    O N N 329 
TRP CB   C N N 330 
TRP CG   C Y N 331 
TRP CD1  C Y N 332 
TRP CD2  C Y N 333 
TRP NE1  N Y N 334 
TRP CE2  C Y N 335 
TRP CE3  C Y N 336 
TRP CZ2  C Y N 337 
TRP CZ3  C Y N 338 
TRP CH2  C Y N 339 
TRP OXT  O N N 340 
TRP H    H N N 341 
TRP H2   H N N 342 
TRP HA   H N N 343 
TRP HB2  H N N 344 
TRP HB3  H N N 345 
TRP HD1  H N N 346 
TRP HE1  H N N 347 
TRP HE3  H N N 348 
TRP HZ2  H N N 349 
TRP HZ3  H N N 350 
TRP HH2  H N N 351 
TRP HXT  H N N 352 
TYR N    N N N 353 
TYR CA   C N S 354 
TYR C    C N N 355 
TYR O    O N N 356 
TYR CB   C N N 357 
TYR CG   C Y N 358 
TYR CD1  C Y N 359 
TYR CD2  C Y N 360 
TYR CE1  C Y N 361 
TYR CE2  C Y N 362 
TYR CZ   C Y N 363 
TYR OH   O N N 364 
TYR OXT  O N N 365 
TYR H    H N N 366 
TYR H2   H N N 367 
TYR HA   H N N 368 
TYR HB2  H N N 369 
TYR HB3  H N N 370 
TYR HD1  H N N 371 
TYR HD2  H N N 372 
TYR HE1  H N N 373 
TYR HE2  H N N 374 
TYR HH   H N N 375 
TYR HXT  H N N 376 
VAL N    N N N 377 
VAL CA   C N S 378 
VAL C    C N N 379 
VAL O    O N N 380 
VAL CB   C N N 381 
VAL CG1  C N N 382 
VAL CG2  C N N 383 
VAL OXT  O N N 384 
VAL H    H N N 385 
VAL H2   H N N 386 
VAL HA   H N N 387 
VAL HB   H N N 388 
VAL HG11 H N N 389 
VAL HG12 H N N 390 
VAL HG13 H N N 391 
VAL HG21 H N N 392 
VAL HG22 H N N 393 
VAL HG23 H N N 394 
VAL HXT  H N N 395 
# 
loop_
_chem_comp_bond.comp_id 
_chem_comp_bond.atom_id_1 
_chem_comp_bond.atom_id_2 
_chem_comp_bond.value_order 
_chem_comp_bond.pdbx_aromatic_flag 
_chem_comp_bond.pdbx_stereo_config 
_chem_comp_bond.pdbx_ordinal 
ALA N   CA   sing N N 1   
ALA N   H    sing N N 2   
ALA N   H2   sing N N 3   
ALA CA  C    sing N N 4   
ALA CA  CB   sing N N 5   
ALA CA  HA   sing N N 6   
ALA C   O    doub N N 7   
ALA C   OXT  sing N N 8   
ALA CB  HB1  sing N N 9   
ALA CB  HB2  sing N N 10  
ALA CB  HB3  sing N N 11  
ALA OXT HXT  sing N N 12  
ARG N   CA   sing N N 13  
ARG N   H    sing N N 14  
ARG N   H2   sing N N 15  
ARG CA  C    sing N N 16  
ARG CA  CB   sing N N 17  
ARG CA  HA   sing N N 18  
ARG C   O    doub N N 19  
ARG C   OXT  sing N N 20  
ARG CB  CG   sing N N 21  
ARG CB  HB2  sing N N 22  
ARG CB  HB3  sing N N 23  
ARG CG  CD   sing N N 24  
ARG CG  HG2  sing N N 25  
ARG CG  HG3  sing N N 26  
ARG CD  NE   sing N N 27  
ARG CD  HD2  sing N N 28  
ARG CD  HD3  sing N N 29  
ARG NE  CZ   sing N N 30  
ARG NE  HE   sing N N 31  
ARG CZ  NH1  sing N N 32  
ARG CZ  NH2  doub N N 33  
ARG NH1 HH11 sing N N 34  
ARG NH1 HH12 sing N N 35  
ARG NH2 HH21 sing N N 36  
ARG NH2 HH22 sing N N 37  
ARG OXT HXT  sing N N 38  
ASN N   CA   sing N N 39  
ASN N   H    sing N N 40  
ASN N   H2   sing N N 41  
ASN CA  C    sing N N 42  
ASN CA  CB   sing N N 43  
ASN CA  HA   sing N N 44  
ASN C   O    doub N N 45  
ASN C   OXT  sing N N 46  
ASN CB  CG   sing N N 47  
ASN CB  HB2  sing N N 48  
ASN CB  HB3  sing N N 49  
ASN CG  OD1  doub N N 50  
ASN CG  ND2  sing N N 51  
ASN ND2 HD21 sing N N 52  
ASN ND2 HD22 sing N N 53  
ASN OXT HXT  sing N N 54  
ASP N   CA   sing N N 55  
ASP N   H    sing N N 56  
ASP N   H2   sing N N 57  
ASP CA  C    sing N N 58  
ASP CA  CB   sing N N 59  
ASP CA  HA   sing N N 60  
ASP C   O    doub N N 61  
ASP C   OXT  sing N N 62  
ASP CB  CG   sing N N 63  
ASP CB  HB2  sing N N 64  
ASP CB  HB3  sing N N 65  
ASP CG  OD1  doub N N 66  
ASP CG  OD2  sing N N 67  
ASP OD2 HD2  sing N N 68  
ASP OXT HXT  sing N N 69  
CYS N   CA   sing N N 70  
CYS N   H    sing N N 71  
CYS N   H2   sing N N 72  
CYS CA  C    sing N N 73  
CYS CA  CB   sing N N 74  
CYS CA  HA   sing N N 75  
CYS C   O    doub N N 76  
CYS C   OXT  sing N N 77  
CYS CB  SG   sing N N 78  
CYS CB  HB2  sing N N 79  
CYS CB  HB3  sing N N 80  
CYS SG  HG   sing N N 81  
CYS OXT HXT  sing N N 82  
GLN N   CA   sing N N 83  
GLN N   H    sing N N 84  
GLN N   H2   sing N N 85  
GLN CA  C    sing N N 86  
GLN CA  CB   sing N N 87  
GLN CA  HA   sing N N 88  
GLN C   O    doub N N 89  
GLN C   OXT  sing N N 90  
GLN CB  CG   sing N N 91  
GLN CB  HB2  sing N N 92  
GLN CB  HB3  sing N N 93  
GLN CG  CD   sing N N 94  
GLN CG  HG2  sing N N 95  
GLN CG  HG3  sing N N 96  
GLN CD  OE1  doub N N 97  
GLN CD  NE2  sing N N 98  
GLN NE2 HE21 sing N N 99  
GLN NE2 HE22 sing N N 100 
GLN OXT HXT  sing N N 101 
GLU N   CA   sing N N 102 
GLU N   H    sing N N 103 
GLU N   H2   sing N N 104 
GLU CA  C    sing N N 105 
GLU CA  CB   sing N N 106 
GLU CA  HA   sing N N 107 
GLU C   O    doub N N 108 
GLU C   OXT  sing N N 109 
GLU CB  CG   sing N N 110 
GLU CB  HB2  sing N N 111 
GLU CB  HB3  sing N N 112 
GLU CG  CD   sing N N 113 
GLU CG  HG2  sing N N 114 
GLU CG  HG3  sing N N 115 
GLU CD  OE1  doub N N 116 
GLU CD  OE2  sing N N 117 
GLU OE2 HE2  sing N N 118 
GLU OXT HXT  sing N N 119 
GLY N   CA   sing N N 120 
GLY N   H    sing N N 121 
GLY N   H2   sing N N 122 
GLY CA  C    sing N N 123 
GLY CA  HA2  sing N N 124 
GLY CA  HA3  sing N N 125 
GLY C   O    doub N N 126 
GLY C   OXT  sing N N 127 
GLY OXT HXT  sing N N 128 
HIS N   CA   sing N N 129 
HIS N   H    sing N N 130 
HIS N   H2   sing N N 131 
HIS CA  C    sing N N 132 
HIS CA  CB   sing N N 133 
HIS CA  HA   sing N N 134 
HIS C   O    doub N N 135 
HIS C   OXT  sing N N 136 
HIS CB  CG   sing N N 137 
HIS CB  HB2  sing N N 138 
HIS CB  HB3  sing N N 139 
HIS CG  ND1  sing Y N 140 
HIS CG  CD2  doub Y N 141 
HIS ND1 CE1  doub Y N 142 
HIS ND1 HD1  sing N N 143 
HIS CD2 NE2  sing Y N 144 
HIS CD2 HD2  sing N N 145 
HIS CE1 NE2  sing Y N 146 
HIS CE1 HE1  sing N N 147 
HIS NE2 HE2  sing N N 148 
HIS OXT HXT  sing N N 149 
HOH O   H1   sing N N 150 
HOH O   H2   sing N N 151 
ILE N   CA   sing N N 152 
ILE N   H    sing N N 153 
ILE N   H2   sing N N 154 
ILE CA  C    sing N N 155 
ILE CA  CB   sing N N 156 
ILE CA  HA   sing N N 157 
ILE C   O    doub N N 158 
ILE C   OXT  sing N N 159 
ILE CB  CG1  sing N N 160 
ILE CB  CG2  sing N N 161 
ILE CB  HB   sing N N 162 
ILE CG1 CD1  sing N N 163 
ILE CG1 HG12 sing N N 164 
ILE CG1 HG13 sing N N 165 
ILE CG2 HG21 sing N N 166 
ILE CG2 HG22 sing N N 167 
ILE CG2 HG23 sing N N 168 
ILE CD1 HD11 sing N N 169 
ILE CD1 HD12 sing N N 170 
ILE CD1 HD13 sing N N 171 
ILE OXT HXT  sing N N 172 
LEU N   CA   sing N N 173 
LEU N   H    sing N N 174 
LEU N   H2   sing N N 175 
LEU CA  C    sing N N 176 
LEU CA  CB   sing N N 177 
LEU CA  HA   sing N N 178 
LEU C   O    doub N N 179 
LEU C   OXT  sing N N 180 
LEU CB  CG   sing N N 181 
LEU CB  HB2  sing N N 182 
LEU CB  HB3  sing N N 183 
LEU CG  CD1  sing N N 184 
LEU CG  CD2  sing N N 185 
LEU CG  HG   sing N N 186 
LEU CD1 HD11 sing N N 187 
LEU CD1 HD12 sing N N 188 
LEU CD1 HD13 sing N N 189 
LEU CD2 HD21 sing N N 190 
LEU CD2 HD22 sing N N 191 
LEU CD2 HD23 sing N N 192 
LEU OXT HXT  sing N N 193 
LYS N   CA   sing N N 194 
LYS N   H    sing N N 195 
LYS N   H2   sing N N 196 
LYS CA  C    sing N N 197 
LYS CA  CB   sing N N 198 
LYS CA  HA   sing N N 199 
LYS C   O    doub N N 200 
LYS C   OXT  sing N N 201 
LYS CB  CG   sing N N 202 
LYS CB  HB2  sing N N 203 
LYS CB  HB3  sing N N 204 
LYS CG  CD   sing N N 205 
LYS CG  HG2  sing N N 206 
LYS CG  HG3  sing N N 207 
LYS CD  CE   sing N N 208 
LYS CD  HD2  sing N N 209 
LYS CD  HD3  sing N N 210 
LYS CE  NZ   sing N N 211 
LYS CE  HE2  sing N N 212 
LYS CE  HE3  sing N N 213 
LYS NZ  HZ1  sing N N 214 
LYS NZ  HZ2  sing N N 215 
LYS NZ  HZ3  sing N N 216 
LYS OXT HXT  sing N N 217 
MET N   CA   sing N N 218 
MET N   H    sing N N 219 
MET N   H2   sing N N 220 
MET CA  C    sing N N 221 
MET CA  CB   sing N N 222 
MET CA  HA   sing N N 223 
MET C   O    doub N N 224 
MET C   OXT  sing N N 225 
MET CB  CG   sing N N 226 
MET CB  HB2  sing N N 227 
MET CB  HB3  sing N N 228 
MET CG  SD   sing N N 229 
MET CG  HG2  sing N N 230 
MET CG  HG3  sing N N 231 
MET SD  CE   sing N N 232 
MET CE  HE1  sing N N 233 
MET CE  HE2  sing N N 234 
MET CE  HE3  sing N N 235 
MET OXT HXT  sing N N 236 
PHE N   CA   sing N N 237 
PHE N   H    sing N N 238 
PHE N   H2   sing N N 239 
PHE CA  C    sing N N 240 
PHE CA  CB   sing N N 241 
PHE CA  HA   sing N N 242 
PHE C   O    doub N N 243 
PHE C   OXT  sing N N 244 
PHE CB  CG   sing N N 245 
PHE CB  HB2  sing N N 246 
PHE CB  HB3  sing N N 247 
PHE CG  CD1  doub Y N 248 
PHE CG  CD2  sing Y N 249 
PHE CD1 CE1  sing Y N 250 
PHE CD1 HD1  sing N N 251 
PHE CD2 CE2  doub Y N 252 
PHE CD2 HD2  sing N N 253 
PHE CE1 CZ   doub Y N 254 
PHE CE1 HE1  sing N N 255 
PHE CE2 CZ   sing Y N 256 
PHE CE2 HE2  sing N N 257 
PHE CZ  HZ   sing N N 258 
PHE OXT HXT  sing N N 259 
PRO N   CA   sing N N 260 
PRO N   CD   sing N N 261 
PRO N   H    sing N N 262 
PRO CA  C    sing N N 263 
PRO CA  CB   sing N N 264 
PRO CA  HA   sing N N 265 
PRO C   O    doub N N 266 
PRO C   OXT  sing N N 267 
PRO CB  CG   sing N N 268 
PRO CB  HB2  sing N N 269 
PRO CB  HB3  sing N N 270 
PRO CG  CD   sing N N 271 
PRO CG  HG2  sing N N 272 
PRO CG  HG3  sing N N 273 
PRO CD  HD2  sing N N 274 
PRO CD  HD3  sing N N 275 
PRO OXT HXT  sing N N 276 
SER N   CA   sing N N 277 
SER N   H    sing N N 278 
SER N   H2   sing N N 279 
SER CA  C    sing N N 280 
SER CA  CB   sing N N 281 
SER CA  HA   sing N N 282 
SER C   O    doub N N 283 
SER C   OXT  sing N N 284 
SER CB  OG   sing N N 285 
SER CB  HB2  sing N N 286 
SER CB  HB3  sing N N 287 
SER OG  HG   sing N N 288 
SER OXT HXT  sing N N 289 
SO4 S   O1   doub N N 290 
SO4 S   O2   doub N N 291 
SO4 S   O3   sing N N 292 
SO4 S   O4   sing N N 293 
THR N   CA   sing N N 294 
THR N   H    sing N N 295 
THR N   H2   sing N N 296 
THR CA  C    sing N N 297 
THR CA  CB   sing N N 298 
THR CA  HA   sing N N 299 
THR C   O    doub N N 300 
THR C   OXT  sing N N 301 
THR CB  OG1  sing N N 302 
THR CB  CG2  sing N N 303 
THR CB  HB   sing N N 304 
THR OG1 HG1  sing N N 305 
THR CG2 HG21 sing N N 306 
THR CG2 HG22 sing N N 307 
THR CG2 HG23 sing N N 308 
THR OXT HXT  sing N N 309 
TRP N   CA   sing N N 310 
TRP N   H    sing N N 311 
TRP N   H2   sing N N 312 
TRP CA  C    sing N N 313 
TRP CA  CB   sing N N 314 
TRP CA  HA   sing N N 315 
TRP C   O    doub N N 316 
TRP C   OXT  sing N N 317 
TRP CB  CG   sing N N 318 
TRP CB  HB2  sing N N 319 
TRP CB  HB3  sing N N 320 
TRP CG  CD1  doub Y N 321 
TRP CG  CD2  sing Y N 322 
TRP CD1 NE1  sing Y N 323 
TRP CD1 HD1  sing N N 324 
TRP CD2 CE2  doub Y N 325 
TRP CD2 CE3  sing Y N 326 
TRP NE1 CE2  sing Y N 327 
TRP NE1 HE1  sing N N 328 
TRP CE2 CZ2  sing Y N 329 
TRP CE3 CZ3  doub Y N 330 
TRP CE3 HE3  sing N N 331 
TRP CZ2 CH2  doub Y N 332 
TRP CZ2 HZ2  sing N N 333 
TRP CZ3 CH2  sing Y N 334 
TRP CZ3 HZ3  sing N N 335 
TRP CH2 HH2  sing N N 336 
TRP OXT HXT  sing N N 337 
TYR N   CA   sing N N 338 
TYR N   H    sing N N 339 
TYR N   H2   sing N N 340 
TYR CA  C    sing N N 341 
TYR CA  CB   sing N N 342 
TYR CA  HA   sing N N 343 
TYR C   O    doub N N 344 
TYR C   OXT  sing N N 345 
TYR CB  CG   sing N N 346 
TYR CB  HB2  sing N N 347 
TYR CB  HB3  sing N N 348 
TYR CG  CD1  doub Y N 349 
TYR CG  CD2  sing Y N 350 
TYR CD1 CE1  sing Y N 351 
TYR CD1 HD1  sing N N 352 
TYR CD2 CE2  doub Y N 353 
TYR CD2 HD2  sing N N 354 
TYR CE1 CZ   doub Y N 355 
TYR CE1 HE1  sing N N 356 
TYR CE2 CZ   sing Y N 357 
TYR CE2 HE2  sing N N 358 
TYR CZ  OH   sing N N 359 
TYR OH  HH   sing N N 360 
TYR OXT HXT  sing N N 361 
VAL N   CA   sing N N 362 
VAL N   H    sing N N 363 
VAL N   H2   sing N N 364 
VAL CA  C    sing N N 365 
VAL CA  CB   sing N N 366 
VAL CA  HA   sing N N 367 
VAL C   O    doub N N 368 
VAL C   OXT  sing N N 369 
VAL CB  CG1  sing N N 370 
VAL CB  CG2  sing N N 371 
VAL CB  HB   sing N N 372 
VAL CG1 HG11 sing N N 373 
VAL CG1 HG12 sing N N 374 
VAL CG1 HG13 sing N N 375 
VAL CG2 HG21 sing N N 376 
VAL CG2 HG22 sing N N 377 
VAL CG2 HG23 sing N N 378 
VAL OXT HXT  sing N N 379 
# 
_atom_sites.entry_id                    2G52 
_atom_sites.fract_transf_matrix[1][1]   0.02111213 
_atom_sites.fract_transf_matrix[1][2]   0.00173692 
_atom_sites.fract_transf_matrix[1][3]   -0.02372737 
_atom_sites.fract_transf_matrix[2][1]   -0.00811999 
_atom_sites.fract_transf_matrix[2][2]   0.01084223 
_atom_sites.fract_transf_matrix[2][3]   -0.00643131 
_atom_sites.fract_transf_matrix[3][1]   0.01871526 
_atom_sites.fract_transf_matrix[3][2]   0.01800276 
_atom_sites.fract_transf_matrix[3][3]   0.00672062 
_atom_sites.fract_transf_vector[1]      0.201600 
_atom_sites.fract_transf_vector[2]      0.001707 
_atom_sites.fract_transf_vector[3]      0.361382 
# 
loop_
_atom_type.symbol 
C 
N 
O 
S 
# 
loop_
_atom_site.group_PDB 
_atom_site.id 
_atom_site.type_symbol 
_atom_site.label_atom_id 
_atom_site.label_alt_id 
_atom_site.label_comp_id 
_atom_site.label_asym_id 
_atom_site.label_entity_id 
_atom_site.label_seq_id 
_atom_site.pdbx_PDB_ins_code 
_atom_site.Cartn_x 
_atom_site.Cartn_y 
_atom_site.Cartn_z 
_atom_site.occupancy 
_atom_site.B_iso_or_equiv 
_atom_site.pdbx_formal_charge 
_atom_site.auth_seq_id 
_atom_site.auth_comp_id 
_atom_site.auth_asym_id 
_atom_site.auth_atom_id 
_atom_site.pdbx_PDB_model_num 
ATOM   1    N N   . ILE A 1 1   ? -10.115 -1.062  -4.028  1.00 23.94  ? 16  ILE A N   1 
ATOM   2    C CA  . ILE A 1 1   ? -10.667 -1.748  -2.826  1.00 24.27  ? 16  ILE A CA  1 
ATOM   3    C C   . ILE A 1 1   ? -12.013 -2.421  -3.132  1.00 23.73  ? 16  ILE A C   1 
ATOM   4    O O   . ILE A 1 1   ? -12.967 -1.760  -3.567  1.00 21.20  ? 16  ILE A O   1 
ATOM   5    C CB  . ILE A 1 1   ? -10.797 -0.784  -1.539  1.00 23.18  ? 16  ILE A CB  1 
ATOM   6    C CG1 . ILE A 1 1   ? -9.441  -0.173  -1.119  1.00 25.89  ? 16  ILE A CG1 1 
ATOM   7    C CG2 . ILE A 1 1   ? -11.570 -1.522  -0.405  1.00 23.02  ? 16  ILE A CG2 1 
ATOM   8    C CD1 . ILE A 1 1   ? -8.475  -1.169  -0.565  1.00 25.80  ? 16  ILE A CD1 1 
ATOM   9    N N   . VAL A 1 2   ? -12.051 -3.751  -2.922  1.00 23.90  ? 17  VAL A N   1 
ATOM   10   C CA  . VAL A 1 2   ? -13.221 -4.579  -3.093  1.00 23.86  ? 17  VAL A CA  1 
ATOM   11   C C   . VAL A 1 2   ? -13.857 -4.857  -1.729  1.00 23.46  ? 17  VAL A C   1 
ATOM   12   O O   . VAL A 1 2   ? -13.177 -5.306  -0.830  1.00 23.34  ? 17  VAL A O   1 
ATOM   13   C CB  . VAL A 1 2   ? -12.836 -5.899  -3.818  1.00 23.86  ? 17  VAL A CB  1 
ATOM   14   C CG1 . VAL A 1 2   ? -14.083 -6.793  -4.204  1.00 25.46  ? 17  VAL A CG1 1 
ATOM   15   C CG2 . VAL A 1 2   ? -12.032 -5.636  -5.050  1.00 24.43  ? 17  VAL A CG2 1 
ATOM   16   N N   . GLY A 1 3   ? -15.196 -4.706  -1.635  1.00 25.69  ? 18  GLY A N   1 
ATOM   17   C CA  . GLY A 1 3   ? -15.961 -5.035  -0.437  1.00 24.88  ? 18  GLY A CA  1 
ATOM   18   C C   . GLY A 1 3   ? -15.765 -4.057  0.686   1.00 25.84  ? 18  GLY A C   1 
ATOM   19   O O   . GLY A 1 3   ? -15.972 -4.414  1.835   1.00 27.81  ? 18  GLY A O   1 
ATOM   20   N N   . GLY A 1 4   ? -15.417 -2.833  0.335   1.00 25.55  ? 19  GLY A N   1 
ATOM   21   C CA  . GLY A 1 4   ? -14.947 -1.824  1.270   1.00 24.97  ? 19  GLY A CA  1 
ATOM   22   C C   . GLY A 1 4   ? -16.053 -0.852  1.510   1.00 24.63  ? 19  GLY A C   1 
ATOM   23   O O   . GLY A 1 4   ? -17.204 -1.045  1.111   1.00 23.77  ? 19  GLY A O   1 
ATOM   24   N N   . THR A 1 5   ? -15.698 0.229   2.153   1.00 24.32  ? 20  THR A N   1 
ATOM   25   C CA  . THR A 1 5   ? -16.604 1.296   2.626   1.00 25.44  ? 20  THR A CA  1 
ATOM   26   C C   . THR A 1 5   ? -15.854 2.649   2.352   1.00 24.23  ? 20  THR A C   1 
ATOM   27   O O   . THR A 1 5   ? -14.608 2.639   2.126   1.00 24.25  ? 20  THR A O   1 
ATOM   28   C CB  . THR A 1 5   ? -16.779 0.915   4.155   1.00 27.46  ? 20  THR A CB  1 
ATOM   29   O OG1 . THR A 1 5   ? -18.111 0.989   4.626   1.00 36.28  ? 20  THR A OG1 1 
ATOM   30   C CG2 . THR A 1 5   ? -15.814 1.537   5.023   1.00 22.05  ? 20  THR A CG2 1 
ATOM   31   N N   . SER A 1 6   ? -16.530 3.790   2.415   1.00 23.08  ? 21  SER A N   1 
ATOM   32   C CA  . SER A 1 6   ? -15.805 5.082   2.267   1.00 23.95  ? 21  SER A CA  1 
ATOM   33   C C   . SER A 1 6   ? -15.006 5.406   3.529   1.00 23.75  ? 21  SER A C   1 
ATOM   34   O O   . SER A 1 6   ? -15.531 5.330   4.639   1.00 27.04  ? 21  SER A O   1 
ATOM   35   C CB  . SER A 1 6   ? -16.770 6.225   2.006   1.00 24.67  ? 21  SER A CB  1 
ATOM   36   O OG  . SER A 1 6   ? -17.678 5.915   0.987   1.00 24.87  ? 21  SER A OG  1 
ATOM   37   N N   . ALA A 1 7   ? -13.765 5.767   3.360   1.00 25.04  ? 22  ALA A N   1 
ATOM   38   C CA  . ALA A 1 7   ? -12.947 6.311   4.446   1.00 24.74  ? 22  ALA A CA  1 
ATOM   39   C C   . ALA A 1 7   ? -13.477 7.673   4.929   1.00 26.00  ? 22  ALA A C   1 
ATOM   40   O O   . ALA A 1 7   ? -14.078 8.472   4.208   1.00 23.45  ? 22  ALA A O   1 
ATOM   41   C CB  . ALA A 1 7   ? -11.512 6.416   4.029   1.00 24.06  ? 22  ALA A CB  1 
ATOM   42   N N   . SER A 1 8   ? -13.254 7.927   6.214   1.00 26.37  ? 23  SER A N   1 
ATOM   43   C CA  . SER A 1 8   ? -13.638 9.185   6.843   1.00 24.79  ? 23  SER A CA  1 
ATOM   44   C C   . SER A 1 8   ? -12.421 10.147  6.836   1.00 24.60  ? 23  SER A C   1 
ATOM   45   O O   . SER A 1 8   ? -11.253 9.722   6.860   1.00 23.37  ? 23  SER A O   1 
ATOM   46   C CB  . SER A 1 8   ? -14.085 8.981   8.287   1.00 23.53  ? 23  SER A CB  1 
ATOM   47   O OG  . SER A 1 8   ? -15.279 8.267   8.292   1.00 22.14  ? 23  SER A OG  1 
ATOM   48   N N   . ALA A 1 9   ? -12.729 11.441  6.857   1.00 24.55  ? 24  ALA A N   1 
ATOM   49   C CA  . ALA A 1 9   ? -11.617 12.389  7.033   1.00 25.04  ? 24  ALA A CA  1 
ATOM   50   C C   . ALA A 1 9   ? -10.782 11.989  8.279   1.00 24.10  ? 24  ALA A C   1 
ATOM   51   O O   . ALA A 1 9   ? -11.324 11.862  9.398   1.00 23.60  ? 24  ALA A O   1 
ATOM   52   C CB  . ALA A 1 9   ? -12.128 13.775  7.147   1.00 23.96  ? 24  ALA A CB  1 
ATOM   53   N N   . GLY A 1 10  ? -9.474  11.967  8.097   1.00 26.04  ? 25  GLY A N   1 
ATOM   54   C CA  . GLY A 1 10  ? -8.525  11.741  9.174   1.00 24.50  ? 25  GLY A CA  1 
ATOM   55   C C   . GLY A 1 10  ? -8.232  10.296  9.420   1.00 23.28  ? 25  GLY A C   1 
ATOM   56   O O   . GLY A 1 10  ? -7.526  9.983   10.342  1.00 24.94  ? 25  GLY A O   1 
ATOM   57   N N   . ASP A 1 11  ? -8.801  9.378   8.656   1.00 25.05  ? 26  ASP A N   1 
ATOM   58   C CA  . ASP A 1 11  ? -8.604  7.930   8.992   1.00 26.04  ? 26  ASP A CA  1 
ATOM   59   C C   . ASP A 1 11  ? -7.213  7.398   8.823   1.00 25.96  ? 26  ASP A C   1 
ATOM   60   O O   . ASP A 1 11  ? -6.780  6.459   9.561   1.00 27.96  ? 26  ASP A O   1 
ATOM   61   C CB  . ASP A 1 11  ? -9.513  7.012   8.129   1.00 26.33  ? 26  ASP A CB  1 
ATOM   62   C CG  . ASP A 1 11  ? -10.907 6.901   8.625   1.00 26.87  ? 26  ASP A CG  1 
ATOM   63   O OD1 . ASP A 1 11  ? -11.242 7.364   9.781   1.00 22.75  ? 26  ASP A OD1 1 
ATOM   64   O OD2 . ASP A 1 11  ? -11.673 6.310   7.797   1.00 25.93  ? 26  ASP A OD2 1 
ATOM   65   N N   . PHE A 1 12  ? -6.554  7.932   7.786   1.00 28.18  ? 27  PHE A N   1 
ATOM   66   C CA  . PHE A 1 12  ? -5.195  7.590   7.426   1.00 25.27  ? 27  PHE A CA  1 
ATOM   67   C C   . PHE A 1 12  ? -4.492  8.907   7.085   1.00 25.78  ? 27  PHE A C   1 
ATOM   68   O O   . PHE A 1 12  ? -4.297  9.183   5.903   1.00 22.90  ? 27  PHE A O   1 
ATOM   69   C CB  . PHE A 1 12  ? -5.095  6.617   6.203   1.00 25.83  ? 27  PHE A CB  1 
ATOM   70   C CG  . PHE A 1 12  ? -5.904  5.386   6.329   1.00 25.52  ? 27  PHE A CG  1 
ATOM   71   C CD1 . PHE A 1 12  ? -5.406  4.249   6.930   1.00 33.88  ? 27  PHE A CD1 1 
ATOM   72   C CD2 . PHE A 1 12  ? -7.247  5.386   5.903   1.00 33.01  ? 27  PHE A CD2 1 
ATOM   73   C CE1 . PHE A 1 12  ? -6.245  3.134   7.089   1.00 28.37  ? 27  PHE A CE1 1 
ATOM   74   C CE2 . PHE A 1 12  ? -8.067  4.278   6.121   1.00 30.05  ? 27  PHE A CE2 1 
ATOM   75   C CZ  . PHE A 1 12  ? -7.572  3.200   6.719   1.00 24.71  ? 27  PHE A CZ  1 
ATOM   76   N N   . PRO A 1 13  ? -4.076  9.676   8.096   1.00 26.33  ? 28  PRO A N   1 
ATOM   77   C CA  . PRO A 1 13  ? -3.444  10.986  7.836   1.00 26.44  ? 28  PRO A CA  1 
ATOM   78   C C   . PRO A 1 13  ? -2.173  10.990  6.920   1.00 25.06  ? 28  PRO A C   1 
ATOM   79   O O   . PRO A 1 13  ? -1.848  12.031  6.311   1.00 25.39  ? 28  PRO A O   1 
ATOM   80   C CB  . PRO A 1 13  ? -3.171  11.512  9.236   1.00 27.55  ? 28  PRO A CB  1 
ATOM   81   C CG  . PRO A 1 13  ? -3.957  10.677  10.183  1.00 26.67  ? 28  PRO A CG  1 
ATOM   82   C CD  . PRO A 1 13  ? -4.167  9.379   9.529   1.00 26.96  ? 28  PRO A CD  1 
ATOM   83   N N   . PHE A 1 14  ? -1.488  9.838   6.842   1.00 23.61  ? 29  PHE A N   1 
ATOM   84   C CA  . PHE A 1 14  ? -0.286  9.626   6.093   1.00 24.48  ? 29  PHE A CA  1 
ATOM   85   C C   . PHE A 1 14  ? -0.523  9.056   4.710   1.00 24.25  ? 29  PHE A C   1 
ATOM   86   O O   . PHE A 1 14  ? 0.431   8.922   3.996   1.00 24.18  ? 29  PHE A O   1 
ATOM   87   C CB  . PHE A 1 14  ? 0.681   8.667   6.840   1.00 25.69  ? 29  PHE A CB  1 
ATOM   88   C CG  . PHE A 1 14  ? 0.058   7.320   7.131   1.00 22.49  ? 29  PHE A CG  1 
ATOM   89   C CD1 . PHE A 1 14  ? -0.016  6.332   6.168   1.00 28.67  ? 29  PHE A CD1 1 
ATOM   90   C CD2 . PHE A 1 14  ? -0.682  7.131   8.285   1.00 29.60  ? 29  PHE A CD2 1 
ATOM   91   C CE1 . PHE A 1 14  ? -0.678  5.152   6.433   1.00 25.79  ? 29  PHE A CE1 1 
ATOM   92   C CE2 . PHE A 1 14  ? -1.354  5.902   8.503   1.00 33.44  ? 29  PHE A CE2 1 
ATOM   93   C CZ  . PHE A 1 14  ? -1.346  4.978   7.608   1.00 30.85  ? 29  PHE A CZ  1 
ATOM   94   N N   . ILE A 1 15  ? -1.754  8.682   4.331   1.00 25.28  ? 30  ILE A N   1 
ATOM   95   C CA  . ILE A 1 15  ? -1.971  8.099   3.008   1.00 25.27  ? 30  ILE A CA  1 
ATOM   96   C C   . ILE A 1 15  ? -1.801  9.175   1.899   1.00 24.80  ? 30  ILE A C   1 
ATOM   97   O O   . ILE A 1 15  ? -2.177  10.342  2.032   1.00 26.17  ? 30  ILE A O   1 
ATOM   98   C CB  . ILE A 1 15  ? -3.333  7.335   2.899   1.00 24.95  ? 30  ILE A CB  1 
ATOM   99   C CG1 . ILE A 1 15  ? -3.405  6.436   1.665   1.00 26.60  ? 30  ILE A CG1 1 
ATOM   100  C CG2 . ILE A 1 15  ? -4.510  8.199   2.873   1.00 24.80  ? 30  ILE A CG2 1 
ATOM   101  C CD1 . ILE A 1 15  ? -4.598  5.576   1.642   1.00 26.97  ? 30  ILE A CD1 1 
ATOM   102  N N   . VAL A 1 16  ? -1.182  8.759   0.832   1.00 22.77  ? 31  VAL A N   1 
ATOM   103  C CA  . VAL A 1 16  ? -1.022  9.511   -0.366  1.00 24.45  ? 31  VAL A CA  1 
ATOM   104  C C   . VAL A 1 16  ? -1.526  8.676   -1.572  1.00 24.75  ? 31  VAL A C   1 
ATOM   105  O O   . VAL A 1 16  ? -1.535  7.431   -1.580  1.00 26.06  ? 31  VAL A O   1 
ATOM   106  C CB  . VAL A 1 16  ? 0.466   9.998   -0.679  1.00 22.09  ? 31  VAL A CB  1 
ATOM   107  C CG1 . VAL A 1 16  ? 0.980   10.831  0.462   1.00 22.53  ? 31  VAL A CG1 1 
ATOM   108  C CG2 . VAL A 1 16  ? 1.381   8.949   -1.022  1.00 22.47  ? 31  VAL A CG2 1 
ATOM   109  N N   . SER A 1 17  ? -2.072  9.445   -2.520  1.00 23.97  ? 32  SER A N   1 
ATOM   110  C CA  . SER A 1 17  ? -2.483  8.930   -3.823  1.00 25.25  ? 32  SER A CA  1 
ATOM   111  C C   . SER A 1 17  ? -1.306  9.283   -4.737  1.00 25.50  ? 32  SER A C   1 
ATOM   112  O O   . SER A 1 17  ? -0.708  10.386  -4.653  1.00 26.46  ? 32  SER A O   1 
ATOM   113  C CB  . SER A 1 17  ? -3.825  9.536   -4.304  1.00 24.53  ? 32  SER A CB  1 
ATOM   114  O OG  . SER A 1 17  ? -3.801  10.984  -4.418  1.00 25.30  ? 32  SER A OG  1 
ATOM   115  N N   . ILE A 1 18  ? -0.972  8.320   -5.570  1.00 24.89  ? 33  ILE A N   1 
ATOM   116  C CA  . ILE A 1 18  ? 0.032   8.480   -6.589  1.00 24.74  ? 33  ILE A CA  1 
ATOM   117  C C   . ILE A 1 18  ? -0.643  8.360   -7.997  1.00 24.19  ? 33  ILE A C   1 
ATOM   118  O O   . ILE A 1 18  ? -1.101  7.297   -8.437  1.00 23.71  ? 33  ILE A O   1 
ATOM   119  C CB  . ILE A 1 18  ? 1.207   7.501   -6.388  1.00 24.19  ? 33  ILE A CB  1 
ATOM   120  C CG1 . ILE A 1 18  ? 1.782   7.560   -4.978  1.00 25.37  ? 33  ILE A CG1 1 
ATOM   121  C CG2 . ILE A 1 18  ? 2.298   7.701   -7.527  1.00 26.13  ? 33  ILE A CG2 1 
ATOM   122  C CD1 . ILE A 1 18  ? 2.851   6.501   -4.722  1.00 24.89  ? 33  ILE A CD1 1 
ATOM   123  N N   . SER A 1 19  ? -0.660  9.453   -8.712  1.00 24.91  ? 34  SER A N   1 
ATOM   124  C CA  . SER A 1 19  ? -1.093  9.433   -10.082 1.00 25.73  ? 34  SER A CA  1 
ATOM   125  C C   . SER A 1 19  ? 0.115   9.206   -11.013 1.00 27.07  ? 34  SER A C   1 
ATOM   126  O O   . SER A 1 19  ? 1.247   9.565   -10.672 1.00 25.58  ? 34  SER A O   1 
ATOM   127  C CB  . SER A 1 19  ? -1.805  10.743  -10.478 1.00 26.06  ? 34  SER A CB  1 
ATOM   128  O OG  . SER A 1 19  ? -0.929  11.857  -10.452 1.00 27.88  ? 34  SER A OG  1 
ATOM   129  N N   . ARG A 1 20  ? -0.173  8.651   -12.188 1.00 26.85  ? 35  ARG A N   1 
ATOM   130  C CA  . ARG A 1 20  ? 0.786   8.538   -13.283 1.00 26.83  ? 35  ARG A CA  1 
ATOM   131  C C   . ARG A 1 20  ? 0.151   8.965   -14.588 1.00 28.81  ? 35  ARG A C   1 
ATOM   132  O O   . ARG A 1 20  ? -0.880  8.401   -15.013 1.00 27.83  ? 35  ARG A O   1 
ATOM   133  C CB  . ARG A 1 20  ? 1.298   7.119   -13.436 1.00 25.59  ? 35  ARG A CB  1 
ATOM   134  C CG  . ARG A 1 20  ? 2.424   6.944   -14.413 1.00 23.92  ? 35  ARG A CG  1 
ATOM   135  C CD  . ARG A 1 20  ? 2.850   5.507   -14.537 1.00 23.10  ? 35  ARG A CD  1 
ATOM   136  N NE  . ARG A 1 20  ? 3.713   5.323   -15.725 1.00 20.00  ? 35  ARG A NE  1 
ATOM   137  C CZ  . ARG A 1 20  ? 3.778   4.227   -16.444 1.00 19.11  ? 35  ARG A CZ  1 
ATOM   138  N NH1 . ARG A 1 20  ? 3.087   3.168   -16.089 1.00 26.35  ? 35  ARG A NH1 1 
ATOM   139  N NH2 . ARG A 1 20  ? 4.513   4.204   -17.528 1.00 16.00  ? 35  ARG A NH2 1 
ATOM   140  N N   . ASN A 1 21  ? 0.845   9.878   -15.232 1.00 28.47  ? 36  ASN A N   1 
ATOM   141  C CA  . ASN A 1 21  ? 0.419   10.422  -16.578 1.00 31.96  ? 36  ASN A CA  1 
ATOM   142  C C   . ASN A 1 21  ? -0.978  11.126  -16.444 1.00 33.68  ? 36  ASN A C   1 
ATOM   143  O O   . ASN A 1 21  ? -1.889  10.939  -17.322 1.00 34.61  ? 36  ASN A O   1 
ATOM   144  C CB  . ASN A 1 21  ? 0.344   9.264   -17.593 1.00 31.91  ? 36  ASN A CB  1 
ATOM   145  C CG  . ASN A 1 21  ? 1.703   8.689   -17.953 1.00 29.76  ? 36  ASN A CG  1 
ATOM   146  O OD1 . ASN A 1 21  ? 2.676   9.456   -18.099 1.00 23.96  ? 36  ASN A OD1 1 
ATOM   147  N ND2 . ASN A 1 21  ? 1.742   7.363   -18.221 1.00 22.66  ? 36  ASN A ND2 1 
ATOM   148  N N   . GLY A 1 22  ? -1.142  11.784  -15.287 1.00 33.32  ? 37  GLY A N   1 
ATOM   149  C CA  . GLY A 1 22  ? -2.396  12.386  -14.807 1.00 34.57  ? 37  GLY A CA  1 
ATOM   150  C C   . GLY A 1 22  ? -3.576  11.493  -14.431 1.00 35.40  ? 37  GLY A C   1 
ATOM   151  O O   . GLY A 1 22  ? -4.650  12.003  -14.180 1.00 38.67  ? 37  GLY A O   1 
ATOM   152  N N   . GLY A 1 23  ? -3.367  10.189  -14.419 1.00 33.57  ? 38  GLY A N   1 
ATOM   153  C CA  . GLY A 1 23  ? -4.395  9.175   -14.287 1.00 32.94  ? 38  GLY A CA  1 
ATOM   154  C C   . GLY A 1 23  ? -4.146  8.481   -12.959 1.00 31.85  ? 38  GLY A C   1 
ATOM   155  O O   . GLY A 1 23  ? -3.041  8.569   -12.416 1.00 31.37  ? 38  GLY A O   1 
ATOM   156  N N   . PRO A 1 24  ? -5.172  7.829   -12.379 1.00 31.01  ? 39  PRO A N   1 
ATOM   157  C CA  . PRO A 1 24  ? -4.887  7.075   -11.169 1.00 29.70  ? 39  PRO A CA  1 
ATOM   158  C C   . PRO A 1 24  ? -3.888  5.895   -11.374 1.00 29.53  ? 39  PRO A C   1 
ATOM   159  O O   . PRO A 1 24  ? -3.821  5.307   -12.443 1.00 28.98  ? 39  PRO A O   1 
ATOM   160  C CB  . PRO A 1 24  ? -6.287  6.576   -10.725 1.00 31.19  ? 39  PRO A CB  1 
ATOM   161  C CG  . PRO A 1 24  ? -7.121  6.586   -12.022 1.00 28.29  ? 39  PRO A CG  1 
ATOM   162  C CD  . PRO A 1 24  ? -6.613  7.804   -12.737 1.00 31.75  ? 39  PRO A CD  1 
ATOM   163  N N   . TRP A 1 25  ? -3.135  5.544   -10.359 1.00 25.64  ? 40  TRP A N   1 
ATOM   164  C CA  . TRP A 1 25  ? -2.106  4.526   -10.541 1.00 26.24  ? 40  TRP A CA  1 
ATOM   165  C C   . TRP A 1 25  ? -1.817  3.693   -9.290  1.00 25.54  ? 40  TRP A C   1 
ATOM   166  O O   . TRP A 1 25  ? -1.905  2.428   -9.266  1.00 24.23  ? 40  TRP A O   1 
ATOM   167  C CB  . TRP A 1 25  ? -0.809  5.238   -11.004 1.00 24.46  ? 40  TRP A CB  1 
ATOM   168  C CG  . TRP A 1 25  ? 0.323   4.259   -11.361 1.00 26.71  ? 40  TRP A CG  1 
ATOM   169  C CD1 . TRP A 1 25  ? 1.524   4.079   -10.711 1.00 23.28  ? 40  TRP A CD1 1 
ATOM   170  C CD2 . TRP A 1 25  ? 0.339   3.336   -12.488 1.00 25.73  ? 40  TRP A CD2 1 
ATOM   171  N NE1 . TRP A 1 25  ? 2.290   3.172   -11.399 1.00 26.30  ? 40  TRP A NE1 1 
ATOM   172  C CE2 . TRP A 1 25  ? 1.591   2.660   -12.457 1.00 24.06  ? 40  TRP A CE2 1 
ATOM   173  C CE3 . TRP A 1 25  ? -0.535  3.109   -13.553 1.00 19.55  ? 40  TRP A CE3 1 
ATOM   174  C CZ2 . TRP A 1 25  ? 1.956   1.665   -13.421 1.00 22.35  ? 40  TRP A CZ2 1 
ATOM   175  C CZ3 . TRP A 1 25  ? -0.204  2.129   -14.481 1.00 27.12  ? 40  TRP A CZ3 1 
ATOM   176  C CH2 . TRP A 1 25  ? 1.051   1.413   -14.402 1.00 24.64  ? 40  TRP A CH2 1 
ATOM   177  N N   . CYS A 1 26  ? -1.422  4.382   -8.204  1.00 25.55  ? 41  CYS A N   1 
ATOM   178  C CA  . CYS A 1 26  ? -1.053  3.686   -6.950  1.00 25.73  ? 41  CYS A CA  1 
ATOM   179  C C   . CYS A 1 26  ? -1.375  4.505   -5.724  1.00 25.21  ? 41  CYS A C   1 
ATOM   180  O O   . CYS A 1 26  ? -1.835  5.645   -5.834  1.00 24.84  ? 41  CYS A O   1 
ATOM   181  C CB  . CYS A 1 26  ? 0.464   3.288   -6.941  1.00 25.45  ? 41  CYS A CB  1 
ATOM   182  S SG  . CYS A 1 26  ? 0.911   1.913   -7.938  1.00 26.45  ? 41  CYS A SG  1 
ATOM   183  N N   . GLY A 1 27  ? -1.203  3.895   -4.568  1.00 23.32  ? 42  GLY A N   1 
ATOM   184  C CA  . GLY A 1 27  ? -1.170  4.612   -3.331  1.00 23.23  ? 42  GLY A CA  1 
ATOM   185  C C   . GLY A 1 27  ? 0.193   4.559   -2.647  1.00 24.75  ? 42  GLY A C   1 
ATOM   186  O O   . GLY A 1 27  ? 1.121   3.975   -3.157  1.00 22.69  ? 42  GLY A O   1 
ATOM   187  N N   . GLY A 1 28  ? 0.278   5.243   -1.520  1.00 24.58  ? 43  GLY A N   1 
ATOM   188  C CA  . GLY A 1 28  ? 1.524   5.331   -0.795  1.00 25.94  ? 43  GLY A CA  1 
ATOM   189  C C   . GLY A 1 28  ? 1.305   5.800   0.631   1.00 24.03  ? 43  GLY A C   1 
ATOM   190  O O   . GLY A 1 28  ? 0.181   6.138   1.031   1.00 24.71  ? 43  GLY A O   1 
ATOM   191  N N   . SER A 1 29  ? 2.384   5.764   1.426   1.00 24.71  ? 44  SER A N   1 
ATOM   192  C CA  . SER A 1 29  ? 2.404   6.134   2.872   1.00 25.35  ? 44  SER A CA  1 
ATOM   193  C C   . SER A 1 29  ? 3.529   7.242   3.083   1.00 25.05  ? 44  SER A C   1 
ATOM   194  O O   . SER A 1 29  ? 4.737   7.072   2.763   1.00 25.14  ? 44  SER A O   1 
ATOM   195  C CB  . SER A 1 29  ? 2.616   4.962   3.853   1.00 23.07  ? 44  SER A CB  1 
ATOM   196  O OG  . SER A 1 29  ? 1.643   4.018   3.629   1.00 23.83  ? 44  SER A OG  1 
ATOM   197  N N   . LEU A 1 30  ? 3.097   8.373   3.612   1.00 25.37  ? 45  LEU A N   1 
ATOM   198  C CA  . LEU A 1 30  ? 3.986   9.499   4.004   1.00 25.49  ? 45  LEU A CA  1 
ATOM   199  C C   . LEU A 1 30  ? 4.723   9.121   5.289   1.00 25.21  ? 45  LEU A C   1 
ATOM   200  O O   . LEU A 1 30  ? 4.113   8.894   6.287   1.00 25.67  ? 45  LEU A O   1 
ATOM   201  C CB  . LEU A 1 30  ? 3.154   10.794  4.150   1.00 26.27  ? 45  LEU A CB  1 
ATOM   202  C CG  . LEU A 1 30  ? 3.861   12.132  4.011   1.00 28.46  ? 45  LEU A CG  1 
ATOM   203  C CD1 . LEU A 1 30  ? 4.604   12.363  2.653   1.00 23.21  ? 45  LEU A CD1 1 
ATOM   204  C CD2 . LEU A 1 30  ? 2.838   13.224  4.327   1.00 26.02  ? 45  LEU A CD2 1 
ATOM   205  N N   . LEU A 1 31  ? 6.061   8.998   5.189   1.00 25.44  ? 46  LEU A N   1 
ATOM   206  C CA  . LEU A 1 31  ? 6.956   8.610   6.255   1.00 24.88  ? 46  LEU A CA  1 
ATOM   207  C C   . LEU A 1 31  ? 7.399   9.820   7.027   1.00 24.40  ? 46  LEU A C   1 
ATOM   208  O O   . LEU A 1 31  ? 7.586   9.746   8.253   1.00 23.81  ? 46  LEU A O   1 
ATOM   209  C CB  . LEU A 1 31  ? 8.153   7.867   5.733   1.00 25.73  ? 46  LEU A CB  1 
ATOM   210  C CG  . LEU A 1 31  ? 7.853   6.436   5.122   1.00 26.02  ? 46  LEU A CG  1 
ATOM   211  C CD1 . LEU A 1 31  ? 9.221   5.764   4.900   1.00 21.83  ? 46  LEU A CD1 1 
ATOM   212  C CD2 . LEU A 1 31  ? 6.851   5.609   5.896   1.00 34.77  ? 46  LEU A CD2 1 
ATOM   213  N N   . ASN A 1 32  ? 7.551   10.936  6.303   1.00 23.35  ? 47  ASN A N   1 
ATOM   214  C CA  . ASN A 1 32  ? 7.962   12.224  6.846   1.00 23.19  ? 47  ASN A CA  1 
ATOM   215  C C   . ASN A 1 32  ? 7.741   13.313  5.752   1.00 22.27  ? 47  ASN A C   1 
ATOM   216  O O   . ASN A 1 32  ? 7.164   13.013  4.702   1.00 22.59  ? 47  ASN A O   1 
ATOM   217  C CB  . ASN A 1 32  ? 9.443   12.174  7.265   1.00 23.32  ? 47  ASN A CB  1 
ATOM   218  C CG  . ASN A 1 32  ? 10.407  11.781  6.127   1.00 24.23  ? 47  ASN A CG  1 
ATOM   219  O OD1 . ASN A 1 32  ? 10.486  12.477  5.128   1.00 21.73  ? 47  ASN A OD1 1 
ATOM   220  N ND2 . ASN A 1 32  ? 11.146  10.621  6.299   1.00 21.55  ? 47  ASN A ND2 1 
ATOM   221  N N   . ALA A 1 33  ? 8.220   14.527  5.978   1.00 24.67  ? 48  ALA A N   1 
ATOM   222  C CA  . ALA A 1 33  ? 7.893   15.701  5.089   1.00 23.95  ? 48  ALA A CA  1 
ATOM   223  C C   . ALA A 1 33  ? 8.360   15.508  3.637   1.00 25.08  ? 48  ALA A C   1 
ATOM   224  O O   . ALA A 1 33  ? 7.770   16.090  2.706   1.00 25.76  ? 48  ALA A O   1 
ATOM   225  C CB  . ALA A 1 33  ? 8.429   17.019  5.626   1.00 25.54  ? 48  ALA A CB  1 
ATOM   226  N N   . ASN A 1 34  ? 9.400   14.746  3.407   1.00 24.27  ? 49  ASN A N   1 
ATOM   227  C CA  . ASN A 1 34  ? 9.868   14.615  2.020   1.00 23.72  ? 49  ASN A CA  1 
ATOM   228  C C   . ASN A 1 34  ? 9.950   13.189  1.463   1.00 22.89  ? 49  ASN A C   1 
ATOM   229  O O   . ASN A 1 34  ? 10.582  12.968  0.490   1.00 21.82  ? 49  ASN A O   1 
ATOM   230  C CB  . ASN A 1 34  ? 11.178  15.350  1.874   1.00 24.19  ? 49  ASN A CB  1 
ATOM   231  C CG  . ASN A 1 34  ? 12.326  14.636  2.563   1.00 30.23  ? 49  ASN A CG  1 
ATOM   232  O OD1 . ASN A 1 34  ? 12.139  14.049  3.649   1.00 29.32  ? 49  ASN A OD1 1 
ATOM   233  N ND2 . ASN A 1 34  ? 13.510  14.653  1.929   1.00 40.93  ? 49  ASN A ND2 1 
ATOM   234  N N   . THR A 1 35  ? 9.223   12.259  2.055   1.00 24.05  ? 50  THR A N   1 
ATOM   235  C CA  . THR A 1 35  ? 9.441   10.821  1.878   1.00 23.28  ? 50  THR A CA  1 
ATOM   236  C C   . THR A 1 35  ? 8.118   10.064  1.865   1.00 23.14  ? 50  THR A C   1 
ATOM   237  O O   . THR A 1 35  ? 7.302   10.095  2.834   1.00 24.19  ? 50  THR A O   1 
ATOM   238  C CB  . THR A 1 35  ? 10.428  10.224  2.986   1.00 21.90  ? 50  THR A CB  1 
ATOM   239  O OG1 . THR A 1 35  ? 11.639  11.015  3.132   1.00 21.62  ? 50  THR A OG1 1 
ATOM   240  C CG2 . THR A 1 35  ? 10.799  8.746   2.648   1.00 26.76  ? 50  THR A CG2 1 
ATOM   241  N N   . VAL A 1 36  ? 7.966   9.275   0.806   1.00 23.89  ? 51  VAL A N   1 
ATOM   242  C CA  . VAL A 1 36  ? 6.827   8.394   0.604   1.00 24.87  ? 51  VAL A CA  1 
ATOM   243  C C   . VAL A 1 36  ? 7.346   6.950   0.406   1.00 25.01  ? 51  VAL A C   1 
ATOM   244  O O   . VAL A 1 36  ? 8.354   6.683   -0.333  1.00 23.33  ? 51  VAL A O   1 
ATOM   245  C CB  . VAL A 1 36  ? 5.846   8.865   -0.608  1.00 25.00  ? 51  VAL A CB  1 
ATOM   246  C CG1 . VAL A 1 36  ? 4.872   7.783   -1.077  1.00 20.64  ? 51  VAL A CG1 1 
ATOM   247  C CG2 . VAL A 1 36  ? 5.098   10.087  -0.268  1.00 30.50  ? 51  VAL A CG2 1 
ATOM   248  N N   . LEU A 1 37  ? 6.662   6.041   1.114   1.00 25.67  ? 52  LEU A N   1 
ATOM   249  C CA  . LEU A 1 37  ? 6.818   4.577   0.945   1.00 26.02  ? 52  LEU A CA  1 
ATOM   250  C C   . LEU A 1 37  ? 5.675   4.034   -0.004  1.00 26.25  ? 52  LEU A C   1 
ATOM   251  O O   . LEU A 1 37  ? 4.514   4.338   0.168   1.00 25.42  ? 52  LEU A O   1 
ATOM   252  C CB  . LEU A 1 37  ? 6.810   3.866   2.301   1.00 26.78  ? 52  LEU A CB  1 
ATOM   253  C CG  . LEU A 1 37  ? 7.056   2.332   2.207   1.00 25.87  ? 52  LEU A CG  1 
ATOM   254  C CD1 . LEU A 1 37  ? 8.525   2.064   1.767   1.00 25.95  ? 52  LEU A CD1 1 
ATOM   255  C CD2 . LEU A 1 37  ? 6.752   1.679   3.501   1.00 29.39  ? 52  LEU A CD2 1 
ATOM   256  N N   . THR A 1 38  ? 6.098   3.332   -1.051  1.00 24.77  ? 53  THR A N   1 
ATOM   257  C CA  . THR A 1 38  ? 5.188   2.690   -1.985  1.00 25.30  ? 53  THR A CA  1 
ATOM   258  C C   . THR A 1 38  ? 5.722   1.344   -2.364  1.00 23.76  ? 53  THR A C   1 
ATOM   259  O O   . THR A 1 38  ? 6.715   0.881   -1.773  1.00 24.90  ? 53  THR A O   1 
ATOM   260  C CB  . THR A 1 38  ? 4.817   3.602   -3.262  1.00 24.56  ? 53  THR A CB  1 
ATOM   261  O OG1 . THR A 1 38  ? 3.650   3.096   -3.936  1.00 24.90  ? 53  THR A OG1 1 
ATOM   262  C CG2 . THR A 1 38  ? 5.989   3.776   -4.214  1.00 26.82  ? 53  THR A CG2 1 
ATOM   263  N N   . ALA A 1 39  ? 4.997   0.678   -3.271  1.00 24.74  ? 54  ALA A N   1 
ATOM   264  C CA  . ALA A 1 39  ? 5.439   -0.552  -3.879  1.00 24.03  ? 54  ALA A CA  1 
ATOM   265  C C   . ALA A 1 39  ? 6.469   -0.295  -4.974  1.00 23.25  ? 54  ALA A C   1 
ATOM   266  O O   . ALA A 1 39  ? 6.349   0.617   -5.794  1.00 23.11  ? 54  ALA A O   1 
ATOM   267  C CB  . ALA A 1 39  ? 4.249   -1.445  -4.437  1.00 25.05  ? 54  ALA A CB  1 
ATOM   268  N N   . ALA A 1 40  ? 7.484   -1.139  -5.056  1.00 23.01  ? 55  ALA A N   1 
ATOM   269  C CA  . ALA A 1 40  ? 8.459   -1.056  -6.144  1.00 24.01  ? 55  ALA A CA  1 
ATOM   270  C C   . ALA A 1 40  ? 7.864   -1.180  -7.485  1.00 25.97  ? 55  ALA A C   1 
ATOM   271  O O   . ALA A 1 40  ? 8.242   -0.410  -8.410  1.00 25.36  ? 55  ALA A O   1 
ATOM   272  C CB  . ALA A 1 40  ? 9.600   -2.059  -5.973  1.00 25.58  ? 55  ALA A CB  1 
ATOM   273  N N   . HIS A 1 41  ? 6.927   -2.119  -7.625  1.00 25.54  ? 56  HIS A N   1 
ATOM   274  C CA  . HIS A 1 41  ? 6.270   -2.269  -8.918  1.00 26.67  ? 56  HIS A CA  1 
ATOM   275  C C   . HIS A 1 41  ? 5.433   -0.981  -9.372  1.00 25.66  ? 56  HIS A C   1 
ATOM   276  O O   . HIS A 1 41  ? 5.223   -0.798  -10.563 1.00 25.25  ? 56  HIS A O   1 
ATOM   277  C CB  . HIS A 1 41  ? 5.473   -3.593  -9.004  1.00 28.34  ? 56  HIS A CB  1 
ATOM   278  C CG  . HIS A 1 41  ? 4.066   -3.480  -8.494  1.00 27.20  ? 56  HIS A CG  1 
ATOM   279  N ND1 . HIS A 1 41  ? 3.701   -3.855  -7.204  1.00 31.67  ? 56  HIS A ND1 1 
ATOM   280  C CD2 . HIS A 1 41  ? 2.950   -2.952  -9.070  1.00 33.52  ? 56  HIS A CD2 1 
ATOM   281  C CE1 . HIS A 1 41  ? 2.413   -3.587  -7.031  1.00 36.56  ? 56  HIS A CE1 1 
ATOM   282  N NE2 . HIS A 1 41  ? 1.920   -3.084  -8.163  1.00 29.22  ? 56  HIS A NE2 1 
ATOM   283  N N   . CYS A 1 42  ? 4.989   -0.121  -8.450  1.00 24.78  ? 57  CYS A N   1 
ATOM   284  C CA  . CYS A 1 42  ? 4.494   1.198   -8.854  1.00 24.91  ? 57  CYS A CA  1 
ATOM   285  C C   . CYS A 1 42  ? 5.411   2.077   -9.654  1.00 25.11  ? 57  CYS A C   1 
ATOM   286  O O   . CYS A 1 42  ? 4.929   2.846   -10.489 1.00 26.40  ? 57  CYS A O   1 
ATOM   287  C CB  . CYS A 1 42  ? 3.930   1.998   -7.672  1.00 25.99  ? 57  CYS A CB  1 
ATOM   288  S SG  . CYS A 1 42  ? 2.507   1.142   -6.908  1.00 27.64  ? 57  CYS A SG  1 
ATOM   289  N N   . VAL A 1 43  ? 6.703   2.059   -9.337  1.00 24.00  ? 58  VAL A N   1 
ATOM   290  C CA  . VAL A 1 43  ? 7.661   3.032   -9.893  1.00 24.61  ? 58  VAL A CA  1 
ATOM   291  C C   . VAL A 1 43  ? 8.851   2.483   -10.657 1.00 23.13  ? 58  VAL A C   1 
ATOM   292  O O   . VAL A 1 43  ? 9.463   3.222   -11.516 1.00 23.49  ? 58  VAL A O   1 
ATOM   293  C CB  . VAL A 1 43  ? 8.176   3.990   -8.780  1.00 24.24  ? 58  VAL A CB  1 
ATOM   294  C CG1 . VAL A 1 43  ? 7.030   4.887   -8.283  1.00 27.33  ? 58  VAL A CG1 1 
ATOM   295  C CG2 . VAL A 1 43  ? 8.740   3.165   -7.637  1.00 26.70  ? 58  VAL A CG2 1 
ATOM   296  N N   . SER A 1 44  ? 9.202   1.205   -10.421 1.00 23.28  ? 59  SER A N   1 
ATOM   297  C CA  . SER A 1 44  ? 10.382  0.602   -10.972 1.00 23.77  ? 59  SER A CA  1 
ATOM   298  C C   . SER A 1 44  ? 10.409  0.656   -12.513 1.00 24.32  ? 59  SER A C   1 
ATOM   299  O O   . SER A 1 44  ? 9.492   0.151   -13.178 1.00 25.64  ? 59  SER A O   1 
ATOM   300  C CB  . SER A 1 44  ? 10.572  -0.881  -10.497 1.00 23.13  ? 59  SER A CB  1 
ATOM   301  O OG  . SER A 1 44  ? 11.804  -1.398  -11.020 1.00 22.16  ? 59  SER A OG  1 
ATOM   302  N N   . GLY A 1 45  ? 11.458  1.301   -13.041 1.00 23.82  ? 60  GLY A N   1 
ATOM   303  C CA  . GLY A 1 45  ? 11.746  1.373   -14.473 1.00 23.29  ? 60  GLY A CA  1 
ATOM   304  C C   . GLY A 1 45  ? 10.983  2.396   -15.308 1.00 22.75  ? 60  GLY A C   1 
ATOM   305  O O   . GLY A 1 45  ? 11.304  2.556   -16.490 1.00 25.52  ? 60  GLY A O   1 
ATOM   306  N N   . TYR A 1 46  ? 9.958   3.001   -14.726 1.00 22.74  ? 61  TYR A N   1 
ATOM   307  C CA  . TYR A 1 46  ? 9.075   3.991   -15.367 1.00 21.10  ? 61  TYR A CA  1 
ATOM   308  C C   . TYR A 1 46  ? 9.649   5.404   -15.257 1.00 20.47  ? 61  TYR A C   1 
ATOM   309  O O   . TYR A 1 46  ? 10.386  5.707   -14.310 1.00 21.77  ? 61  TYR A O   1 
ATOM   310  C CB  . TYR A 1 46  ? 7.714   4.002   -14.678 1.00 22.83  ? 61  TYR A CB  1 
ATOM   311  C CG  . TYR A 1 46  ? 6.918   2.725   -14.680 1.00 21.88  ? 61  TYR A CG  1 
ATOM   312  C CD1 . TYR A 1 46  ? 6.680   2.029   -15.873 1.00 22.18  ? 61  TYR A CD1 1 
ATOM   313  C CD2 . TYR A 1 46  ? 6.382   2.241   -13.497 1.00 22.41  ? 61  TYR A CD2 1 
ATOM   314  C CE1 . TYR A 1 46  ? 5.930   0.858   -15.880 1.00 22.09  ? 61  TYR A CE1 1 
ATOM   315  C CE2 . TYR A 1 46  ? 5.626   1.054   -13.479 1.00 24.31  ? 61  TYR A CE2 1 
ATOM   316  C CZ  . TYR A 1 46  ? 5.391   0.392   -14.683 1.00 22.05  ? 61  TYR A CZ  1 
ATOM   317  O OH  . TYR A 1 46  ? 4.623   -0.731  -14.684 1.00 25.16  ? 61  TYR A OH  1 
ATOM   318  N N   . ALA A 1 47  ? 9.299   6.281   -16.184 1.00 19.56  ? 62  ALA A N   1 
ATOM   319  C CA  . ALA A 1 47  ? 9.722   7.704   -16.137 1.00 20.10  ? 62  ALA A CA  1 
ATOM   320  C C   . ALA A 1 47  ? 9.191   8.310   -14.802 1.00 21.08  ? 62  ALA A C   1 
ATOM   321  O O   . ALA A 1 47  ? 7.989   8.350   -14.557 1.00 20.53  ? 62  ALA A O   1 
ATOM   322  C CB  . ALA A 1 47  ? 9.174   8.464   -17.286 1.00 17.04  ? 62  ALA A CB  1 
ATOM   323  N N   . GLN A 1 48  ? 10.134  8.773   -13.979 1.00 21.03  ? 63  GLN A N   1 
ATOM   324  C CA  . GLN A 1 48  ? 9.880   9.431   -12.698 1.00 23.10  ? 63  GLN A CA  1 
ATOM   325  C C   . GLN A 1 48  ? 8.976   10.705  -12.754 1.00 20.83  ? 63  GLN A C   1 
ATOM   326  O O   . GLN A 1 48  ? 8.197   11.022  -11.795 1.00 23.14  ? 63  GLN A O   1 
ATOM   327  C CB  . GLN A 1 48  ? 11.248  9.848   -12.202 1.00 25.07  ? 63  GLN A CB  1 
ATOM   328  C CG  . GLN A 1 48  ? 11.437  9.711   -10.757 1.00 35.92  ? 63  GLN A CG  1 
ATOM   329  C CD  . GLN A 1 48  ? 12.807  10.263  -10.386 1.00 26.75  ? 63  GLN A CD  1 
ATOM   330  O OE1 . GLN A 1 48  ? 13.033  11.513  -10.393 1.00 35.86  ? 63  GLN A OE1 1 
ATOM   331  N NE2 . GLN A 1 48  ? 13.747  9.326   -10.150 1.00 36.10  ? 63  GLN A NE2 1 
ATOM   332  N N   . SER A 1 49  ? 9.126   11.380  -13.882 1.00 21.65  ? 64  SER A N   1 
ATOM   333  C CA  . SER A 1 49  ? 8.447   12.622  -14.278 1.00 22.85  ? 64  SER A CA  1 
ATOM   334  C C   . SER A 1 49  ? 6.913   12.412  -14.312 1.00 23.86  ? 64  SER A C   1 
ATOM   335  O O   . SER A 1 49  ? 6.151   13.375  -14.190 1.00 23.51  ? 64  SER A O   1 
ATOM   336  C CB  . SER A 1 49  ? 9.028   13.134  -15.615 1.00 23.81  ? 64  SER A CB  1 
ATOM   337  O OG  . SER A 1 49  ? 8.775   12.277  -16.737 1.00 25.70  ? 64  SER A OG  1 
ATOM   338  N N   . GLY A 1 50  ? 6.483   11.161  -14.493 1.00 22.85  ? 65  GLY A N   1 
ATOM   339  C CA  . GLY A 1 50  ? 5.077   10.805  -14.705 1.00 24.23  ? 65  GLY A CA  1 
ATOM   340  C C   . GLY A 1 50  ? 4.278   10.905  -13.454 1.00 24.64  ? 65  GLY A C   1 
ATOM   341  O O   . GLY A 1 50  ? 3.024   10.967  -13.471 1.00 26.60  ? 65  GLY A O   1 
ATOM   342  N N   . PHE A 1 51  ? 5.004   10.863  -12.350 1.00 23.30  ? 66  PHE A N   1 
ATOM   343  C CA  . PHE A 1 51  ? 4.408   10.716  -11.031 1.00 24.26  ? 66  PHE A CA  1 
ATOM   344  C C   . PHE A 1 51  ? 4.130   12.034  -10.318 1.00 24.94  ? 66  PHE A C   1 
ATOM   345  O O   . PHE A 1 51  ? 4.911   13.011  -10.373 1.00 27.00  ? 66  PHE A O   1 
ATOM   346  C CB  . PHE A 1 51  ? 5.206   9.761   -10.139 1.00 23.14  ? 66  PHE A CB  1 
ATOM   347  C CG  . PHE A 1 51  ? 5.368   8.376   -10.748 1.00 22.10  ? 66  PHE A CG  1 
ATOM   348  C CD1 . PHE A 1 51  ? 4.281   7.497   -10.735 1.00 23.54  ? 66  PHE A CD1 1 
ATOM   349  C CD2 . PHE A 1 51  ? 6.569   7.973   -11.342 1.00 20.34  ? 66  PHE A CD2 1 
ATOM   350  C CE1 . PHE A 1 51  ? 4.363   6.214   -11.324 1.00 21.37  ? 66  PHE A CE1 1 
ATOM   351  C CE2 . PHE A 1 51  ? 6.703   6.666   -11.951 1.00 21.15  ? 66  PHE A CE2 1 
ATOM   352  C CZ  . PHE A 1 51  ? 5.594   5.795   -11.935 1.00 22.63  ? 66  PHE A CZ  1 
ATOM   353  N N   . GLN A 1 52  ? 2.939   12.048  -9.742  1.00 27.49  ? 67  GLN A N   1 
ATOM   354  C CA  . GLN A 1 52  ? 2.541   13.018  -8.781  1.00 29.51  ? 67  GLN A CA  1 
ATOM   355  C C   . GLN A 1 52  ? 1.974   12.355  -7.537  1.00 28.84  ? 67  GLN A C   1 
ATOM   356  O O   . GLN A 1 52  ? 1.201   11.426  -7.621  1.00 29.12  ? 67  GLN A O   1 
ATOM   357  C CB  . GLN A 1 52  ? 1.513   14.017  -9.348  1.00 27.99  ? 67  GLN A CB  1 
ATOM   358  C CG  . GLN A 1 52  ? 1.566   15.316  -8.461  1.00 31.53  ? 67  GLN A CG  1 
ATOM   359  C CD  . GLN A 1 52  ? 0.917   16.581  -9.002  1.00 35.56  ? 67  GLN A CD  1 
ATOM   360  O OE1 . GLN A 1 52  ? -0.330  16.735  -8.956  1.00 42.79  ? 67  GLN A OE1 1 
ATOM   361  N NE2 . GLN A 1 52  ? 1.795   17.561  -9.393  1.00 46.29  ? 67  GLN A NE2 1 
ATOM   362  N N   . ILE A 1 53  ? 2.336   12.921  -6.403  1.00 28.25  ? 68  ILE A N   1 
ATOM   363  C CA  . ILE A 1 53  ? 1.813   12.587  -5.092  1.00 27.93  ? 68  ILE A CA  1 
ATOM   364  C C   . ILE A 1 53  ? 0.810   13.654  -4.638  1.00 27.43  ? 68  ILE A C   1 
ATOM   365  O O   . ILE A 1 53  ? 1.035   14.885  -4.840  1.00 26.71  ? 68  ILE A O   1 
ATOM   366  C CB  . ILE A 1 53  ? 3.016   12.439  -4.076  1.00 29.35  ? 68  ILE A CB  1 
ATOM   367  C CG1 . ILE A 1 53  ? 3.579   11.056  -4.149  1.00 34.26  ? 68  ILE A CG1 1 
ATOM   368  C CG2 . ILE A 1 53  ? 2.612   12.726  -2.646  1.00 30.44  ? 68  ILE A CG2 1 
ATOM   369  C CD1 . ILE A 1 53  ? 3.988   10.572  -5.489  1.00 33.77  ? 68  ILE A CD1 1 
ATOM   370  N N   . ARG A 1 54  ? -0.275  13.181  -4.002  1.00 25.90  ? 69  ARG A N   1 
ATOM   371  C CA  . ARG A 1 54  ? -1.234  14.035  -3.301  1.00 26.38  ? 69  ARG A CA  1 
ATOM   372  C C   . ARG A 1 54  ? -1.497  13.509  -1.861  1.00 26.03  ? 69  ARG A C   1 
ATOM   373  O O   . ARG A 1 54  ? -1.810  12.369  -1.643  1.00 24.11  ? 69  ARG A O   1 
ATOM   374  C CB  . ARG A 1 54  ? -2.542  14.261  -4.127  1.00 26.15  ? 69  ARG A CB  1 
ATOM   375  C CG  . ARG A 1 54  ? -3.695  15.077  -3.388  1.00 22.49  ? 69  ARG A CG  1 
ATOM   376  C CD  . ARG A 1 54  ? -4.997  15.043  -4.254  1.00 28.19  ? 69  ARG A CD  1 
ATOM   377  N NE  . ARG A 1 54  ? -4.712  15.451  -5.679  1.00 27.16  ? 69  ARG A NE  1 
ATOM   378  C CZ  . ARG A 1 54  ? -4.592  16.690  -6.173  1.00 25.71  ? 69  ARG A CZ  1 
ATOM   379  N NH1 . ARG A 1 54  ? -4.774  17.782  -5.423  1.00 30.11  ? 69  ARG A NH1 1 
ATOM   380  N NH2 . ARG A 1 54  ? -4.354  16.868  -7.466  1.00 30.40  ? 69  ARG A NH2 1 
ATOM   381  N N   . ALA A 1 55  ? -1.394  14.413  -0.909  1.00 26.33  ? 70  ALA A N   1 
ATOM   382  C CA  . ALA A 1 55  ? -1.546  14.140  0.549   1.00 25.67  ? 70  ALA A CA  1 
ATOM   383  C C   . ALA A 1 55  ? -2.630  15.097  1.086   1.00 25.14  ? 70  ALA A C   1 
ATOM   384  O O   . ALA A 1 55  ? -2.830  16.211  0.562   1.00 27.02  ? 70  ALA A O   1 
ATOM   385  C CB  . ALA A 1 55  ? -0.220  14.387  1.287   1.00 26.46  ? 70  ALA A CB  1 
ATOM   386  N N   . GLY A 1 56  ? -3.217  14.706  2.211   1.00 25.35  ? 71  GLY A N   1 
ATOM   387  C CA  . GLY A 1 56  ? -4.126  15.471  3.006   1.00 25.88  ? 71  GLY A CA  1 
ATOM   388  C C   . GLY A 1 56  ? -5.478  15.667  2.363   1.00 26.81  ? 71  GLY A C   1 
ATOM   389  O O   . GLY A 1 56  ? -6.014  16.812  2.378   1.00 30.52  ? 71  GLY A O   1 
ATOM   390  N N   . SER A 1 57  ? -5.906  14.626  1.629   1.00 26.40  ? 72  SER A N   1 
ATOM   391  C CA  . SER A 1 57  ? -7.217  14.599  0.954   1.00 26.01  ? 72  SER A CA  1 
ATOM   392  C C   . SER A 1 57  ? -7.786  13.205  0.892   1.00 26.80  ? 72  SER A C   1 
ATOM   393  O O   . SER A 1 57  ? -7.074  12.228  0.672   1.00 25.44  ? 72  SER A O   1 
ATOM   394  C CB  . SER A 1 57  ? -7.206  15.179  -0.470  1.00 24.39  ? 72  SER A CB  1 
ATOM   395  O OG  . SER A 1 57  ? -8.518  15.493  -0.794  1.00 26.04  ? 72  SER A OG  1 
ATOM   396  N N   . LEU A 1 58  ? -9.113  13.134  1.035   1.00 26.49  ? 73  LEU A N   1 
ATOM   397  C CA  . LEU A 1 58  ? -9.830  11.867  0.717   1.00 24.48  ? 73  LEU A CA  1 
ATOM   398  C C   . LEU A 1 58  ? -9.896  11.633  -0.810  1.00 23.47  ? 73  LEU A C   1 
ATOM   399  O O   . LEU A 1 58  ? -10.062 10.512  -1.261  1.00 22.76  ? 73  LEU A O   1 
ATOM   400  C CB  . LEU A 1 58  ? -11.193 11.896  1.399   1.00 22.80  ? 73  LEU A CB  1 
ATOM   401  C CG  . LEU A 1 58  ? -11.395 11.730  2.911   1.00 23.07  ? 73  LEU A CG  1 
ATOM   402  C CD1 . LEU A 1 58  ? -12.826 11.976  3.260   1.00 23.84  ? 73  LEU A CD1 1 
ATOM   403  C CD2 . LEU A 1 58  ? -10.826 10.388  3.490   1.00 26.03  ? 73  LEU A CD2 1 
ATOM   404  N N   . SER A 1 59  ? -9.783  12.722  -1.600  1.00 23.72  ? 74  SER A N   1 
ATOM   405  C CA  . SER A 1 59  ? -9.831  12.733  -3.071  1.00 24.25  ? 74  SER A CA  1 
ATOM   406  C C   . SER A 1 59  ? -8.417  12.560  -3.585  1.00 23.83  ? 74  SER A C   1 
ATOM   407  O O   . SER A 1 59  ? -7.444  13.184  -3.140  1.00 25.03  ? 74  SER A O   1 
ATOM   408  C CB  . SER A 1 59  ? -10.464 14.010  -3.573  1.00 22.36  ? 74  SER A CB  1 
ATOM   409  O OG  . SER A 1 59  ? -10.343 14.129  -4.969  1.00 25.22  ? 74  SER A OG  1 
ATOM   410  N N   . ARG A 1 60  ? -8.311  11.699  -4.565  1.00 25.58  ? 75  ARG A N   1 
ATOM   411  C CA  . ARG A 1 60  ? -7.121  11.605  -5.418  1.00 24.29  ? 75  ARG A CA  1 
ATOM   412  C C   . ARG A 1 60  ? -6.979  12.677  -6.498  1.00 23.83  ? 75  ARG A C   1 
ATOM   413  O O   . ARG A 1 60  ? -5.938  12.766  -7.105  1.00 24.78  ? 75  ARG A O   1 
ATOM   414  C CB  . ARG A 1 60  ? -6.978  10.179  -6.012  1.00 22.98  ? 75  ARG A CB  1 
ATOM   415  C CG  . ARG A 1 60  ? -8.070  9.784   -6.910  1.00 23.93  ? 75  ARG A CG  1 
ATOM   416  C CD  . ARG A 1 60  ? -7.828  8.532   -7.770  1.00 25.06  ? 75  ARG A CD  1 
ATOM   417  N NE  . ARG A 1 60  ? -9.032  8.173   -8.512  1.00 26.99  ? 75  ARG A NE  1 
ATOM   418  C CZ  . ARG A 1 60  ? -9.412  8.715   -9.671  1.00 26.85  ? 75  ARG A CZ  1 
ATOM   419  N NH1 . ARG A 1 60  ? -8.675  9.653   -10.281 1.00 27.56  ? 75  ARG A NH1 1 
ATOM   420  N NH2 . ARG A 1 60  ? -10.535 8.316   -10.245 1.00 28.24  ? 75  ARG A NH2 1 
ATOM   421  N N   . THR A 1 61  ? -7.994  13.531  -6.714  1.00 24.58  ? 76  THR A N   1 
ATOM   422  C CA  . THR A 1 61  ? -7.973  14.546  -7.735  1.00 24.90  ? 76  THR A CA  1 
ATOM   423  C C   . THR A 1 61  ? -7.855  15.941  -7.234  1.00 24.89  ? 76  THR A C   1 
ATOM   424  O O   . THR A 1 61  ? -7.448  16.806  -7.975  1.00 27.08  ? 76  THR A O   1 
ATOM   425  C CB  . THR A 1 61  ? -9.173  14.434  -8.679  1.00 24.99  ? 76  THR A CB  1 
ATOM   426  O OG1 . THR A 1 61  ? -10.423 14.661  -7.991  1.00 23.70  ? 76  THR A OG1 1 
ATOM   427  C CG2 . THR A 1 61  ? -9.224  13.095  -9.349  1.00 25.36  ? 76  THR A CG2 1 
ATOM   428  N N   . SER A 1 62  ? -8.176  16.159  -5.964  1.00 25.07  ? 77  SER A N   1 
ATOM   429  C CA  . SER A 1 62  ? -8.477  17.501  -5.491  1.00 27.14  ? 77  SER A CA  1 
ATOM   430  C C   . SER A 1 62  ? -8.148  17.624  -4.028  1.00 25.93  ? 77  SER A C   1 
ATOM   431  O O   . SER A 1 62  ? -8.279  16.667  -3.261  1.00 25.26  ? 77  SER A O   1 
ATOM   432  C CB  . SER A 1 62  ? -9.974  17.850  -5.685  1.00 28.36  ? 77  SER A CB  1 
ATOM   433  O OG  . SER A 1 62  ? -10.326 17.918  -7.061  1.00 39.27  ? 77  SER A OG  1 
ATOM   434  N N   . GLY A 1 63  ? -7.721  18.815  -3.664  1.00 26.62  ? 78  GLY A N   1 
ATOM   435  C CA  . GLY A 1 63  ? -7.379  19.173  -2.287  1.00 26.90  ? 78  GLY A CA  1 
ATOM   436  C C   . GLY A 1 63  ? -6.044  18.652  -1.864  1.00 26.20  ? 78  GLY A C   1 
ATOM   437  O O   . GLY A 1 63  ? -5.386  17.829  -2.528  1.00 23.88  ? 78  GLY A O   1 
ATOM   438  N N   . GLY A 1 64  ? -5.629  19.146  -0.697  1.00 26.81  ? 79  GLY A N   1 
ATOM   439  C CA  . GLY A 1 64  ? -4.369  18.687  -0.104  1.00 25.56  ? 79  GLY A CA  1 
ATOM   440  C C   . GLY A 1 64  ? -3.161  19.343  -0.802  1.00 23.94  ? 79  GLY A C   1 
ATOM   441  O O   . GLY A 1 64  ? -3.235  20.380  -1.451  1.00 23.39  ? 79  GLY A O   1 
ATOM   442  N N   . ILE A 1 65  ? -2.053  18.723  -0.619  1.00 24.82  ? 80  ILE A N   1 
ATOM   443  C CA  . ILE A 1 65  ? -0.810  19.211  -1.095  1.00 26.81  ? 80  ILE A CA  1 
ATOM   444  C C   . ILE A 1 65  ? -0.260  18.187  -2.089  1.00 25.45  ? 80  ILE A C   1 
ATOM   445  O O   . ILE A 1 65  ? -0.323  16.986  -1.839  1.00 24.80  ? 80  ILE A O   1 
ATOM   446  C CB  . ILE A 1 65  ? 0.215   19.436  0.027   1.00 26.13  ? 80  ILE A CB  1 
ATOM   447  C CG1 . ILE A 1 65  ? -0.274  20.449  1.024   1.00 22.47  ? 80  ILE A CG1 1 
ATOM   448  C CG2 . ILE A 1 65  ? 1.564   19.880  -0.590  1.00 28.73  ? 80  ILE A CG2 1 
ATOM   449  C CD1 . ILE A 1 65  ? 0.664   20.515  2.419   1.00 29.13  ? 80  ILE A CD1 1 
ATOM   450  N N   . THR A 1 66  ? 0.268   18.714  -3.209  1.00 24.98  ? 81  THR A N   1 
ATOM   451  C CA  . THR A 1 66  ? 0.866   17.853  -4.224  1.00 26.88  ? 81  THR A CA  1 
ATOM   452  C C   . THR A 1 66  ? 2.409   17.998  -4.276  1.00 25.31  ? 81  THR A C   1 
ATOM   453  O O   . THR A 1 66  ? 2.974   19.050  -3.930  1.00 24.96  ? 81  THR A O   1 
ATOM   454  C CB  . THR A 1 66  ? 0.206   18.089  -5.615  1.00 26.51  ? 81  THR A CB  1 
ATOM   455  O OG1 . THR A 1 66  ? 0.560   19.374  -6.062  1.00 24.67  ? 81  THR A OG1 1 
ATOM   456  C CG2 . THR A 1 66  ? -1.346  17.875  -5.562  1.00 27.61  ? 81  THR A CG2 1 
ATOM   457  N N   . SER A 1 67  ? 3.066   16.955  -4.763  1.00 26.37  ? 82  SER A N   1 
ATOM   458  C CA  . SER A 1 67  ? 4.510   16.993  -5.024  1.00 26.61  ? 82  SER A CA  1 
ATOM   459  C C   . SER A 1 67  ? 4.902   16.121  -6.233  1.00 25.12  ? 82  SER A C   1 
ATOM   460  O O   . SER A 1 67  ? 4.331   15.054  -6.484  1.00 26.08  ? 82  SER A O   1 
ATOM   461  C CB  . SER A 1 67  ? 5.307   16.525  -3.794  1.00 27.41  ? 82  SER A CB  1 
ATOM   462  O OG  . SER A 1 67  ? 6.667   16.590  -4.078  1.00 25.69  ? 82  SER A OG  1 
ATOM   463  N N   . SER A 1 68  ? 5.849   16.611  -7.003  1.00 25.74  ? 83  SER A N   1 
ATOM   464  C CA  . SER A 1 68  ? 6.540   15.753  -7.921  1.00 25.77  ? 83  SER A CA  1 
ATOM   465  C C   . SER A 1 68  ? 7.692   14.999  -7.168  1.00 24.89  ? 83  SER A C   1 
ATOM   466  O O   . SER A 1 68  ? 7.976   15.246  -6.003  1.00 22.44  ? 83  SER A O   1 
ATOM   467  C CB  . SER A 1 68  ? 6.939   16.604  -9.124  1.00 26.92  ? 83  SER A CB  1 
ATOM   468  O OG  . SER A 1 68  ? 7.599   17.686  -8.638  1.00 35.39  ? 83  SER A OG  1 
ATOM   469  N N   . LEU A 1 69  ? 8.362   14.093  -7.867  1.00 25.31  ? 84  LEU A N   1 
ATOM   470  C CA  . LEU A 1 69  ? 9.445   13.314  -7.314  1.00 24.92  ? 84  LEU A CA  1 
ATOM   471  C C   . LEU A 1 69  ? 10.801  13.840  -7.631  1.00 25.32  ? 84  LEU A C   1 
ATOM   472  O O   . LEU A 1 69  ? 11.080  14.221  -8.753  1.00 24.51  ? 84  LEU A O   1 
ATOM   473  C CB  . LEU A 1 69  ? 9.319   11.839  -7.775  1.00 25.53  ? 84  LEU A CB  1 
ATOM   474  C CG  . LEU A 1 69  ? 7.986   11.124  -7.541  1.00 25.65  ? 84  LEU A CG  1 
ATOM   475  C CD1 . LEU A 1 69  ? 8.045   9.646   -7.952  1.00 29.12  ? 84  LEU A CD1 1 
ATOM   476  C CD2 . LEU A 1 69  ? 7.660   11.247  -6.097  1.00 26.20  ? 84  LEU A CD2 1 
ATOM   477  N N   . SER A 1 70  ? 11.657  13.917  -6.624  1.00 25.51  ? 85  SER A N   1 
ATOM   478  C CA  . SER A 1 70  ? 13.017  14.275  -6.861  1.00 25.88  ? 85  SER A CA  1 
ATOM   479  C C   . SER A 1 70  ? 13.879  13.013  -7.152  1.00 24.49  ? 85  SER A C   1 
ATOM   480  O O   . SER A 1 70  ? 14.818  13.073  -7.992  1.00 24.08  ? 85  SER A O   1 
ATOM   481  C CB  . SER A 1 70  ? 13.612  15.120  -5.725  1.00 26.20  ? 85  SER A CB  1 
ATOM   482  O OG  . SER A 1 70  ? 13.386  14.435  -4.559  1.00 27.67  ? 85  SER A OG  1 
ATOM   483  N N   . SER A 1 71  ? 13.517  11.903  -6.512  1.00 26.17  ? 86  SER A N   1 
ATOM   484  C CA  . SER A 1 71  ? 14.252  10.595  -6.603  1.00 25.65  ? 86  SER A CA  1 
ATOM   485  C C   . SER A 1 71  ? 13.374  9.380   -6.202  1.00 25.10  ? 86  SER A C   1 
ATOM   486  O O   . SER A 1 71  ? 12.377  9.501   -5.474  1.00 24.78  ? 86  SER A O   1 
ATOM   487  C CB  . SER A 1 71  ? 15.577  10.637  -5.836  1.00 25.35  ? 86  SER A CB  1 
ATOM   488  O OG  . SER A 1 71  ? 15.356  10.769  -4.458  1.00 28.52  ? 86  SER A OG  1 
ATOM   489  N N   . VAL A 1 72  ? 13.777  8.239   -6.761  1.00 24.56  ? 87  VAL A N   1 
ATOM   490  C CA  . VAL A 1 72  ? 13.220  6.931   -6.553  1.00 25.97  ? 87  VAL A CA  1 
ATOM   491  C C   . VAL A 1 72  ? 14.307  5.958   -6.169  1.00 25.98  ? 87  VAL A C   1 
ATOM   492  O O   . VAL A 1 72  ? 15.279  5.825   -6.905  1.00 29.60  ? 87  VAL A O   1 
ATOM   493  C CB  . VAL A 1 72  ? 12.481  6.435   -7.840  1.00 27.53  ? 87  VAL A CB  1 
ATOM   494  C CG1 . VAL A 1 72  ? 11.905  5.044   -7.650  1.00 26.22  ? 87  VAL A CG1 1 
ATOM   495  C CG2 . VAL A 1 72  ? 11.327  7.377   -8.209  1.00 26.89  ? 87  VAL A CG2 1 
ATOM   496  N N   . ARG A 1 73  ? 14.171  5.329   -4.992  1.00 25.62  ? 88  ARG A N   1 
ATOM   497  C CA  . ARG A 1 73  ? 15.030  4.277   -4.512  1.00 27.09  ? 88  ARG A CA  1 
ATOM   498  C C   . ARG A 1 73  ? 14.154  3.025   -4.368  1.00 27.02  ? 88  ARG A C   1 
ATOM   499  O O   . ARG A 1 73  ? 13.348  2.836   -3.457  1.00 27.63  ? 88  ARG A O   1 
ATOM   500  C CB  . ARG A 1 73  ? 15.651  4.616   -3.209  1.00 28.10  ? 88  ARG A CB  1 
ATOM   501  N N   . VAL A 1 74  ? 14.314  2.135   -5.327  1.00 28.36  ? 89  VAL A N   1 
ATOM   502  C CA  . VAL A 1 74  ? 13.722  0.814   -5.246  1.00 27.06  ? 89  VAL A CA  1 
ATOM   503  C C   . VAL A 1 74  ? 14.580  -0.049  -4.325  1.00 25.86  ? 89  VAL A C   1 
ATOM   504  O O   . VAL A 1 74  ? 15.831  0.103   -4.265  1.00 23.76  ? 89  VAL A O   1 
ATOM   505  C CB  . VAL A 1 74  ? 13.532  0.256   -6.688  1.00 26.59  ? 89  VAL A CB  1 
ATOM   506  C CG1 . VAL A 1 74  ? 13.030  -1.128  -6.617  1.00 29.87  ? 89  VAL A CG1 1 
ATOM   507  C CG2 . VAL A 1 74  ? 12.562  1.126   -7.495  1.00 28.26  ? 89  VAL A CG2 1 
ATOM   508  N N   . HIS A 1 75  ? 13.948  -0.963  -3.587  1.00 27.28  ? 90  HIS A N   1 
ATOM   509  C CA  . HIS A 1 75  ? 14.684  -1.958  -2.711  1.00 27.23  ? 90  HIS A CA  1 
ATOM   510  C C   . HIS A 1 75  ? 15.735  -2.648  -3.608  1.00 28.39  ? 90  HIS A C   1 
ATOM   511  O O   . HIS A 1 75  ? 15.377  -3.103  -4.694  1.00 27.38  ? 90  HIS A O   1 
ATOM   512  C CB  . HIS A 1 75  ? 13.775  -3.022  -2.047  1.00 26.54  ? 90  HIS A CB  1 
ATOM   513  C CG  . HIS A 1 75  ? 14.410  -3.834  -0.934  1.00 27.98  ? 90  HIS A CG  1 
ATOM   514  N ND1 . HIS A 1 75  ? 15.402  -4.777  -1.148  1.00 25.45  ? 90  HIS A ND1 1 
ATOM   515  C CD2 . HIS A 1 75  ? 14.100  -3.923  0.396   1.00 27.80  ? 90  HIS A CD2 1 
ATOM   516  C CE1 . HIS A 1 75  ? 15.723  -5.352  -0.003  1.00 31.71  ? 90  HIS A CE1 1 
ATOM   517  N NE2 . HIS A 1 75  ? 14.950  -4.856  0.950   1.00 33.83  ? 90  HIS A NE2 1 
ATOM   518  N N   . PRO A 1 76  ? 17.026  -2.657  -3.182  1.00 28.94  ? 91  PRO A N   1 
ATOM   519  C CA  . PRO A 1 76  ? 18.142  -3.200  -4.027  1.00 28.38  ? 91  PRO A CA  1 
ATOM   520  C C   . PRO A 1 76  ? 17.864  -4.616  -4.538  1.00 27.43  ? 91  PRO A C   1 
ATOM   521  O O   . PRO A 1 76  ? 18.300  -4.995  -5.607  1.00 28.75  ? 91  PRO A O   1 
ATOM   522  C CB  . PRO A 1 76  ? 19.361  -3.205  -3.094  1.00 30.96  ? 91  PRO A CB  1 
ATOM   523  C CG  . PRO A 1 76  ? 18.805  -2.825  -1.669  1.00 32.98  ? 91  PRO A CG  1 
ATOM   524  C CD  . PRO A 1 76  ? 17.479  -2.189  -1.853  1.00 30.33  ? 91  PRO A CD  1 
ATOM   525  N N   . SER A 1 77  ? 17.076  -5.389  -3.802  1.00 27.82  ? 92  SER A N   1 
ATOM   526  C CA  . SER A 1 77  ? 16.857  -6.777  -4.148  1.00 27.00  ? 92  SER A CA  1 
ATOM   527  C C   . SER A 1 77  ? 15.420  -7.075  -4.474  1.00 26.96  ? 92  SER A C   1 
ATOM   528  O O   . SER A 1 77  ? 14.911  -8.199  -4.262  1.00 26.87  ? 92  SER A O   1 
ATOM   529  C CB  . SER A 1 77  ? 17.369  -7.584  -2.992  1.00 26.99  ? 92  SER A CB  1 
ATOM   530  O OG  . SER A 1 77  ? 18.758  -7.276  -2.842  1.00 31.10  ? 92  SER A OG  1 
ATOM   531  N N   . TYR A 1 78  ? 14.764  -6.042  -4.986  1.00 26.69  ? 93  TYR A N   1 
ATOM   532  C CA  . TYR A 1 78  ? 13.424  -6.133  -5.497  1.00 27.81  ? 93  TYR A CA  1 
ATOM   533  C C   . TYR A 1 78  ? 13.549  -7.048  -6.676  1.00 30.36  ? 93  TYR A C   1 
ATOM   534  O O   . TYR A 1 78  ? 14.458  -6.894  -7.464  1.00 29.35  ? 93  TYR A O   1 
ATOM   535  C CB  . TYR A 1 78  ? 12.938  -4.769  -5.909  1.00 27.01  ? 93  TYR A CB  1 
ATOM   536  C CG  . TYR A 1 78  ? 11.742  -4.829  -6.776  1.00 27.41  ? 93  TYR A CG  1 
ATOM   537  C CD1 . TYR A 1 78  ? 10.564  -5.495  -6.332  1.00 23.83  ? 93  TYR A CD1 1 
ATOM   538  C CD2 . TYR A 1 78  ? 11.757  -4.255  -8.046  1.00 22.76  ? 93  TYR A CD2 1 
ATOM   539  C CE1 . TYR A 1 78  ? 9.410   -5.577  -7.144  1.00 21.97  ? 93  TYR A CE1 1 
ATOM   540  C CE2 . TYR A 1 78  ? 10.622  -4.306  -8.852  1.00 25.21  ? 93  TYR A CE2 1 
ATOM   541  C CZ  . TYR A 1 78  ? 9.441   -4.948  -8.379  1.00 27.83  ? 93  TYR A CZ  1 
ATOM   542  O OH  . TYR A 1 78  ? 8.331   -5.002  -9.192  1.00 28.91  ? 93  TYR A OH  1 
ATOM   543  N N   . SER A 1 79  ? 12.659  -8.014  -6.785  1.00 32.29  ? 94  SER A N   1 
ATOM   544  C CA  . SER A 1 79  ? 12.929  -9.189  -7.518  1.00 35.51  ? 94  SER A CA  1 
ATOM   545  C C   . SER A 1 79  ? 11.605  -9.895  -7.666  1.00 36.05  ? 94  SER A C   1 
ATOM   546  O O   . SER A 1 79  ? 11.147  -10.546 -6.731  1.00 35.64  ? 94  SER A O   1 
ATOM   547  C CB  . SER A 1 79  ? 13.925  -10.060 -6.691  1.00 36.82  ? 94  SER A CB  1 
ATOM   548  O OG  . SER A 1 79  ? 14.331  -11.271 -7.294  1.00 42.25  ? 94  SER A OG  1 
ATOM   549  N N   . GLY A 1 80  ? 10.979  -9.724  -8.828  1.00 36.34  ? 95  GLY A N   1 
ATOM   550  C CA  . GLY A 1 80  ? 9.776   -10.456 -9.128  1.00 35.08  ? 95  GLY A CA  1 
ATOM   551  C C   . GLY A 1 80  ? 8.699   -9.768  -8.334  1.00 34.54  ? 95  GLY A C   1 
ATOM   552  O O   . GLY A 1 80  ? 8.494   -8.553  -8.489  1.00 36.46  ? 95  GLY A O   1 
ATOM   553  N N   . ASN A 1 81  ? 8.020   -10.522 -7.460  1.00 33.06  ? 96  ASN A N   1 
ATOM   554  C CA  . ASN A 1 81  ? 7.021   -9.914  -6.520  1.00 32.02  ? 96  ASN A CA  1 
ATOM   555  C C   . ASN A 1 81  ? 7.690   -9.663  -5.199  1.00 29.32  ? 96  ASN A C   1 
ATOM   556  O O   . ASN A 1 81  ? 7.020   -9.315  -4.278  1.00 28.21  ? 96  ASN A O   1 
ATOM   557  C CB  . ASN A 1 81  ? 5.853   -10.912 -6.238  1.00 32.49  ? 96  ASN A CB  1 
ATOM   558  C CG  . ASN A 1 81  ? 4.846   -11.081 -7.402  1.00 38.09  ? 96  ASN A CG  1 
ATOM   559  O OD1 . ASN A 1 81  ? 4.313   -12.215 -7.622  1.00 37.70  ? 96  ASN A OD1 1 
ATOM   560  N ND2 . ASN A 1 81  ? 4.523   -9.965  -8.091  1.00 32.69  ? 96  ASN A ND2 1 
ATOM   561  N N   . ASN A 1 82  ? 8.972   -10.017 -5.051  1.00 28.33  ? 97  ASN A N   1 
ATOM   562  C CA  . ASN A 1 82  ? 9.626   -9.929  -3.721  1.00 28.47  ? 97  ASN A CA  1 
ATOM   563  C C   . ASN A 1 82  ? 10.351  -8.612  -3.449  1.00 26.56  ? 97  ASN A C   1 
ATOM   564  O O   . ASN A 1 82  ? 10.900  -8.039  -4.376  1.00 25.96  ? 97  ASN A O   1 
ATOM   565  C CB  . ASN A 1 82  ? 10.586  -11.079 -3.438  1.00 29.92  ? 97  ASN A CB  1 
ATOM   566  C CG  . ASN A 1 82  ? 10.726  -11.328 -1.984  1.00 26.08  ? 97  ASN A CG  1 
ATOM   567  O OD1 . ASN A 1 82  ? 9.745   -11.193 -1.250  1.00 28.50  ? 97  ASN A OD1 1 
ATOM   568  N ND2 . ASN A 1 82  ? 11.907  -11.678 -1.542  1.00 23.76  ? 97  ASN A ND2 1 
ATOM   569  N N   . ASN A 1 83  ? 10.342  -8.199  -2.166  1.00 25.52  ? 98  ASN A N   1 
ATOM   570  C CA  . ASN A 1 83  ? 10.939  -6.921  -1.686  1.00 26.41  ? 98  ASN A CA  1 
ATOM   571  C C   . ASN A 1 83  ? 10.335  -5.791  -2.482  1.00 25.20  ? 98  ASN A C   1 
ATOM   572  O O   . ASN A 1 83  ? 11.044  -4.959  -3.033  1.00 26.09  ? 98  ASN A O   1 
ATOM   573  C CB  . ASN A 1 83  ? 12.478  -6.916  -1.764  1.00 27.05  ? 98  ASN A CB  1 
ATOM   574  C CG  . ASN A 1 83  ? 13.105  -7.964  -0.886  1.00 29.16  ? 98  ASN A CG  1 
ATOM   575  O OD1 . ASN A 1 83  ? 12.702  -8.164  0.271   1.00 30.20  ? 98  ASN A OD1 1 
ATOM   576  N ND2 . ASN A 1 83  ? 14.014  -8.759  -1.488  1.00 30.59  ? 98  ASN A ND2 1 
ATOM   577  N N   . ASP A 1 84  ? 9.000   -5.772  -2.501  1.00 24.71  ? 99  ASP A N   1 
ATOM   578  C CA  . ASP A 1 84  ? 8.211   -4.899  -3.337  1.00 24.83  ? 99  ASP A CA  1 
ATOM   579  C C   . ASP A 1 84  ? 7.964   -3.556  -2.636  1.00 23.90  ? 99  ASP A C   1 
ATOM   580  O O   . ASP A 1 84  ? 6.835   -3.135  -2.337  1.00 23.38  ? 99  ASP A O   1 
ATOM   581  C CB  . ASP A 1 84  ? 6.905   -5.589  -3.778  1.00 25.03  ? 99  ASP A CB  1 
ATOM   582  C CG  . ASP A 1 84  ? 6.160   -4.833  -4.863  1.00 26.20  ? 99  ASP A CG  1 
ATOM   583  O OD1 . ASP A 1 84  ? 6.732   -3.840  -5.449  1.00 22.28  ? 99  ASP A OD1 1 
ATOM   584  O OD2 . ASP A 1 84  ? 4.990   -5.197  -5.109  1.00 25.31  ? 99  ASP A OD2 1 
ATOM   585  N N   . LEU A 1 85  ? 9.064   -2.870  -2.372  1.00 24.56  ? 100 LEU A N   1 
ATOM   586  C CA  . LEU A 1 85  ? 9.042   -1.588  -1.733  1.00 24.44  ? 100 LEU A CA  1 
ATOM   587  C C   . LEU A 1 85  ? 9.982   -0.594  -2.441  1.00 23.91  ? 100 LEU A C   1 
ATOM   588  O O   . LEU A 1 85  ? 11.046  -0.962  -2.941  1.00 24.69  ? 100 LEU A O   1 
ATOM   589  C CB  . LEU A 1 85  ? 9.377   -1.646  -0.206  1.00 25.64  ? 100 LEU A CB  1 
ATOM   590  C CG  . LEU A 1 85  ? 8.426   -2.243  0.858   1.00 25.99  ? 100 LEU A CG  1 
ATOM   591  C CD1 . LEU A 1 85  ? 9.002   -2.037  2.251   1.00 28.74  ? 100 LEU A CD1 1 
ATOM   592  C CD2 . LEU A 1 85  ? 6.965   -1.674  0.773   1.00 26.41  ? 100 LEU A CD2 1 
ATOM   593  N N   . ALA A 1 86  ? 9.556   0.675   -2.461  1.00 24.87  ? 101 ALA A N   1 
ATOM   594  C CA  . ALA A 1 86  ? 10.348  1.804   -2.999  1.00 23.56  ? 101 ALA A CA  1 
ATOM   595  C C   . ALA A 1 86  ? 10.140  3.039   -2.113  1.00 23.12  ? 101 ALA A C   1 
ATOM   596  O O   . ALA A 1 86  ? 9.067   3.307   -1.643  1.00 23.18  ? 101 ALA A O   1 
ATOM   597  C CB  . ALA A 1 86  ? 9.988   2.154   -4.463  1.00 24.82  ? 101 ALA A CB  1 
ATOM   598  N N   . ILE A 1 87  ? 11.214  3.758   -1.870  1.00 25.00  ? 102 ILE A N   1 
ATOM   599  C CA  . ILE A 1 87  ? 11.185  5.036   -1.191  1.00 24.67  ? 102 ILE A CA  1 
ATOM   600  C C   . ILE A 1 87  ? 11.219  6.160   -2.260  1.00 24.49  ? 102 ILE A C   1 
ATOM   601  O O   . ILE A 1 87  ? 12.157  6.206   -3.104  1.00 25.52  ? 102 ILE A O   1 
ATOM   602  C CB  . ILE A 1 87  ? 12.434  5.153   -0.328  1.00 25.34  ? 102 ILE A CB  1 
ATOM   603  C CG1 . ILE A 1 87  ? 12.360  4.234   0.899   1.00 26.02  ? 102 ILE A CG1 1 
ATOM   604  C CG2 . ILE A 1 87  ? 12.728  6.626   0.055   1.00 27.80  ? 102 ILE A CG2 1 
ATOM   605  C CD1 . ILE A 1 87  ? 11.338  4.629   1.850   1.00 25.82  ? 102 ILE A CD1 1 
ATOM   606  N N   . LEU A 1 88  ? 10.252  7.065   -2.183  1.00 24.28  ? 103 LEU A N   1 
ATOM   607  C CA  . LEU A 1 88  ? 10.160  8.228   -3.060  1.00 24.83  ? 103 LEU A CA  1 
ATOM   608  C C   . LEU A 1 88  ? 10.574  9.477   -2.287  1.00 23.91  ? 103 LEU A C   1 
ATOM   609  O O   . LEU A 1 88  ? 10.123  9.660   -1.162  1.00 25.72  ? 103 LEU A O   1 
ATOM   610  C CB  . LEU A 1 88  ? 8.745   8.421   -3.601  1.00 24.62  ? 103 LEU A CB  1 
ATOM   611  C CG  . LEU A 1 88  ? 7.985   7.182   -4.057  1.00 26.43  ? 103 LEU A CG  1 
ATOM   612  C CD1 . LEU A 1 88  ? 6.685   7.619   -4.733  1.00 23.59  ? 103 LEU A CD1 1 
ATOM   613  C CD2 . LEU A 1 88  ? 8.849   6.306   -4.992  1.00 28.08  ? 103 LEU A CD2 1 
ATOM   614  N N   . LYS A 1 89  ? 11.439  10.302  -2.872  1.00 23.26  ? 104 LYS A N   1 
ATOM   615  C CA  . LYS A 1 89  ? 11.740  11.640  -2.281  1.00 24.28  ? 104 LYS A CA  1 
ATOM   616  C C   . LYS A 1 89  ? 10.918  12.712  -3.064  1.00 26.03  ? 104 LYS A C   1 
ATOM   617  O O   . LYS A 1 89  ? 10.802  12.643  -4.295  1.00 27.27  ? 104 LYS A O   1 
ATOM   618  C CB  . LYS A 1 89  ? 13.229  11.911  -2.196  1.00 24.38  ? 104 LYS A CB  1 
ATOM   619  C CG  . LYS A 1 89  ? 13.965  10.937  -1.222  1.00 25.23  ? 104 LYS A CG  1 
ATOM   620  C CD  . LYS A 1 89  ? 13.833  11.331  0.289   1.00 29.46  ? 104 LYS A CD  1 
ATOM   621  C CE  . LYS A 1 89  ? 14.490  10.315  1.263   1.00 28.29  ? 104 LYS A CE  1 
ATOM   622  N NZ  . LYS A 1 89  ? 13.982  10.565  2.617   1.00 27.45  ? 104 LYS A NZ  1 
ATOM   623  N N   . LEU A 1 90  ? 10.370  13.689  -2.333  1.00 25.10  ? 105 LEU A N   1 
ATOM   624  C CA  . LEU A 1 90  ? 9.396   14.690  -2.876  1.00 24.56  ? 105 LEU A CA  1 
ATOM   625  C C   . LEU A 1 90  ? 10.116  15.990  -3.117  1.00 24.93  ? 105 LEU A C   1 
ATOM   626  O O   . LEU A 1 90  ? 10.944  16.416  -2.301  1.00 23.33  ? 105 LEU A O   1 
ATOM   627  C CB  . LEU A 1 90  ? 8.266   14.908  -1.879  1.00 21.83  ? 105 LEU A CB  1 
ATOM   628  C CG  . LEU A 1 90  ? 7.535   13.625  -1.489  1.00 23.87  ? 105 LEU A CG  1 
ATOM   629  C CD1 . LEU A 1 90  ? 6.361   14.018  -0.572  1.00 24.12  ? 105 LEU A CD1 1 
ATOM   630  C CD2 . LEU A 1 90  ? 7.083   12.804  -2.674  1.00 27.21  ? 105 LEU A CD2 1 
ATOM   631  N N   . SER A 1 91  ? 9.880   16.591  -4.272  1.00 24.25  ? 106 SER A N   1 
ATOM   632  C CA  . SER A 1 91  ? 10.310  17.932  -4.503  1.00 25.86  ? 106 SER A CA  1 
ATOM   633  C C   . SER A 1 91  ? 9.621   19.012  -3.631  1.00 25.68  ? 106 SER A C   1 
ATOM   634  O O   . SER A 1 91  ? 10.160  20.110  -3.414  1.00 25.30  ? 106 SER A O   1 
ATOM   635  C CB  . SER A 1 91  ? 10.011  18.248  -5.978  1.00 24.43  ? 106 SER A CB  1 
ATOM   636  O OG  . SER A 1 91  ? 10.742  17.376  -6.758  1.00 35.55  ? 106 SER A OG  1 
ATOM   637  N N   . THR A 1 92  ? 8.403   18.767  -3.250  1.00 24.37  ? 107 THR A N   1 
ATOM   638  C CA  . THR A 1 92  ? 7.657   19.672  -2.396  1.00 24.70  ? 107 THR A CA  1 
ATOM   639  C C   . THR A 1 92  ? 7.521   19.035  -0.971  1.00 24.63  ? 107 THR A C   1 
ATOM   640  O O   . THR A 1 92  ? 6.950   18.042  -0.856  1.00 23.81  ? 107 THR A O   1 
ATOM   641  C CB  . THR A 1 92  ? 6.274   19.997  -3.023  1.00 24.46  ? 107 THR A CB  1 
ATOM   642  O OG1 . THR A 1 92  ? 6.489   20.643  -4.292  1.00 25.20  ? 107 THR A OG1 1 
ATOM   643  C CG2 . THR A 1 92  ? 5.434   20.947  -2.123  1.00 27.53  ? 107 THR A CG2 1 
ATOM   644  N N   . SER A 1 93  ? 7.995   19.659  0.102   1.00 25.53  ? 108 SER A N   1 
ATOM   645  C CA  . SER A 1 93  ? 7.781   19.049  1.405   1.00 25.42  ? 108 SER A CA  1 
ATOM   646  C C   . SER A 1 93  ? 6.338   19.074  1.786   1.00 24.36  ? 108 SER A C   1 
ATOM   647  O O   . SER A 1 93  ? 5.584   20.001  1.387   1.00 25.30  ? 108 SER A O   1 
ATOM   648  C CB  . SER A 1 93  ? 8.654   19.740  2.451   1.00 27.19  ? 108 SER A CB  1 
ATOM   649  O OG  . SER A 1 93  ? 10.029  19.499  2.184   1.00 33.10  ? 108 SER A OG  1 
ATOM   650  N N   . ILE A 1 94  ? 5.909   18.093  2.556   1.00 23.63  ? 109 ILE A N   1 
ATOM   651  C CA  . ILE A 1 94  ? 4.518   17.935  2.923   1.00 25.71  ? 109 ILE A CA  1 
ATOM   652  C C   . ILE A 1 94  ? 4.503   18.001  4.481   1.00 25.89  ? 109 ILE A C   1 
ATOM   653  O O   . ILE A 1 94  ? 4.783   17.038  5.172   1.00 25.31  ? 109 ILE A O   1 
ATOM   654  C CB  . ILE A 1 94  ? 3.937   16.658  2.271   1.00 25.45  ? 109 ILE A CB  1 
ATOM   655  C CG1 . ILE A 1 94  ? 4.016   16.820  0.714   1.00 27.24  ? 109 ILE A CG1 1 
ATOM   656  C CG2 . ILE A 1 94  ? 2.537   16.459  2.770   1.00 26.41  ? 109 ILE A CG2 1 
ATOM   657  C CD1 . ILE A 1 94  ? 3.385   15.783  -0.003  1.00 31.82  ? 109 ILE A CD1 1 
ATOM   658  N N   . PRO A 1 95  ? 4.309   19.198  5.017   1.00 24.73  ? 110 PRO A N   1 
ATOM   659  C CA  . PRO A 1 95  ? 4.384   19.253  6.482   1.00 26.47  ? 110 PRO A CA  1 
ATOM   660  C C   . PRO A 1 95  ? 3.177   18.564  7.172   1.00 27.35  ? 110 PRO A C   1 
ATOM   661  O O   . PRO A 1 95  ? 2.044   18.552  6.657   1.00 26.43  ? 110 PRO A O   1 
ATOM   662  C CB  . PRO A 1 95  ? 4.321   20.735  6.788   1.00 23.95  ? 110 PRO A CB  1 
ATOM   663  C CG  . PRO A 1 95  ? 4.301   21.421  5.547   1.00 28.27  ? 110 PRO A CG  1 
ATOM   664  C CD  . PRO A 1 95  ? 3.974   20.490  4.445   1.00 23.45  ? 110 PRO A CD  1 
ATOM   665  N N   . SER A 1 96  ? 3.419   18.093  8.388   1.00 28.71  ? 111 SER A N   1 
ATOM   666  C CA  . SER A 1 96  ? 2.350   17.543  9.183   1.00 28.61  ? 111 SER A CA  1 
ATOM   667  C C   . SER A 1 96  ? 1.543   18.620  9.794   1.00 29.02  ? 111 SER A C   1 
ATOM   668  O O   . SER A 1 96  ? 2.013   19.732  10.085  1.00 29.27  ? 111 SER A O   1 
ATOM   669  C CB  . SER A 1 96  ? 2.879   16.560  10.234  1.00 29.54  ? 111 SER A CB  1 
ATOM   670  O OG  . SER A 1 96  ? 3.888   17.121  10.993  1.00 31.13  ? 111 SER A OG  1 
ATOM   671  N N   . GLY A 1 97  ? 0.252   18.342  9.889   1.00 32.45  ? 112 GLY A N   1 
ATOM   672  C CA  . GLY A 1 97  ? -0.708  19.216  10.635  1.00 32.73  ? 112 GLY A CA  1 
ATOM   673  C C   . GLY A 1 97  ? -1.973  19.044  9.863   1.00 33.62  ? 112 GLY A C   1 
ATOM   674  O O   . GLY A 1 97  ? -1.895  18.590  8.679   1.00 35.69  ? 112 GLY A O   1 
ATOM   675  N N   . GLY A 1 98  ? -3.142  19.329  10.471  1.00 34.45  ? 113 GLY A N   1 
ATOM   676  C CA  . GLY A 1 98  ? -4.394  19.134  9.728   1.00 33.40  ? 113 GLY A CA  1 
ATOM   677  C C   . GLY A 1 98  ? -4.684  17.680  9.559   1.00 33.26  ? 113 GLY A C   1 
ATOM   678  O O   . GLY A 1 98  ? -4.449  16.907  10.515  1.00 35.85  ? 113 GLY A O   1 
ATOM   679  N N   . ASN A 1 99  ? -5.184  17.265  8.397   1.00 31.91  ? 114 ASN A N   1 
ATOM   680  C CA  . ASN A 1 99  ? -5.393  15.863  8.174   1.00 34.16  ? 114 ASN A CA  1 
ATOM   681  C C   . ASN A 1 99  ? -4.118  15.206  7.628   1.00 32.80  ? 114 ASN A C   1 
ATOM   682  O O   . ASN A 1 99  ? -4.232  14.103  6.998   1.00 35.63  ? 114 ASN A O   1 
ATOM   683  C CB  . ASN A 1 99  ? -6.673  15.512  7.273   1.00 37.04  ? 114 ASN A CB  1 
ATOM   684  C CG  . ASN A 1 99  ? -8.047  15.523  8.083   1.00 37.36  ? 114 ASN A CG  1 
ATOM   685  O OD1 . ASN A 1 99  ? -8.314  14.642  8.893   1.00 49.72  ? 114 ASN A OD1 1 
ATOM   686  N ND2 . ASN A 1 99  ? -8.904  16.505  7.789   1.00 28.75  ? 114 ASN A ND2 1 
ATOM   687  N N   . ILE A 1 100 ? -2.959  15.901  7.796   1.00 29.80  ? 115 ILE A N   1 
ATOM   688  C CA  . ILE A 1 100 ? -1.657  15.315  7.408   1.00 28.65  ? 115 ILE A CA  1 
ATOM   689  C C   . ILE A 1 100 ? -0.806  14.917  8.634   1.00 25.92  ? 115 ILE A C   1 
ATOM   690  O O   . ILE A 1 100 ? -0.591  15.669  9.645   1.00 22.91  ? 115 ILE A O   1 
ATOM   691  C CB  . ILE A 1 100 ? -0.817  16.223  6.387   1.00 28.82  ? 115 ILE A CB  1 
ATOM   692  C CG1 . ILE A 1 100 ? -1.604  16.416  5.099   1.00 28.27  ? 115 ILE A CG1 1 
ATOM   693  C CG2 . ILE A 1 100 ? 0.555   15.559  6.114   1.00 28.61  ? 115 ILE A CG2 1 
ATOM   694  C CD1 . ILE A 1 100 ? -1.179  17.546  4.304   1.00 28.90  ? 115 ILE A CD1 1 
ATOM   695  N N   . GLY A 1 101 ? -0.351  13.681  8.516   1.00 26.18  ? 116 GLY A N   1 
ATOM   696  C CA  . GLY A 1 101 ? 0.429   13.064  9.562   1.00 26.12  ? 116 GLY A CA  1 
ATOM   697  C C   . GLY A 1 101 ? 1.286   12.031  8.944   1.00 24.61  ? 116 GLY A C   1 
ATOM   698  O O   . GLY A 1 101 ? 1.163   11.746  7.772   1.00 25.69  ? 116 GLY A O   1 
ATOM   699  N N   . TYR A 1 102 ? 2.238   11.532  9.718   1.00 25.15  ? 117 TYR A N   1 
ATOM   700  C CA  . TYR A 1 102 ? 3.203   10.569  9.214   1.00 24.03  ? 117 TYR A CA  1 
ATOM   701  C C   . TYR A 1 102 ? 2.992   9.133   9.729   1.00 24.30  ? 117 TYR A C   1 
ATOM   702  O O   . TYR A 1 102 ? 2.489   8.922   10.800  1.00 25.49  ? 117 TYR A O   1 
ATOM   703  C CB  . TYR A 1 102 ? 4.590   11.055  9.498   1.00 25.58  ? 117 TYR A CB  1 
ATOM   704  C CG  . TYR A 1 102 ? 4.891   12.446  8.922   1.00 23.41  ? 117 TYR A CG  1 
ATOM   705  C CD1 . TYR A 1 102 ? 4.449   12.840  7.652   1.00 25.18  ? 117 TYR A CD1 1 
ATOM   706  C CD2 . TYR A 1 102 ? 5.698   13.371  9.682   1.00 27.87  ? 117 TYR A CD2 1 
ATOM   707  C CE1 . TYR A 1 102 ? 4.738   14.127  7.171   1.00 26.12  ? 117 TYR A CE1 1 
ATOM   708  C CE2 . TYR A 1 102 ? 6.013   14.625  9.215   1.00 26.46  ? 117 TYR A CE2 1 
ATOM   709  C CZ  . TYR A 1 102 ? 5.505   15.004  7.940   1.00 26.25  ? 117 TYR A CZ  1 
ATOM   710  O OH  . TYR A 1 102 ? 5.831   16.246  7.494   1.00 28.40  ? 117 TYR A OH  1 
ATOM   711  N N   . ALA A 1 103 ? 3.348   8.155   8.929   1.00 24.80  ? 118 ALA A N   1 
ATOM   712  C CA  . ALA A 1 103 ? 3.119   6.759   9.289   1.00 25.19  ? 118 ALA A CA  1 
ATOM   713  C C   . ALA A 1 103 ? 3.968   6.332   10.531  1.00 24.53  ? 118 ALA A C   1 
ATOM   714  O O   . ALA A 1 103 ? 5.143   6.737   10.671  1.00 24.57  ? 118 ALA A O   1 
ATOM   715  C CB  . ALA A 1 103 ? 3.419   5.836   8.082   1.00 25.64  ? 118 ALA A CB  1 
ATOM   716  N N   . ARG A 1 104 ? 3.313   5.573   11.428  1.00 24.88  ? 119 ARG A N   1 
ATOM   717  C CA  . ARG A 1 104 ? 3.984   4.752   12.473  1.00 24.34  ? 119 ARG A CA  1 
ATOM   718  C C   . ARG A 1 104 ? 4.250   3.424   11.912  1.00 25.50  ? 119 ARG A C   1 
ATOM   719  O O   . ARG A 1 104 ? 3.340   2.716   11.541  1.00 26.22  ? 119 ARG A O   1 
ATOM   720  C CB  . ARG A 1 104 ? 3.160   4.586   13.722  1.00 24.92  ? 119 ARG A CB  1 
ATOM   721  C CG  . ARG A 1 104 ? 3.140   5.864   14.617  1.00 37.01  ? 119 ARG A CG  1 
ATOM   722  C CD  . ARG A 1 104 ? 4.569   6.343   15.237  1.00 53.25  ? 119 ARG A CD  1 
ATOM   723  N NE  . ARG A 1 104 ? 4.464   6.560   16.714  1.00 54.19  ? 119 ARG A NE  1 
ATOM   724  C CZ  . ARG A 1 104 ? 5.235   6.035   17.691  1.00 55.14  ? 119 ARG A CZ  1 
ATOM   725  N NH1 . ARG A 1 104 ? 6.305   5.253   17.444  1.00 50.67  ? 119 ARG A NH1 1 
ATOM   726  N NH2 . ARG A 1 104 ? 4.933   6.330   18.960  1.00 59.82  ? 119 ARG A NH2 1 
ATOM   727  N N   . LEU A 1 105 ? 5.526   3.062   11.859  1.00 25.65  ? 120 LEU A N   1 
ATOM   728  C CA  . LEU A 1 105 ? 5.950   1.773   11.286  1.00 24.64  ? 120 LEU A CA  1 
ATOM   729  C C   . LEU A 1 105 ? 5.919   0.639   12.303  1.00 23.13  ? 120 LEU A C   1 
ATOM   730  O O   . LEU A 1 105 ? 6.266   0.811   13.458  1.00 23.18  ? 120 LEU A O   1 
ATOM   731  C CB  . LEU A 1 105 ? 7.385   1.879   10.766  1.00 24.95  ? 120 LEU A CB  1 
ATOM   732  C CG  . LEU A 1 105 ? 7.632   2.959   9.718   1.00 23.08  ? 120 LEU A CG  1 
ATOM   733  C CD1 . LEU A 1 105 ? 9.044   2.977   9.213   1.00 30.85  ? 120 LEU A CD1 1 
ATOM   734  C CD2 . LEU A 1 105 ? 6.694   2.700   8.618   1.00 28.14  ? 120 LEU A CD2 1 
ATOM   735  N N   . ALA A 1 106 ? 5.526   -0.538  11.836  1.00 24.38  ? 121 ALA A N   1 
ATOM   736  C CA  . ALA A 1 106 ? 5.647   -1.832  12.546  1.00 24.58  ? 121 ALA A CA  1 
ATOM   737  C C   . ALA A 1 106 ? 7.048   -2.126  12.953  1.00 25.53  ? 121 ALA A C   1 
ATOM   738  O O   . ALA A 1 106 ? 8.034   -1.796  12.255  1.00 24.35  ? 121 ALA A O   1 
ATOM   739  C CB  . ALA A 1 106 ? 5.114   -2.955  11.707  1.00 24.92  ? 121 ALA A CB  1 
ATOM   740  N N   . ALA A 1 107 ? 7.123   -2.739  14.116  1.00 27.36  ? 122 ALA A N   1 
ATOM   741  C CA  . ALA A 1 107 ? 8.419   -2.984  14.764  1.00 29.14  ? 122 ALA A CA  1 
ATOM   742  C C   . ALA A 1 107 ? 9.276   -3.875  13.844  1.00 29.46  ? 122 ALA A C   1 
ATOM   743  O O   . ALA A 1 107 ? 8.784   -4.850  13.236  1.00 28.06  ? 122 ALA A O   1 
ATOM   744  C CB  . ALA A 1 107 ? 8.211   -3.658  16.149  1.00 29.80  ? 122 ALA A CB  1 
ATOM   745  N N   . SER A 1 108 ? 10.540  -3.522  13.713  1.00 28.54  ? 123 SER A N   1 
ATOM   746  C CA  . SER A 1 108 ? 11.473  -4.460  13.125  1.00 27.54  ? 123 SER A CA  1 
ATOM   747  C C   . SER A 1 108 ? 11.439  -5.951  13.795  1.00 24.92  ? 123 SER A C   1 
ATOM   748  O O   . SER A 1 108 ? 11.366  -6.246  15.075  1.00 23.43  ? 123 SER A O   1 
ATOM   749  C CB  . SER A 1 108 ? 12.837  -3.831  13.072  1.00 28.16  ? 123 SER A CB  1 
ATOM   750  O OG  . SER A 1 108 ? 13.779  -4.757  12.674  1.00 24.77  ? 123 SER A OG  1 
ATOM   751  N N   . GLY A 1 109 ? 11.370  -6.895  12.872  1.00 25.46  ? 124 GLY A N   1 
ATOM   752  C CA  . GLY A 1 109 ? 11.272  -8.265  13.312  1.00 26.83  ? 124 GLY A CA  1 
ATOM   753  C C   . GLY A 1 109 ? 9.842   -8.726  13.457  1.00 27.79  ? 124 GLY A C   1 
ATOM   754  O O   . GLY A 1 109 ? 9.579   -9.957  13.636  1.00 30.43  ? 124 GLY A O   1 
ATOM   755  N N   . SER A 1 110 ? 8.902   -7.787  13.418  1.00 25.02  ? 125 SER A N   1 
ATOM   756  C CA  . SER A 1 110 ? 7.496   -8.178  13.517  1.00 25.35  ? 125 SER A CA  1 
ATOM   757  C C   . SER A 1 110 ? 6.906   -8.715  12.180  1.00 23.36  ? 125 SER A C   1 
ATOM   758  O O   . SER A 1 110 ? 7.262   -8.323  11.113  1.00 23.19  ? 125 SER A O   1 
ATOM   759  C CB  . SER A 1 110 ? 6.619   -7.070  14.138  1.00 25.33  ? 125 SER A CB  1 
ATOM   760  O OG  . SER A 1 110 ? 6.383   -6.059  13.217  1.00 24.79  ? 125 SER A OG  1 
ATOM   761  N N   . ASP A 1 111 ? 5.958   -9.623  12.355  1.00 23.67  ? 126 ASP A N   1 
ATOM   762  C CA  . ASP A 1 111 ? 5.230   -10.278 11.311  1.00 24.29  ? 126 ASP A CA  1 
ATOM   763  C C   . ASP A 1 111 ? 3.727   -10.318 11.765  1.00 23.30  ? 126 ASP A C   1 
ATOM   764  O O   . ASP A 1 111 ? 3.460   -10.712 12.880  1.00 22.92  ? 126 ASP A O   1 
ATOM   765  C CB  . ASP A 1 111 ? 5.811   -11.669 11.087  1.00 22.49  ? 126 ASP A CB  1 
ATOM   766  C CG  . ASP A 1 111 ? 5.190   -12.337 9.911   1.00 25.39  ? 126 ASP A CG  1 
ATOM   767  O OD1 . ASP A 1 111 ? 4.991   -11.673 8.901   1.00 28.22  ? 126 ASP A OD1 1 
ATOM   768  O OD2 . ASP A 1 111 ? 4.860   -13.516 9.961   1.00 26.95  ? 126 ASP A OD2 1 
ATOM   769  N N   . PRO A 1 112 ? 2.801   -9.828  10.930  1.00 22.77  ? 127 PRO A N   1 
ATOM   770  C CA  . PRO A 1 112 ? 1.390   -9.767  11.352  1.00 24.47  ? 127 PRO A CA  1 
ATOM   771  C C   . PRO A 1 112 ? 0.864   -11.193 11.716  1.00 24.54  ? 127 PRO A C   1 
ATOM   772  O O   . PRO A 1 112 ? 1.243   -12.162 11.060  1.00 23.09  ? 127 PRO A O   1 
ATOM   773  C CB  . PRO A 1 112 ? 0.686   -9.136  10.133  1.00 25.54  ? 127 PRO A CB  1 
ATOM   774  C CG  . PRO A 1 112 ? 1.838   -8.426  9.338   1.00 25.87  ? 127 PRO A CG  1 
ATOM   775  C CD  . PRO A 1 112 ? 3.025   -9.252  9.580   1.00 22.13  ? 127 PRO A CD  1 
ATOM   776  N N   . VAL A 1 113 ? 0.042   -11.286 12.765  1.00 24.81  ? 128 VAL A N   1 
ATOM   777  C CA  . VAL A 1 113 ? -0.364  -12.512 13.355  1.00 25.42  ? 128 VAL A CA  1 
ATOM   778  C C   . VAL A 1 113 ? -1.580  -13.030 12.619  1.00 26.04  ? 128 VAL A C   1 
ATOM   779  O O   . VAL A 1 113 ? -2.553  -12.271 12.420  1.00 26.12  ? 128 VAL A O   1 
ATOM   780  C CB  . VAL A 1 113 ? -0.731  -12.336 14.886  1.00 25.73  ? 128 VAL A CB  1 
ATOM   781  C CG1 . VAL A 1 113 ? -1.298  -13.637 15.443  1.00 30.32  ? 128 VAL A CG1 1 
ATOM   782  C CG2 . VAL A 1 113 ? 0.444   -11.924 15.668  1.00 27.70  ? 128 VAL A CG2 1 
ATOM   783  N N   . ALA A 1 114 ? -1.547  -14.296 12.219  1.00 26.50  ? 129 ALA A N   1 
ATOM   784  C CA  . ALA A 1 114 ? -2.724  -14.871 11.512  1.00 26.70  ? 129 ALA A CA  1 
ATOM   785  C C   . ALA A 1 114 ? -3.962  -14.588 12.336  1.00 26.82  ? 129 ALA A C   1 
ATOM   786  O O   . ALA A 1 114 ? -3.975  -14.805 13.577  1.00 25.42  ? 129 ALA A O   1 
ATOM   787  C CB  . ALA A 1 114 ? -2.611  -16.328 11.300  1.00 26.01  ? 129 ALA A CB  1 
ATOM   788  N N   . GLY A 1 115 ? -5.019  -14.152 11.665  1.00 25.81  ? 130 GLY A N   1 
ATOM   789  C CA  . GLY A 1 115 ? -6.281  -14.065 12.336  1.00 25.25  ? 130 GLY A CA  1 
ATOM   790  C C   . GLY A 1 115 ? -6.567  -12.685 12.849  1.00 24.59  ? 130 GLY A C   1 
ATOM   791  O O   . GLY A 1 115 ? -7.715  -12.315 12.989  1.00 24.31  ? 130 GLY A O   1 
ATOM   792  N N   . SER A 1 116 ? -5.521  -11.890 13.056  1.00 26.04  ? 131 SER A N   1 
ATOM   793  C CA  . SER A 1 116 ? -5.623  -10.487 13.438  1.00 25.60  ? 131 SER A CA  1 
ATOM   794  C C   . SER A 1 116 ? -6.252  -9.586  12.344  1.00 25.94  ? 131 SER A C   1 
ATOM   795  O O   . SER A 1 116 ? -6.175  -9.863  11.176  1.00 27.05  ? 131 SER A O   1 
ATOM   796  C CB  . SER A 1 116 ? -4.230  -9.983  13.862  1.00 24.70  ? 131 SER A CB  1 
ATOM   797  O OG  . SER A 1 116 ? -3.438  -9.757  12.756  1.00 21.52  ? 131 SER A OG  1 
ATOM   798  N N   . SER A 1 117 ? -6.884  -8.515  12.746  1.00 25.12  ? 132 SER A N   1 
ATOM   799  C CA  . SER A 1 117 ? -7.626  -7.622  11.853  1.00 27.68  ? 132 SER A CA  1 
ATOM   800  C C   . SER A 1 117 ? -6.720  -6.539  11.230  1.00 28.05  ? 132 SER A C   1 
ATOM   801  O O   . SER A 1 117 ? -6.039  -5.837  11.933  1.00 28.92  ? 132 SER A O   1 
ATOM   802  C CB  . SER A 1 117 ? -8.745  -6.934  12.668  1.00 26.49  ? 132 SER A CB  1 
ATOM   803  O OG  . SER A 1 117 ? -9.474  -6.060  11.874  1.00 35.94  ? 132 SER A OG  1 
ATOM   804  N N   . ALA A 1 118 ? -6.730  -6.420  9.906   1.00 28.63  ? 133 ALA A N   1 
ATOM   805  C CA  . ALA A 1 118 ? -5.906  -5.436  9.185   1.00 28.04  ? 133 ALA A CA  1 
ATOM   806  C C   . ALA A 1 118 ? -6.862  -4.604  8.388   1.00 27.58  ? 133 ALA A C   1 
ATOM   807  O O   . ALA A 1 118 ? -7.883  -5.111  7.930   1.00 26.55  ? 133 ALA A O   1 
ATOM   808  C CB  . ALA A 1 118 ? -4.904  -6.133  8.217   1.00 27.53  ? 133 ALA A CB  1 
ATOM   809  N N   . THR A 1 119 ? -6.513  -3.333  8.212   1.00 27.18  ? 134 THR A N   1 
ATOM   810  C CA  . THR A 1 119 ? -7.276  -2.432  7.365   1.00 26.31  ? 134 THR A CA  1 
ATOM   811  C C   . THR A 1 119 ? -6.397  -1.864  6.251   1.00 24.82  ? 134 THR A C   1 
ATOM   812  O O   . THR A 1 119 ? -5.245  -1.455  6.458   1.00 26.35  ? 134 THR A O   1 
ATOM   813  C CB  . THR A 1 119 ? -8.024  -1.323  8.165   1.00 26.15  ? 134 THR A CB  1 
ATOM   814  O OG1 . THR A 1 119 ? -8.810  -1.916  9.204   1.00 28.54  ? 134 THR A OG1 1 
ATOM   815  C CG2 . THR A 1 119 ? -8.791  -0.406  7.199   1.00 28.91  ? 134 THR A CG2 1 
ATOM   816  N N   . VAL A 1 120 ? -6.913  -1.973  5.050   1.00 26.56  ? 135 VAL A N   1 
ATOM   817  C CA  . VAL A 1 120 ? -6.228  -1.592  3.803   1.00 26.60  ? 135 VAL A CA  1 
ATOM   818  C C   . VAL A 1 120 ? -7.082  -0.505  3.160   1.00 26.37  ? 135 VAL A C   1 
ATOM   819  O O   . VAL A 1 120 ? -8.311  -0.558  3.168   1.00 24.42  ? 135 VAL A O   1 
ATOM   820  C CB  . VAL A 1 120 ? -5.943  -2.880  2.906   1.00 28.66  ? 135 VAL A CB  1 
ATOM   821  C CG1 . VAL A 1 120 ? -7.197  -3.572  2.526   1.00 30.31  ? 135 VAL A CG1 1 
ATOM   822  C CG2 . VAL A 1 120 ? -5.092  -2.603  1.606   1.00 29.12  ? 135 VAL A CG2 1 
ATOM   823  N N   . ALA A 1 121 ? -6.421  0.471   2.570   1.00 25.62  ? 136 ALA A N   1 
ATOM   824  C CA  . ALA A 1 121 ? -7.108  1.571   1.925   1.00 25.79  ? 136 ALA A CA  1 
ATOM   825  C C   . ALA A 1 121 ? -6.495  1.909   0.600   1.00 24.00  ? 136 ALA A C   1 
ATOM   826  O O   . ALA A 1 121 ? -5.273  1.751   0.333   1.00 23.60  ? 136 ALA A O   1 
ATOM   827  C CB  . ALA A 1 121 ? -7.121  2.819   2.812   1.00 24.09  ? 136 ALA A CB  1 
ATOM   828  N N   . GLY A 1 122 ? -7.372  2.437   -0.209  1.00 25.28  ? 137 GLY A N   1 
ATOM   829  C CA  . GLY A 1 122 ? -6.999  2.992   -1.492  1.00 25.45  ? 137 GLY A CA  1 
ATOM   830  C C   . GLY A 1 122 ? -8.062  3.457   -2.454  1.00 23.67  ? 137 GLY A C   1 
ATOM   831  O O   . GLY A 1 122 ? -9.274  3.481   -2.180  1.00 23.99  ? 137 GLY A O   1 
ATOM   832  N N   . TRP A 1 123 ? -7.540  3.801   -3.623  1.00 24.54  ? 138 TRP A N   1 
ATOM   833  C CA  . TRP A 1 123 ? -8.328  4.270   -4.765  1.00 23.59  ? 138 TRP A CA  1 
ATOM   834  C C   . TRP A 1 123 ? -8.406  3.386   -5.960  1.00 23.11  ? 138 TRP A C   1 
ATOM   835  O O   . TRP A 1 123 ? -8.793  3.867   -7.011  1.00 23.41  ? 138 TRP A O   1 
ATOM   836  C CB  . TRP A 1 123 ? -7.821  5.639   -5.209  1.00 24.29  ? 138 TRP A CB  1 
ATOM   837  C CG  . TRP A 1 123 ? -7.943  6.778   -4.145  1.00 25.28  ? 138 TRP A CG  1 
ATOM   838  C CD1 . TRP A 1 123 ? -8.956  7.714   -4.050  1.00 26.41  ? 138 TRP A CD1 1 
ATOM   839  C CD2 . TRP A 1 123 ? -6.961  7.152   -3.171  1.00 24.28  ? 138 TRP A CD2 1 
ATOM   840  N NE1 . TRP A 1 123 ? -8.681  8.630   -3.080  1.00 21.38  ? 138 TRP A NE1 1 
ATOM   841  C CE2 . TRP A 1 123 ? -7.455  8.322   -2.508  1.00 18.72  ? 138 TRP A CE2 1 
ATOM   842  C CE3 . TRP A 1 123 ? -5.665  6.668   -2.850  1.00 26.10  ? 138 TRP A CE3 1 
ATOM   843  C CZ2 . TRP A 1 123 ? -6.723  8.971   -1.527  1.00 23.58  ? 138 TRP A CZ2 1 
ATOM   844  C CZ3 . TRP A 1 123 ? -4.929  7.329   -1.821  1.00 25.45  ? 138 TRP A CZ3 1 
ATOM   845  C CH2 . TRP A 1 123 ? -5.461  8.492   -1.199  1.00 25.62  ? 138 TRP A CH2 1 
ATOM   846  N N   . GLY A 1 124 ? -8.128  2.086   -5.794  1.00 24.00  ? 139 GLY A N   1 
ATOM   847  C CA  . GLY A 1 124 ? -8.194  1.128   -6.889  1.00 23.40  ? 139 GLY A CA  1 
ATOM   848  C C   . GLY A 1 124 ? -9.588  0.564   -7.103  1.00 24.06  ? 139 GLY A C   1 
ATOM   849  O O   . GLY A 1 124 ? -10.582 1.021   -6.541  1.00 24.09  ? 139 GLY A O   1 
ATOM   850  N N   . ALA A 1 125 ? -9.636  -0.393  -7.999  1.00 23.16  ? 140 ALA A N   1 
ATOM   851  C CA  . ALA A 1 125 ? -10.874 -0.979  -8.516  1.00 23.04  ? 140 ALA A CA  1 
ATOM   852  C C   . ALA A 1 125 ? -11.658 -1.586  -7.352  1.00 21.97  ? 140 ALA A C   1 
ATOM   853  O O   . ALA A 1 125 ? -11.088 -2.116  -6.399  1.00 22.84  ? 140 ALA A O   1 
ATOM   854  C CB  . ALA A 1 125 ? -10.528 -2.024  -9.507  1.00 23.33  ? 140 ALA A CB  1 
ATOM   855  N N   . THR A 1 126 ? -12.974 -1.514  -7.489  1.00 23.21  ? 141 THR A N   1 
ATOM   856  C CA  . THR A 1 126 ? -13.917 -2.013  -6.529  1.00 23.02  ? 141 THR A CA  1 
ATOM   857  C C   . THR A 1 126 ? -14.376 -3.431  -6.902  1.00 23.59  ? 141 THR A C   1 
ATOM   858  O O   . THR A 1 126 ? -15.160 -4.065  -6.142  1.00 24.27  ? 141 THR A O   1 
ATOM   859  C CB  . THR A 1 126 ? -15.108 -1.022  -6.435  1.00 23.34  ? 141 THR A CB  1 
ATOM   860  O OG1 . THR A 1 126 ? -15.561 -0.713  -7.748  1.00 24.18  ? 141 THR A OG1 1 
ATOM   861  C CG2 . THR A 1 126 ? -14.647 0.293   -5.755  1.00 23.11  ? 141 THR A CG2 1 
ATOM   862  N N   . SER A 1 127 ? -13.970 -3.893  -8.091  1.00 22.05  ? 142 SER A N   1 
ATOM   863  C CA  . SER A 1 127 ? -13.945 -5.373  -8.395  1.00 22.97  ? 142 SER A CA  1 
ATOM   864  C C   . SER A 1 127 ? -12.813 -5.699  -9.359  1.00 23.21  ? 142 SER A C   1 
ATOM   865  O O   . SER A 1 127 ? -12.287 -4.809  -10.071 1.00 22.06  ? 142 SER A O   1 
ATOM   866  C CB  . SER A 1 127 ? -15.238 -5.981  -8.849  1.00 23.91  ? 142 SER A CB  1 
ATOM   867  O OG  . SER A 1 127 ? -15.810 -5.195  -9.779  1.00 27.46  ? 142 SER A OG  1 
ATOM   868  N N   . GLU A 1 128 ? -12.431 -6.986  -9.352  1.00 23.80  ? 143 GLU A N   1 
ATOM   869  C CA  . GLU A 1 128 ? -11.408 -7.510  -10.271 1.00 22.78  ? 143 GLU A CA  1 
ATOM   870  C C   . GLU A 1 128 ? -11.873 -7.205  -11.666 1.00 21.29  ? 143 GLU A C   1 
ATOM   871  O O   . GLU A 1 128 ? -12.956 -7.551  -12.075 1.00 22.28  ? 143 GLU A O   1 
ATOM   872  C CB  . GLU A 1 128 ? -11.187 -9.015  -10.060 1.00 24.15  ? 143 GLU A CB  1 
ATOM   873  C CG  . GLU A 1 128 ? -10.054 -9.597  -10.883 1.00 23.70  ? 143 GLU A CG  1 
ATOM   874  C CD  . GLU A 1 128 ? -10.064 -11.120 -10.887 1.00 18.16  ? 143 GLU A CD  1 
ATOM   875  O OE1 . GLU A 1 128 ? -10.077 -11.672 -9.757  1.00 25.13  ? 143 GLU A OE1 1 
ATOM   876  O OE2 . GLU A 1 128 ? -10.079 -11.754 -11.965 1.00 20.42  ? 143 GLU A OE2 1 
ATOM   877  N N   . GLY A 1 129 ? -11.038 -6.456  -12.376 1.00 22.73  ? 144 GLY A N   1 
ATOM   878  C CA  . GLY A 1 129 ? -11.273 -6.209  -13.772 1.00 23.17  ? 144 GLY A CA  1 
ATOM   879  C C   . GLY A 1 129 ? -12.142 -5.002  -13.975 1.00 22.45  ? 144 GLY A C   1 
ATOM   880  O O   . GLY A 1 129 ? -12.530 -4.697  -15.118 1.00 25.09  ? 144 GLY A O   1 
ATOM   881  N N   . GLY A 1 130 ? -12.448 -4.318  -12.888 1.00 24.04  ? 145 GLY A N   1 
ATOM   882  C CA  . GLY A 1 130 ? -13.368 -3.187  -12.918 1.00 26.23  ? 145 GLY A CA  1 
ATOM   883  C C   . GLY A 1 130 ? -12.727 -1.985  -13.616 1.00 27.10  ? 145 GLY A C   1 
ATOM   884  O O   . GLY A 1 130 ? -11.517 -1.776  -13.467 1.00 25.74  ? 145 GLY A O   1 
ATOM   885  N N   . SER A 1 131 ? -13.535 -1.195  -14.327 1.00 30.11  ? 146 SER A N   1 
ATOM   886  C CA  . SER A 1 131 ? -12.958 0.012   -14.990 1.00 33.53  ? 146 SER A CA  1 
ATOM   887  C C   . SER A 1 131 ? -13.159 1.371   -14.244 1.00 34.74  ? 146 SER A C   1 
ATOM   888  O O   . SER A 1 131 ? -12.348 2.280   -14.401 1.00 38.54  ? 146 SER A O   1 
ATOM   889  C CB  . SER A 1 131 ? -13.201 0.082   -16.500 1.00 33.73  ? 146 SER A CB  1 
ATOM   890  O OG  . SER A 1 131 ? -14.559 -0.013  -16.885 1.00 44.99  ? 146 SER A OG  1 
ATOM   891  N N   . SER A 1 132 ? -14.168 1.470   -13.386 1.00 35.34  ? 147 SER A N   1 
ATOM   892  C CA  . SER A 1 132 ? -14.316 2.605   -12.383 1.00 35.08  ? 147 SER A CA  1 
ATOM   893  C C   . SER A 1 132 ? -13.237 2.609   -11.358 1.00 33.19  ? 147 SER A C   1 
ATOM   894  O O   . SER A 1 132 ? -12.789 1.543   -10.833 1.00 32.61  ? 147 SER A O   1 
ATOM   895  C CB  . SER A 1 132 ? -15.659 2.487   -11.627 1.00 35.43  ? 147 SER A CB  1 
ATOM   896  O OG  . SER A 1 132 ? -16.714 2.270   -12.558 1.00 45.82  ? 147 SER A OG  1 
ATOM   897  N N   . THR A 1 133 ? -12.797 3.810   -11.031 1.00 31.49  ? 148 THR A N   1 
ATOM   898  C CA  . THR A 1 133 ? -11.846 3.974   -9.930  1.00 33.52  ? 148 THR A CA  1 
ATOM   899  C C   . THR A 1 133 ? -12.372 5.067   -9.056  1.00 30.17  ? 148 THR A C   1 
ATOM   900  O O   . THR A 1 133 ? -12.612 6.159   -9.560  1.00 32.98  ? 148 THR A O   1 
ATOM   901  C CB  . THR A 1 133 ? -10.469 4.432   -10.435 1.00 33.27  ? 148 THR A CB  1 
ATOM   902  O OG1 . THR A 1 133 ? -10.663 5.074   -11.682 1.00 38.96  ? 148 THR A OG1 1 
ATOM   903  C CG2 . THR A 1 133 ? -9.626  3.256   -10.671 1.00 37.66  ? 148 THR A CG2 1 
ATOM   904  N N   . PRO A 1 134 ? -12.596 4.787   -7.794  1.00 26.46  ? 149 PRO A N   1 
ATOM   905  C CA  . PRO A 1 134 ? -13.120 5.840   -6.994  1.00 27.51  ? 149 PRO A CA  1 
ATOM   906  C C   . PRO A 1 134 ? -12.268 7.124   -6.978  1.00 26.85  ? 149 PRO A C   1 
ATOM   907  O O   . PRO A 1 134 ? -11.039 7.058   -6.851  1.00 26.10  ? 149 PRO A O   1 
ATOM   908  C CB  . PRO A 1 134 ? -13.063 5.228   -5.554  1.00 28.99  ? 149 PRO A CB  1 
ATOM   909  C CG  . PRO A 1 134 ? -12.442 4.045   -5.685  1.00 26.81  ? 149 PRO A CG  1 
ATOM   910  C CD  . PRO A 1 134 ? -12.449 3.570   -7.011  1.00 26.04  ? 149 PRO A CD  1 
ATOM   911  N N   . VAL A 1 135 ? -12.947 8.262   -6.968  1.00 25.80  ? 150 VAL A N   1 
ATOM   912  C CA  . VAL A 1 135 ? -12.312 9.516   -6.592  1.00 26.89  ? 150 VAL A CA  1 
ATOM   913  C C   . VAL A 1 135 ? -12.007 9.629   -5.067  1.00 25.41  ? 150 VAL A C   1 
ATOM   914  O O   . VAL A 1 135 ? -10.959 10.114  -4.674  1.00 24.94  ? 150 VAL A O   1 
ATOM   915  C CB  . VAL A 1 135 ? -13.185 10.738  -7.083  1.00 25.32  ? 150 VAL A CB  1 
ATOM   916  C CG1 . VAL A 1 135 ? -12.460 12.008  -6.722  1.00 34.75  ? 150 VAL A CG1 1 
ATOM   917  C CG2 . VAL A 1 135 ? -13.429 10.656  -8.587  1.00 31.16  ? 150 VAL A CG2 1 
ATOM   918  N N   . ASN A 1 136 ? -12.940 9.233   -4.221  1.00 24.07  ? 151 ASN A N   1 
ATOM   919  C CA  . ASN A 1 136 ? -12.743 9.225   -2.781  1.00 25.68  ? 151 ASN A CA  1 
ATOM   920  C C   . ASN A 1 136 ? -12.329 7.857   -2.289  1.00 24.49  ? 151 ASN A C   1 
ATOM   921  O O   . ASN A 1 136 ? -12.741 6.807   -2.765  1.00 24.23  ? 151 ASN A O   1 
ATOM   922  C CB  . ASN A 1 136 ? -13.908 9.840   -1.999  1.00 26.88  ? 151 ASN A CB  1 
ATOM   923  C CG  . ASN A 1 136 ? -14.159 11.307  -2.434  1.00 29.11  ? 151 ASN A CG  1 
ATOM   924  O OD1 . ASN A 1 136 ? -13.276 12.123  -2.472  1.00 27.34  ? 151 ASN A OD1 1 
ATOM   925  N ND2 . ASN A 1 136 ? -15.315 11.558  -2.884  1.00 26.04  ? 151 ASN A ND2 1 
ATOM   926  N N   . LEU A 1 137 ? -11.420 7.957   -1.370  1.00 22.98  ? 152 LEU A N   1 
ATOM   927  C CA  . LEU A 1 137 ? -10.772 6.872   -0.704  1.00 22.90  ? 152 LEU A CA  1 
ATOM   928  C C   . LEU A 1 137 ? -11.755 5.858   -0.081  1.00 21.54  ? 152 LEU A C   1 
ATOM   929  O O   . LEU A 1 137 ? -12.711 6.235   0.647   1.00 22.02  ? 152 LEU A O   1 
ATOM   930  C CB  . LEU A 1 137 ? -9.890  7.436   0.404   1.00 24.36  ? 152 LEU A CB  1 
ATOM   931  C CG  . LEU A 1 137 ? -8.949  6.429   1.045   1.00 21.79  ? 152 LEU A CG  1 
ATOM   932  C CD1 . LEU A 1 137 ? -7.968  5.899   0.056   1.00 23.40  ? 152 LEU A CD1 1 
ATOM   933  C CD2 . LEU A 1 137 ? -8.249  7.116   2.289   1.00 22.17  ? 152 LEU A CD2 1 
ATOM   934  N N   . LEU A 1 138 ? -11.451 4.600   -0.341  1.00 23.03  ? 153 LEU A N   1 
ATOM   935  C CA  . LEU A 1 138 ? -12.109 3.475   0.310   1.00 23.00  ? 153 LEU A CA  1 
ATOM   936  C C   . LEU A 1 138 ? -11.138 2.708   1.192   1.00 24.19  ? 153 LEU A C   1 
ATOM   937  O O   . LEU A 1 138 ? -9.924  2.813   1.100   1.00 23.96  ? 153 LEU A O   1 
ATOM   938  C CB  . LEU A 1 138 ? -12.729 2.534   -0.730  1.00 24.49  ? 153 LEU A CB  1 
ATOM   939  C CG  . LEU A 1 138 ? -13.632 3.123   -1.845  1.00 23.23  ? 153 LEU A CG  1 
ATOM   940  C CD1 . LEU A 1 138 ? -14.133 2.107   -2.810  1.00 22.49  ? 153 LEU A CD1 1 
ATOM   941  C CD2 . LEU A 1 138 ? -14.814 3.908   -1.310  1.00 24.05  ? 153 LEU A CD2 1 
ATOM   942  N N   . LYS A 1 139 ? -11.739 1.974   2.126   1.00 25.19  ? 154 LYS A N   1 
ATOM   943  C CA  . LYS A 1 139 ? -11.079 1.098   3.038   1.00 23.43  ? 154 LYS A CA  1 
ATOM   944  C C   . LYS A 1 139 ? -11.881 -0.210  3.259   1.00 23.66  ? 154 LYS A C   1 
ATOM   945  O O   . LYS A 1 139 ? -13.118 -0.276  3.101   1.00 23.79  ? 154 LYS A O   1 
ATOM   946  C CB  . LYS A 1 139 ? -10.868 1.836   4.368   1.00 24.91  ? 154 LYS A CB  1 
ATOM   947  C CG  . LYS A 1 139 ? -12.128 2.044   5.163   1.00 20.53  ? 154 LYS A CG  1 
ATOM   948  C CD  . LYS A 1 139 ? -11.809 2.941   6.365   1.00 23.88  ? 154 LYS A CD  1 
ATOM   949  C CE  . LYS A 1 139 ? -13.066 3.170   7.236   1.00 24.40  ? 154 LYS A CE  1 
ATOM   950  N NZ  . LYS A 1 139 ? -12.814 3.872   8.491   1.00 23.19  ? 154 LYS A NZ  1 
ATOM   951  N N   . VAL A 1 140 ? -11.179 -1.235  3.715   1.00 24.91  ? 155 VAL A N   1 
ATOM   952  C CA  . VAL A 1 140 ? -11.729 -2.587  3.984   1.00 24.43  ? 155 VAL A CA  1 
ATOM   953  C C   . VAL A 1 140 ? -10.916 -3.243  5.090   1.00 23.49  ? 155 VAL A C   1 
ATOM   954  O O   . VAL A 1 140 ? -9.690  -3.057  5.181   1.00 25.33  ? 155 VAL A O   1 
ATOM   955  C CB  . VAL A 1 140 ? -11.831 -3.551  2.677   1.00 23.74  ? 155 VAL A CB  1 
ATOM   956  C CG1 . VAL A 1 140 ? -10.507 -4.101  2.213   1.00 26.59  ? 155 VAL A CG1 1 
ATOM   957  C CG2 . VAL A 1 140 ? -12.754 -4.732  2.931   1.00 27.14  ? 155 VAL A CG2 1 
ATOM   958  N N   . THR A 1 141 ? -11.596 -4.040  5.882   1.00 23.09  ? 156 THR A N   1 
ATOM   959  C CA  . THR A 1 141 ? -10.940 -4.775  6.970   1.00 24.48  ? 156 THR A CA  1 
ATOM   960  C C   . THR A 1 141 ? -10.976 -6.223  6.635   1.00 23.22  ? 156 THR A C   1 
ATOM   961  O O   . THR A 1 141 ? -12.060 -6.801  6.260   1.00 23.29  ? 156 THR A O   1 
ATOM   962  C CB  . THR A 1 141 ? -11.557 -4.467  8.351   1.00 25.45  ? 156 THR A CB  1 
ATOM   963  O OG1 . THR A 1 141 ? -11.326 -3.082  8.624   1.00 26.41  ? 156 THR A OG1 1 
ATOM   964  C CG2 . THR A 1 141 ? -10.922 -5.340  9.397   1.00 24.10  ? 156 THR A CG2 1 
ATOM   965  N N   . VAL A 1 142 ? -9.793  -6.822  6.769   1.00 25.26  ? 157 VAL A N   1 
ATOM   966  C CA  . VAL A 1 142 ? -9.569  -8.244  6.450   1.00 24.99  ? 157 VAL A CA  1 
ATOM   967  C C   . VAL A 1 142 ? -8.635  -8.880  7.501   1.00 24.72  ? 157 VAL A C   1 
ATOM   968  O O   . VAL A 1 142 ? -7.720  -8.246  7.953   1.00 22.90  ? 157 VAL A O   1 
ATOM   969  C CB  . VAL A 1 142 ? -8.926  -8.445  4.987   1.00 26.24  ? 157 VAL A CB  1 
ATOM   970  C CG1 . VAL A 1 142 ? -9.927  -8.196  3.859   1.00 28.22  ? 157 VAL A CG1 1 
ATOM   971  C CG2 . VAL A 1 142 ? -7.762  -7.512  4.825   1.00 30.53  ? 157 VAL A CG2 1 
ATOM   972  N N   . PRO A 1 143 ? -8.826  -10.173 7.792   1.00 23.94  ? 158 PRO A N   1 
ATOM   973  C CA  . PRO A 1 143 ? -7.920  -10.870 8.656   1.00 24.59  ? 158 PRO A CA  1 
ATOM   974  C C   . PRO A 1 143 ? -6.615  -11.195 7.957   1.00 24.82  ? 158 PRO A C   1 
ATOM   975  O O   . PRO A 1 143 ? -6.563  -11.479 6.757   1.00 22.63  ? 158 PRO A O   1 
ATOM   976  C CB  . PRO A 1 143 ? -8.654  -12.151 9.030   1.00 26.69  ? 158 PRO A CB  1 
ATOM   977  C CG  . PRO A 1 143 ? -9.643  -12.379 7.920   1.00 27.54  ? 158 PRO A CG  1 
ATOM   978  C CD  . PRO A 1 143 ? -9.893  -11.040 7.249   1.00 25.80  ? 158 PRO A CD  1 
ATOM   979  N N   . ILE A 1 144 ? -5.537  -11.186 8.754   1.00 24.75  ? 159 ILE A N   1 
ATOM   980  C CA  . ILE A 1 144 ? -4.262  -11.816 8.319   1.00 25.24  ? 159 ILE A CA  1 
ATOM   981  C C   . ILE A 1 144 ? -4.465  -13.331 8.086   1.00 22.44  ? 159 ILE A C   1 
ATOM   982  O O   . ILE A 1 144 ? -5.132  -14.026 8.842   1.00 22.05  ? 159 ILE A O   1 
ATOM   983  C CB  . ILE A 1 144 ? -3.108  -11.503 9.296   1.00 25.37  ? 159 ILE A CB  1 
ATOM   984  C CG1 . ILE A 1 144 ? -3.028  -9.985  9.580   1.00 30.78  ? 159 ILE A CG1 1 
ATOM   985  C CG2 . ILE A 1 144 ? -1.726  -12.140 8.835   1.00 21.88  ? 159 ILE A CG2 1 
ATOM   986  C CD1 . ILE A 1 144 ? -2.505  -9.084  8.440   1.00 28.24  ? 159 ILE A CD1 1 
ATOM   987  N N   . VAL A 1 145 ? -3.987  -13.775 6.923   1.00 23.55  ? 160 VAL A N   1 
ATOM   988  C CA  . VAL A 1 145 ? -3.871  -15.181 6.513   1.00 24.69  ? 160 VAL A CA  1 
ATOM   989  C C   . VAL A 1 145 ? -2.457  -15.743 6.876   1.00 25.59  ? 160 VAL A C   1 
ATOM   990  O O   . VAL A 1 145 ? -1.434  -15.100 6.585   1.00 26.85  ? 160 VAL A O   1 
ATOM   991  C CB  . VAL A 1 145 ? -4.169  -15.324 5.014   1.00 24.03  ? 160 VAL A CB  1 
ATOM   992  C CG1 . VAL A 1 145 ? -4.077  -16.811 4.533   1.00 20.98  ? 160 VAL A CG1 1 
ATOM   993  C CG2 . VAL A 1 145 ? -5.552  -14.711 4.724   1.00 26.76  ? 160 VAL A CG2 1 
ATOM   994  N N   . SER A 1 146 ? -2.435  -16.926 7.519   1.00 26.37  ? 161 SER A N   1 
ATOM   995  C CA  . SER A 1 146 ? -1.191  -17.618 7.836   1.00 24.88  ? 161 SER A CA  1 
ATOM   996  C C   . SER A 1 146 ? -0.404  -17.736 6.561   1.00 24.48  ? 161 SER A C   1 
ATOM   997  O O   . SER A 1 146 ? -0.957  -17.963 5.498   1.00 23.19  ? 161 SER A O   1 
ATOM   998  C CB  . SER A 1 146 ? -1.412  -19.004 8.460   1.00 25.77  ? 161 SER A CB  1 
ATOM   999  O OG  . SER A 1 146 ? -2.080  -19.923 7.643   1.00 32.95  ? 161 SER A OG  1 
ATOM   1000 N N   . ARG A 1 147 ? 0.898   -17.550 6.660   1.00 24.93  ? 162 ARG A N   1 
ATOM   1001 C CA  . ARG A 1 147 ? 1.803   -17.732 5.553   1.00 23.66  ? 162 ARG A CA  1 
ATOM   1002 C C   . ARG A 1 147 ? 1.662   -19.198 5.038   1.00 22.26  ? 162 ARG A C   1 
ATOM   1003 O O   . ARG A 1 147 ? 1.808   -19.436 3.836   1.00 22.03  ? 162 ARG A O   1 
ATOM   1004 C CB  . ARG A 1 147 ? 3.235   -17.393 5.965   1.00 23.55  ? 162 ARG A CB  1 
ATOM   1005 C CG  . ARG A 1 147 ? 4.217   -17.357 4.829   1.00 24.45  ? 162 ARG A CG  1 
ATOM   1006 C CD  . ARG A 1 147 ? 5.531   -16.712 5.162   1.00 22.18  ? 162 ARG A CD  1 
ATOM   1007 N NE  . ARG A 1 147 ? 5.475   -15.236 5.382   1.00 25.52  ? 162 ARG A NE  1 
ATOM   1008 C CZ  . ARG A 1 147 ? 5.360   -14.611 6.568   1.00 29.65  ? 162 ARG A CZ  1 
ATOM   1009 N NH1 . ARG A 1 147 ? 5.295   -15.283 7.739   1.00 22.10  ? 162 ARG A NH1 1 
ATOM   1010 N NH2 . ARG A 1 147 ? 5.293   -13.300 6.597   1.00 26.89  ? 162 ARG A NH2 1 
ATOM   1011 N N   . ALA A 1 148 ? 1.402   -20.141 5.921   1.00 22.13  ? 163 ALA A N   1 
ATOM   1012 C CA  . ALA A 1 148 ? 1.280   -21.539 5.514   1.00 22.43  ? 163 ALA A CA  1 
ATOM   1013 C C   . ALA A 1 148 ? 0.115   -21.688 4.559   1.00 22.45  ? 163 ALA A C   1 
ATOM   1014 O O   . ALA A 1 148 ? 0.216   -22.332 3.529   1.00 21.29  ? 163 ALA A O   1 
ATOM   1015 C CB  . ALA A 1 148 ? 1.183   -22.466 6.681   1.00 22.25  ? 163 ALA A CB  1 
ATOM   1016 N N   . THR A 1 149 ? -1.016  -21.125 4.942   1.00 25.09  ? 164 THR A N   1 
ATOM   1017 C CA  . THR A 1 149 ? -2.194  -21.075 4.072   1.00 24.84  ? 164 THR A CA  1 
ATOM   1018 C C   . THR A 1 149 ? -1.953  -20.372 2.743   1.00 25.02  ? 164 THR A C   1 
ATOM   1019 O O   . THR A 1 149 ? -2.354  -20.885 1.761   1.00 26.27  ? 164 THR A O   1 
ATOM   1020 C CB  . THR A 1 149 ? -3.359  -20.428 4.799   1.00 26.00  ? 164 THR A CB  1 
ATOM   1021 O OG1 . THR A 1 149 ? -3.788  -21.311 5.913   1.00 26.24  ? 164 THR A OG1 1 
ATOM   1022 C CG2 . THR A 1 149 ? -4.514  -20.213 3.742   1.00 24.57  ? 164 THR A CG2 1 
ATOM   1023 N N   . CYS A 1 150 ? -1.257  -19.222 2.751   1.00 23.66  ? 165 CYS A N   1 
ATOM   1024 C CA  . CYS A 1 150 ? -0.897  -18.504 1.578   1.00 23.24  ? 165 CYS A CA  1 
ATOM   1025 C C   . CYS A 1 150 ? 0.031   -19.256 0.683   1.00 23.19  ? 165 CYS A C   1 
ATOM   1026 O O   . CYS A 1 150 ? -0.132  -19.246 -0.556  1.00 23.98  ? 165 CYS A O   1 
ATOM   1027 C CB  . CYS A 1 150 ? -0.253  -17.189 1.993   1.00 22.19  ? 165 CYS A CB  1 
ATOM   1028 S SG  . CYS A 1 150 ? -0.555  -15.920 0.840   1.00 23.50  ? 165 CYS A SG  1 
ATOM   1029 N N   . ARG A 1 151 ? 1.011   -19.933 1.273   1.00 22.76  ? 166 ARG A N   1 
ATOM   1030 C CA  . ARG A 1 151 ? 1.793   -20.932 0.551   1.00 22.48  ? 166 ARG A CA  1 
ATOM   1031 C C   . ARG A 1 151 ? 0.978   -22.056 -0.104  1.00 21.48  ? 166 ARG A C   1 
ATOM   1032 O O   . ARG A 1 151 ? 1.333   -22.546 -1.185  1.00 21.44  ? 166 ARG A O   1 
ATOM   1033 C CB  . ARG A 1 151 ? 2.905   -21.501 1.481   1.00 22.87  ? 166 ARG A CB  1 
ATOM   1034 C CG  . ARG A 1 151 ? 3.996   -20.415 1.840   1.00 22.70  ? 166 ARG A CG  1 
ATOM   1035 C CD  . ARG A 1 151 ? 5.208   -21.007 2.454   1.00 25.22  ? 166 ARG A CD  1 
ATOM   1036 N NE  . ARG A 1 151 ? 6.167   -19.912 2.504   1.00 33.80  ? 166 ARG A NE  1 
ATOM   1037 C CZ  . ARG A 1 151 ? 6.928   -19.553 3.543   1.00 26.59  ? 166 ARG A CZ  1 
ATOM   1038 N NH1 . ARG A 1 151 ? 6.917   -20.227 4.654   1.00 23.60  ? 166 ARG A NH1 1 
ATOM   1039 N NH2 . ARG A 1 151 ? 7.737   -18.474 3.410   1.00 40.54  ? 166 ARG A NH2 1 
ATOM   1040 N N   . ALA A 1 152 ? -0.054  -22.550 0.583   1.00 22.03  ? 167 ALA A N   1 
ATOM   1041 C CA  . ALA A 1 152 ? -0.944  -23.531 -0.064  1.00 23.29  ? 167 ALA A CA  1 
ATOM   1042 C C   . ALA A 1 152 ? -1.612  -22.925 -1.300  1.00 23.46  ? 167 ALA A C   1 
ATOM   1043 O O   . ALA A 1 152 ? -1.814  -23.640 -2.278  1.00 23.04  ? 167 ALA A O   1 
ATOM   1044 C CB  . ALA A 1 152 ? -1.995  -24.125 0.881   1.00 24.50  ? 167 ALA A CB  1 
ATOM   1045 N N   . GLN A 1 153 ? -1.983  -21.666 -1.215  1.00 22.83  ? 168 GLN A N   1 
ATOM   1046 C CA  . GLN A 1 153 ? -2.760  -21.009 -2.309  1.00 24.25  ? 168 GLN A CA  1 
ATOM   1047 C C   . GLN A 1 153 ? -1.886  -20.744 -3.542  1.00 23.83  ? 168 GLN A C   1 
ATOM   1048 O O   . GLN A 1 153 ? -2.237  -21.035 -4.686  1.00 23.58  ? 168 GLN A O   1 
ATOM   1049 C CB  . GLN A 1 153 ? -3.391  -19.718 -1.776  1.00 24.64  ? 168 GLN A CB  1 
ATOM   1050 C CG  . GLN A 1 153 ? -4.407  -19.986 -0.636  1.00 24.99  ? 168 GLN A CG  1 
ATOM   1051 C CD  . GLN A 1 153 ? -5.053  -18.749 -0.018  1.00 25.83  ? 168 GLN A CD  1 
ATOM   1052 O OE1 . GLN A 1 153 ? -6.144  -18.893 0.576   1.00 31.50  ? 168 GLN A OE1 1 
ATOM   1053 N NE2 . GLN A 1 153 ? -4.433  -17.560 -0.140  1.00 25.18  ? 168 GLN A NE2 1 
ATOM   1054 N N   . TYR A 1 154 ? -0.696  -20.213 -3.237  1.00 24.96  ? 169 TYR A N   1 
ATOM   1055 C CA  . TYR A 1 154 ? 0.255   -19.698 -4.213  1.00 25.00  ? 169 TYR A CA  1 
ATOM   1056 C C   . TYR A 1 154 ? 1.486   -20.549 -4.511  1.00 24.59  ? 169 TYR A C   1 
ATOM   1057 O O   . TYR A 1 154 ? 2.129   -20.351 -5.521  1.00 24.10  ? 169 TYR A O   1 
ATOM   1058 C CB  . TYR A 1 154 ? 0.699   -18.295 -3.782  1.00 25.02  ? 169 TYR A CB  1 
ATOM   1059 C CG  . TYR A 1 154 ? -0.335  -17.231 -3.913  1.00 25.98  ? 169 TYR A CG  1 
ATOM   1060 C CD1 . TYR A 1 154 ? -0.592  -16.642 -5.122  1.00 28.68  ? 169 TYR A CD1 1 
ATOM   1061 C CD2 . TYR A 1 154 ? -1.029  -16.797 -2.820  1.00 24.15  ? 169 TYR A CD2 1 
ATOM   1062 C CE1 . TYR A 1 154 ? -1.538  -15.636 -5.249  1.00 23.29  ? 169 TYR A CE1 1 
ATOM   1063 C CE2 . TYR A 1 154 ? -1.941  -15.776 -2.901  1.00 23.83  ? 169 TYR A CE2 1 
ATOM   1064 C CZ  . TYR A 1 154 ? -2.234  -15.228 -4.134  1.00 28.73  ? 169 TYR A CZ  1 
ATOM   1065 O OH  . TYR A 1 154 ? -3.146  -14.226 -4.246  1.00 25.83  ? 169 TYR A OH  1 
ATOM   1066 N N   . GLY A 1 155 ? 1.785   -21.521 -3.666  1.00 25.18  ? 170 GLY A N   1 
ATOM   1067 C CA  . GLY A 1 155 ? 3.024   -22.261 -3.746  1.00 25.53  ? 170 GLY A CA  1 
ATOM   1068 C C   . GLY A 1 155 ? 4.012   -21.674 -2.745  1.00 23.41  ? 170 GLY A C   1 
ATOM   1069 O O   . GLY A 1 155 ? 4.052   -20.493 -2.462  1.00 24.42  ? 170 GLY A O   1 
ATOM   1070 N N   . THR A 1 156 ? 4.818   -22.559 -2.190  1.00 26.07  ? 171 THR A N   1 
ATOM   1071 C CA  . THR A 1 156 ? 5.841   -22.180 -1.212  1.00 26.45  ? 171 THR A CA  1 
ATOM   1072 C C   . THR A 1 156 ? 6.847   -21.148 -1.689  1.00 26.69  ? 171 THR A C   1 
ATOM   1073 O O   . THR A 1 156 ? 7.125   -20.184 -0.958  1.00 28.57  ? 171 THR A O   1 
ATOM   1074 C CB  . THR A 1 156 ? 6.666   -23.450 -0.803  1.00 27.50  ? 171 THR A CB  1 
ATOM   1075 O OG1 . THR A 1 156 ? 5.772   -24.471 -0.356  1.00 32.14  ? 171 THR A OG1 1 
ATOM   1076 C CG2 . THR A 1 156 ? 7.679   -23.139 0.305   1.00 26.36  ? 171 THR A CG2 1 
ATOM   1077 N N   . SER A 1 157 ? 7.401   -21.397 -2.887  1.00 25.87  ? 172 SER A N   1 
ATOM   1078 C CA  . SER A 1 157 ? 8.273   -20.481 -3.603  1.00 26.27  ? 172 SER A CA  1 
ATOM   1079 C C   . SER A 1 157 ? 7.723   -19.114 -3.777  1.00 25.48  ? 172 SER A C   1 
ATOM   1080 O O   . SER A 1 157 ? 8.485   -18.143 -3.648  1.00 27.86  ? 172 SER A O   1 
ATOM   1081 C CB  . SER A 1 157 ? 8.592   -20.983 -5.001  1.00 23.94  ? 172 SER A CB  1 
ATOM   1082 O OG  . SER A 1 157 ? 9.402   -22.113 -4.949  1.00 34.10  ? 172 SER A OG  1 
ATOM   1083 N N   . ALA A 1 158 ? 6.425   -18.986 -4.058  1.00 24.91  ? 173 ALA A N   1 
ATOM   1084 C CA  . ALA A 1 158 ? 5.797   -17.672 -4.318  1.00 25.96  ? 173 ALA A CA  1 
ATOM   1085 C C   . ALA A 1 158 ? 5.723   -16.690 -3.137  1.00 26.11  ? 173 ALA A C   1 
ATOM   1086 O O   . ALA A 1 158 ? 5.579   -15.472 -3.319  1.00 25.66  ? 173 ALA A O   1 
ATOM   1087 C CB  . ALA A 1 158 ? 4.383   -17.846 -4.860  1.00 25.38  ? 173 ALA A CB  1 
ATOM   1088 N N   . ILE A 1 159 ? 5.713   -17.249 -1.933  1.00 27.79  ? 174 ILE A N   1 
ATOM   1089 C CA  . ILE A 1 159 ? 5.488   -16.483 -0.742  1.00 27.95  ? 174 ILE A CA  1 
ATOM   1090 C C   . ILE A 1 159 ? 6.733   -16.540 0.113   1.00 28.51  ? 174 ILE A C   1 
ATOM   1091 O O   . ILE A 1 159 ? 7.101   -17.583 0.581   1.00 31.91  ? 174 ILE A O   1 
ATOM   1092 C CB  . ILE A 1 159 ? 4.212   -16.958 0.096   1.00 29.52  ? 174 ILE A CB  1 
ATOM   1093 C CG1 . ILE A 1 159 ? 2.937   -17.102 -0.776  1.00 25.05  ? 174 ILE A CG1 1 
ATOM   1094 C CG2 . ILE A 1 159 ? 4.000   -15.958 1.377   1.00 30.54  ? 174 ILE A CG2 1 
ATOM   1095 C CD1 . ILE A 1 159 ? 2.504   -15.832 -1.412  1.00 27.24  ? 174 ILE A CD1 1 
ATOM   1096 N N   . THR A 1 160 ? 7.387   -15.394 0.282   1.00 25.19  ? 175 THR A N   1 
ATOM   1097 C CA  . THR A 1 160 ? 8.470   -15.264 1.197   1.00 25.22  ? 175 THR A CA  1 
ATOM   1098 C C   . THR A 1 160 ? 8.076   -14.630 2.551   1.00 25.46  ? 175 THR A C   1 
ATOM   1099 O O   . THR A 1 160 ? 6.922   -14.147 2.783   1.00 21.38  ? 175 THR A O   1 
ATOM   1100 C CB  . THR A 1 160 ? 9.498   -14.331 0.527   1.00 26.95  ? 175 THR A CB  1 
ATOM   1101 O OG1 . THR A 1 160 ? 8.955   -12.996 0.445   1.00 29.39  ? 175 THR A OG1 1 
ATOM   1102 C CG2 . THR A 1 160 ? 9.766   -14.849 -0.896  1.00 26.82  ? 175 THR A CG2 1 
ATOM   1103 N N   . ASN A 1 161 ? 9.096   -14.546 3.423   1.00 26.38  ? 176 ASN A N   1 
ATOM   1104 C CA  . ASN A 1 161 ? 8.892   -13.850 4.718   1.00 26.54  ? 176 ASN A CA  1 
ATOM   1105 C C   . ASN A 1 161 ? 8.936   -12.355 4.591   1.00 27.43  ? 176 ASN A C   1 
ATOM   1106 O O   . ASN A 1 161 ? 8.596   -11.627 5.550   1.00 27.55  ? 176 ASN A O   1 
ATOM   1107 C CB  . ASN A 1 161 ? 9.764   -14.506 5.824   1.00 29.56  ? 176 ASN A CB  1 
ATOM   1108 C CG  . ASN A 1 161 ? 9.331   -16.120 6.115   1.00 31.39  ? 176 ASN A CG  1 
ATOM   1109 O OD1 . ASN A 1 161 ? 8.519   -16.453 7.012   1.00 30.38  ? 176 ASN A OD1 1 
ATOM   1110 N ND2 . ASN A 1 161 ? 9.913   -17.061 5.319   1.00 48.09  ? 176 ASN A ND2 1 
ATOM   1111 N N   . GLN A 1 162 ? 9.298   -11.864 3.389   1.00 25.67  ? 177 GLN A N   1 
ATOM   1112 C CA  . GLN A 1 162 ? 9.147   -10.398 3.064   1.00 26.14  ? 177 GLN A CA  1 
ATOM   1113 C C   . GLN A 1 162 ? 7.807   -10.000 2.581   1.00 24.30  ? 177 GLN A C   1 
ATOM   1114 O O   . GLN A 1 162 ? 7.633   -8.849  2.190   1.00 24.80  ? 177 GLN A O   1 
ATOM   1115 C CB  . GLN A 1 162 ? 10.184  -9.878  2.072   1.00 26.42  ? 177 GLN A CB  1 
ATOM   1116 C CG  . GLN A 1 162 ? 11.651  -10.106 2.493   1.00 28.79  ? 177 GLN A CG  1 
ATOM   1117 C CD  . GLN A 1 162 ? 12.049  -11.582 2.429   1.00 37.70  ? 177 GLN A CD  1 
ATOM   1118 O OE1 . GLN A 1 162 ? 12.479  -12.192 3.435   1.00 44.20  ? 177 GLN A OE1 1 
ATOM   1119 N NE2 . GLN A 1 162 ? 11.867  -12.176 1.253   1.00 37.15  ? 177 GLN A NE2 1 
ATOM   1120 N N   . MET A 1 163 ? 6.897   -10.973 2.543   1.00 23.93  ? 178 MET A N   1 
ATOM   1121 C CA  . MET A 1 163 ? 5.462   -10.833 2.225   1.00 24.83  ? 178 MET A CA  1 
ATOM   1122 C C   . MET A 1 163 ? 4.633   -11.338 3.385   1.00 23.10  ? 178 MET A C   1 
ATOM   1123 O O   . MET A 1 163 ? 5.077   -12.202 4.130   1.00 25.38  ? 178 MET A O   1 
ATOM   1124 C CB  . MET A 1 163 ? 5.092   -11.729 1.052   1.00 24.21  ? 178 MET A CB  1 
ATOM   1125 C CG  . MET A 1 163 ? 5.859   -11.381 -0.231  1.00 30.47  ? 178 MET A CG  1 
ATOM   1126 S SD  . MET A 1 163 ? 5.647   -12.698 -1.454  1.00 26.16  ? 178 MET A SD  1 
ATOM   1127 C CE  . MET A 1 163 ? 7.032   -12.311 -2.538  1.00 33.20  ? 178 MET A CE  1 
ATOM   1128 N N   . PHE A 1 164 ? 3.471   -10.780 3.557   1.00 23.42  ? 179 PHE A N   1 
ATOM   1129 C CA  . PHE A 1 164 ? 2.386   -11.434 4.278   1.00 24.02  ? 179 PHE A CA  1 
ATOM   1130 C C   . PHE A 1 164 ? 1.088   -11.361 3.537   1.00 23.74  ? 179 PHE A C   1 
ATOM   1131 O O   . PHE A 1 164 ? 0.884   -10.564 2.639   1.00 24.88  ? 179 PHE A O   1 
ATOM   1132 C CB  . PHE A 1 164 ? 2.210   -10.876 5.756   1.00 25.29  ? 179 PHE A CB  1 
ATOM   1133 C CG  . PHE A 1 164 ? 1.724   -9.450  5.846   1.00 25.40  ? 179 PHE A CG  1 
ATOM   1134 C CD1 . PHE A 1 164 ? 0.371   -9.157  5.977   1.00 26.38  ? 179 PHE A CD1 1 
ATOM   1135 C CD2 . PHE A 1 164 ? 2.613   -8.396  5.765   1.00 22.26  ? 179 PHE A CD2 1 
ATOM   1136 C CE1 . PHE A 1 164 ? -0.072  -7.888  5.977   1.00 27.42  ? 179 PHE A CE1 1 
ATOM   1137 C CE2 . PHE A 1 164 ? 2.174   -7.127  5.761   1.00 24.84  ? 179 PHE A CE2 1 
ATOM   1138 C CZ  . PHE A 1 164 ? 0.843   -6.858  5.903   1.00 25.13  ? 179 PHE A CZ  1 
ATOM   1139 N N   . CYS A 1 165 ? 0.148   -12.122 4.015   1.00 23.27  ? 180 CYS A N   1 
ATOM   1140 C CA  . CYS A 1 165 ? -1.162  -12.251 3.345   1.00 24.57  ? 180 CYS A CA  1 
ATOM   1141 C C   . CYS A 1 165 ? -2.344  -11.897 4.266   1.00 23.69  ? 180 CYS A C   1 
ATOM   1142 O O   . CYS A 1 165 ? -2.266  -11.995 5.514   1.00 24.89  ? 180 CYS A O   1 
ATOM   1143 C CB  . CYS A 1 165 ? -1.318  -13.650 2.772   1.00 23.36  ? 180 CYS A CB  1 
ATOM   1144 S SG  . CYS A 1 165 ? 0.049   -14.243 1.779   1.00 26.31  ? 180 CYS A SG  1 
ATOM   1145 N N   . ALA A 1 166 ? -3.374  -11.401 3.620   1.00 24.06  ? 181 ALA A N   1 
ATOM   1146 C CA  . ALA A 1 166 ? -4.601  -10.967 4.236   1.00 25.65  ? 181 ALA A CA  1 
ATOM   1147 C C   . ALA A 1 166 ? -5.825  -11.152 3.259   1.00 25.22  ? 181 ALA A C   1 
ATOM   1148 O O   . ALA A 1 166 ? -5.735  -10.973 2.044   1.00 26.39  ? 181 ALA A O   1 
ATOM   1149 C CB  . ALA A 1 166 ? -4.494  -9.539  4.718   1.00 26.36  ? 181 ALA A CB  1 
ATOM   1150 N N   . GLY A 1 167 ? -6.961  -11.439 3.819   1.00 25.54  ? 182 GLY A N   1 
ATOM   1151 C CA  . GLY A 1 167 ? -8.114  -11.715 3.011   1.00 26.33  ? 182 GLY A CA  1 
ATOM   1152 C C   . GLY A 1 167 ? -9.021  -12.698 3.701   1.00 26.90  ? 182 GLY A C   1 
ATOM   1153 O O   . GLY A 1 167 ? -8.699  -13.269 4.772   1.00 27.25  ? 182 GLY A O   1 
ATOM   1154 N N   . VAL A 1 168 ? -10.129 -12.969 3.005   1.00 28.10  ? 183 VAL A N   1 
ATOM   1155 C CA  . VAL A 1 168 ? -11.262 -13.785 3.524   1.00 29.65  ? 183 VAL A CA  1 
ATOM   1156 C C   . VAL A 1 168 ? -11.495 -15.022 2.633   1.00 30.16  ? 183 VAL A C   1 
ATOM   1157 O O   . VAL A 1 168 ? -11.491 -14.974 1.379   1.00 28.47  ? 183 VAL A O   1 
ATOM   1158 C CB  . VAL A 1 168 ? -12.622 -12.995 3.779   1.00 30.41  ? 183 VAL A CB  1 
ATOM   1159 C CG1 . VAL A 1 168 ? -12.470 -11.937 4.845   1.00 32.47  ? 183 VAL A CG1 1 
ATOM   1160 C CG2 . VAL A 1 168 ? -13.065 -12.331 2.539   1.00 39.23  ? 183 VAL A CG2 1 
ATOM   1161 N N   . SER A 1 169 ? -11.651 -16.147 3.312   1.00 32.62  ? 184 SER A N   1 
ATOM   1162 C CA  . SER A 1 169 ? -11.431 -17.420 2.645   1.00 34.07  ? 184 SER A CA  1 
ATOM   1163 C C   . SER A 1 169 ? -12.519 -17.601 1.588   1.00 35.96  ? 184 SER A C   1 
ATOM   1164 O O   . SER A 1 169 ? -12.221 -18.052 0.479   1.00 39.19  ? 184 SER A O   1 
ATOM   1165 C CB  . SER A 1 169 ? -11.404 -18.568 3.646   1.00 33.19  ? 184 SER A CB  1 
ATOM   1166 O OG  . SER A 1 169 ? -12.686 -18.749 4.151   1.00 31.77  ? 184 SER A OG  1 
ATOM   1167 N N   . SER A 1 170 ? -13.734 -17.171 1.918   1.00 36.19  ? 185 SER A N   1 
ATOM   1168 C CA  . SER A 1 170 ? -14.841 -17.061 0.969   1.00 35.84  ? 185 SER A CA  1 
ATOM   1169 C C   . SER A 1 170 ? -14.801 -15.843 0.001   1.00 36.06  ? 185 SER A C   1 
ATOM   1170 O O   . SER A 1 170 ? -15.738 -15.656 -0.776  1.00 35.97  ? 185 SER A O   1 
ATOM   1171 C CB  . SER A 1 170 ? -16.158 -17.034 1.742   1.00 37.04  ? 185 SER A CB  1 
ATOM   1172 O OG  . SER A 1 170 ? -16.192 -15.970 2.679   1.00 39.32  ? 185 SER A OG  1 
ATOM   1173 N N   . GLY A 1 171 ? -13.724 -15.046 0.029   1.00 35.76  ? 186 GLY A N   1 
ATOM   1174 C CA  . GLY A 1 171 ? -13.481 -13.994 -0.961  1.00 34.28  ? 186 GLY A CA  1 
ATOM   1175 C C   . GLY A 1 171 ? -14.259 -12.708 -0.677  1.00 33.63  ? 186 GLY A C   1 
ATOM   1176 O O   . GLY A 1 171 ? -14.987 -12.621 0.328   1.00 35.06  ? 186 GLY A O   1 
ATOM   1177 N N   . GLY A 1 172 ? -14.122 -11.716 -1.563  1.00 30.46  ? 187 GLY A N   1 
ATOM   1178 C CA  . GLY A 1 172 ? -15.084 -10.596 -1.589  1.00 30.04  ? 187 GLY A CA  1 
ATOM   1179 C C   . GLY A 1 172 ? -14.660 -9.364  -0.829  1.00 27.70  ? 187 GLY A C   1 
ATOM   1180 O O   . GLY A 1 172 ? -15.322 -8.315  -0.919  1.00 25.26  ? 187 GLY A O   1 
ATOM   1181 N N   . LYS A 1 173 ? -13.523 -9.470  -0.110  1.00 26.33  ? 188 LYS A N   1 
ATOM   1182 C CA  . LYS A 1 173 ? -12.848 -8.294  0.479   1.00 27.06  ? 188 LYS A CA  1 
ATOM   1183 C C   . LYS A 1 173 ? -11.337 -8.329  0.188   1.00 25.17  ? 188 LYS A C   1 
ATOM   1184 O O   . LYS A 1 173 ? -10.637 -9.342  0.487   1.00 27.48  ? 188 LYS A O   1 
ATOM   1185 C CB  . LYS A 1 173 ? -13.074 -8.239  1.998   1.00 27.53  ? 188 LYS A CB  1 
ATOM   1186 C CG  . LYS A 1 173 ? -14.549 -8.063  2.441   1.00 27.42  ? 188 LYS A CG  1 
ATOM   1187 C CD  . LYS A 1 173 ? -14.473 -7.663  3.855   1.00 28.51  ? 188 LYS A CD  1 
ATOM   1188 C CE  . LYS A 1 173 ? -15.718 -7.530  4.581   1.00 35.05  ? 188 LYS A CE  1 
ATOM   1189 N NZ  . LYS A 1 173 ? -15.052 -7.451  5.974   1.00 42.25  ? 188 LYS A NZ  1 
ATOM   1190 N N   . ASP A 1 174 ? -10.829 -7.258  -0.430  1.00 24.74  ? 189 ASP A N   1 
ATOM   1191 C CA  . ASP A 1 174 ? -9.417  -7.207  -0.843  1.00 26.11  ? 189 ASP A CA  1 
ATOM   1192 C C   . ASP A 1 174 ? -9.060  -5.795  -1.318  1.00 26.19  ? 189 ASP A C   1 
ATOM   1193 O O   . ASP A 1 174 ? -9.909  -4.928  -1.552  1.00 25.42  ? 189 ASP A O   1 
ATOM   1194 C CB  . ASP A 1 174 ? -9.214  -8.139  -2.001  1.00 25.12  ? 189 ASP A CB  1 
ATOM   1195 C CG  . ASP A 1 174 ? -7.823  -8.749  -2.080  1.00 26.63  ? 189 ASP A CG  1 
ATOM   1196 O OD1 . ASP A 1 174 ? -6.837  -8.350  -1.451  1.00 23.78  ? 189 ASP A OD1 1 
ATOM   1197 O OD2 . ASP A 1 174 ? -7.732  -9.655  -2.924  1.00 27.48  ? 189 ASP A OD2 1 
ATOM   1198 N N   . SER A 1 175 ? -7.761  -5.612  -1.527  1.00 28.77  ? 190 SER A N   1 
ATOM   1199 C CA  . SER A 1 175 ? -7.167  -4.510  -2.353  1.00 27.38  ? 190 SER A CA  1 
ATOM   1200 C C   . SER A 1 175 ? -7.168  -5.013  -3.812  1.00 27.57  ? 190 SER A C   1 
ATOM   1201 O O   . SER A 1 175 ? -7.237  -6.228  -4.081  1.00 27.35  ? 190 SER A O   1 
ATOM   1202 C CB  . SER A 1 175 ? -5.716  -4.193  -1.832  1.00 28.92  ? 190 SER A CB  1 
ATOM   1203 O OG  . SER A 1 175 ? -4.923  -5.398  -1.729  1.00 26.33  ? 190 SER A OG  1 
ATOM   1204 N N   . CYS A 1 176 ? -7.026  -4.134  -4.785  1.00 27.19  ? 191 CYS A N   1 
ATOM   1205 C CA  . CYS A 1 176 ? -7.136  -4.519  -6.163  1.00 25.83  ? 191 CYS A CA  1 
ATOM   1206 C C   . CYS A 1 176 ? -6.229  -3.634  -6.999  1.00 26.75  ? 191 CYS A C   1 
ATOM   1207 O O   . CYS A 1 176 ? -5.396  -2.872  -6.461  1.00 26.99  ? 191 CYS A O   1 
ATOM   1208 C CB  . CYS A 1 176 ? -8.644  -4.477  -6.595  1.00 25.50  ? 191 CYS A CB  1 
ATOM   1209 S SG  . CYS A 1 176 ? -9.058  -5.422  -8.040  1.00 27.99  ? 191 CYS A SG  1 
ATOM   1210 N N   . GLN A 1 177 ? -6.400  -3.672  -8.296  1.00 27.74  ? 192 GLN A N   1 
ATOM   1211 C CA  . GLN A 1 177 ? -5.572  -2.827  -9.166  1.00 28.96  ? 192 GLN A CA  1 
ATOM   1212 C C   . GLN A 1 177 ? -5.848  -1.371  -8.866  1.00 29.24  ? 192 GLN A C   1 
ATOM   1213 O O   . GLN A 1 177 ? -7.007  -0.946  -8.835  1.00 29.79  ? 192 GLN A O   1 
ATOM   1214 C CB  . GLN A 1 177 ? -5.779  -3.148  -10.683 1.00 30.04  ? 192 GLN A CB  1 
ATOM   1215 C CG  . GLN A 1 177 ? -4.952  -4.413  -11.153 1.00 34.56  ? 192 GLN A CG  1 
ATOM   1216 C CD  . GLN A 1 177 ? -5.202  -5.659  -10.269 1.00 37.40  ? 192 GLN A CD  1 
ATOM   1217 O OE1 . GLN A 1 177 ? -6.283  -6.223  -10.262 1.00 32.40  ? 192 GLN A OE1 1 
ATOM   1218 N NE2 . GLN A 1 177 ? -4.203  -6.048  -9.506  1.00 36.86  ? 192 GLN A NE2 1 
ATOM   1219 N N   . GLY A 1 178 ? -4.772  -0.622  -8.659  1.00 27.27  ? 193 GLY A N   1 
ATOM   1220 C CA  . GLY A 1 178 ? -4.778  0.800   -8.399  1.00 27.60  ? 193 GLY A CA  1 
ATOM   1221 C C   . GLY A 1 178 ? -4.602  1.044   -6.923  1.00 25.38  ? 193 GLY A C   1 
ATOM   1222 O O   . GLY A 1 178 ? -4.319  2.145   -6.513  1.00 24.95  ? 193 GLY A O   1 
ATOM   1223 N N   . ASP A 1 179 ? -4.680  -0.021  -6.109  1.00 26.08  ? 194 ASP A N   1 
ATOM   1224 C CA  . ASP A 1 179 ? -4.429  0.100   -4.701  1.00 26.01  ? 194 ASP A CA  1 
ATOM   1225 C C   . ASP A 1 179 ? -2.930  -0.136  -4.341  1.00 26.45  ? 194 ASP A C   1 
ATOM   1226 O O   . ASP A 1 179 ? -2.528  0.156   -3.227  1.00 26.39  ? 194 ASP A O   1 
ATOM   1227 C CB  . ASP A 1 179 ? -5.260  -0.917  -3.912  1.00 26.61  ? 194 ASP A CB  1 
ATOM   1228 C CG  . ASP A 1 179 ? -6.717  -0.552  -3.845  1.00 26.04  ? 194 ASP A CG  1 
ATOM   1229 O OD1 . ASP A 1 179 ? -6.987  0.631   -3.701  1.00 26.16  ? 194 ASP A OD1 1 
ATOM   1230 O OD2 . ASP A 1 179 ? -7.585  -1.434  -4.011  1.00 26.80  ? 194 ASP A OD2 1 
ATOM   1231 N N   . SER A 1 180 ? -2.165  -0.699  -5.263  1.00 24.69  ? 195 SER A N   1 
ATOM   1232 C CA  . SER A 1 180 ? -0.782  -1.108  -4.961  1.00 25.58  ? 195 SER A CA  1 
ATOM   1233 C C   . SER A 1 180 ? 0.009   0.022   -4.360  1.00 25.33  ? 195 SER A C   1 
ATOM   1234 O O   . SER A 1 180 ? -0.164  1.204   -4.722  1.00 24.18  ? 195 SER A O   1 
ATOM   1235 C CB  . SER A 1 180 ? -0.064  -1.549  -6.236  1.00 25.31  ? 195 SER A CB  1 
ATOM   1236 O OG  . SER A 1 180 ? -0.498  -2.800  -6.717  1.00 31.77  ? 195 SER A OG  1 
ATOM   1237 N N   . GLY A 1 181 ? 0.964   -0.317  -3.501  1.00 26.54  ? 196 GLY A N   1 
ATOM   1238 C CA  . GLY A 1 181 ? 1.740   0.730   -2.823  1.00 25.81  ? 196 GLY A CA  1 
ATOM   1239 C C   . GLY A 1 181 ? 1.087   1.337   -1.623  1.00 24.67  ? 196 GLY A C   1 
ATOM   1240 O O   . GLY A 1 181 ? 1.754   1.873   -0.752  1.00 24.50  ? 196 GLY A O   1 
ATOM   1241 N N   . GLY A 1 182 ? -0.239  1.350   -1.589  1.00 25.57  ? 197 GLY A N   1 
ATOM   1242 C CA  . GLY A 1 182 ? -0.933  1.892   -0.438  1.00 25.77  ? 197 GLY A CA  1 
ATOM   1243 C C   . GLY A 1 182 ? -0.858  1.071   0.867   1.00 27.25  ? 197 GLY A C   1 
ATOM   1244 O O   . GLY A 1 182 ? -0.316  -0.061  0.871   1.00 24.31  ? 197 GLY A O   1 
ATOM   1245 N N   . PRO A 1 183 ? -1.350  1.688   1.974   1.00 26.40  ? 198 PRO A N   1 
ATOM   1246 C CA  . PRO A 1 183 ? -1.162  1.182   3.342   1.00 24.31  ? 198 PRO A CA  1 
ATOM   1247 C C   . PRO A 1 183 ? -2.092  0.028   3.714   1.00 23.96  ? 198 PRO A C   1 
ATOM   1248 O O   . PRO A 1 183 ? -3.275  -0.027  3.327   1.00 26.03  ? 198 PRO A O   1 
ATOM   1249 C CB  . PRO A 1 183 ? -1.408  2.422   4.214   1.00 24.84  ? 198 PRO A CB  1 
ATOM   1250 C CG  . PRO A 1 183 ? -2.369  3.321   3.452   1.00 24.12  ? 198 PRO A CG  1 
ATOM   1251 C CD  . PRO A 1 183 ? -2.115  2.980   1.977   1.00 26.05  ? 198 PRO A CD  1 
ATOM   1252 N N   . ILE A 1 184 ? -1.504  -0.933  4.385   1.00 24.08  ? 199 ILE A N   1 
ATOM   1253 C CA  . ILE A 1 184 ? -2.231  -1.844  5.231   1.00 23.83  ? 199 ILE A CA  1 
ATOM   1254 C C   . ILE A 1 184 ? -1.766  -1.654  6.646   1.00 23.72  ? 199 ILE A C   1 
ATOM   1255 O O   . ILE A 1 184 ? -0.551  -1.668  6.959   1.00 24.23  ? 199 ILE A O   1 
ATOM   1256 C CB  . ILE A 1 184 ? -2.158  -3.325  4.715   1.00 25.04  ? 199 ILE A CB  1 
ATOM   1257 C CG1 . ILE A 1 184 ? -2.946  -4.290  5.664   1.00 24.87  ? 199 ILE A CG1 1 
ATOM   1258 C CG2 . ILE A 1 184 ? -0.769  -3.764  4.420   1.00 21.94  ? 199 ILE A CG2 1 
ATOM   1259 C CD1 . ILE A 1 184 ? -3.415  -5.585  4.989   1.00 26.14  ? 199 ILE A CD1 1 
ATOM   1260 N N   . VAL A 1 185 ? -2.735  -1.436  7.527   1.00 23.87  ? 200 VAL A N   1 
ATOM   1261 C CA  . VAL A 1 185 ? -2.495  -1.149  8.943   1.00 24.79  ? 200 VAL A CA  1 
ATOM   1262 C C   . VAL A 1 185 ? -3.050  -2.225  9.862   1.00 23.77  ? 200 VAL A C   1 
ATOM   1263 O O   . VAL A 1 185 ? -3.958  -2.970  9.478   1.00 22.34  ? 200 VAL A O   1 
ATOM   1264 C CB  . VAL A 1 185 ? -3.041  0.275   9.419   1.00 24.05  ? 200 VAL A CB  1 
ATOM   1265 C CG1 . VAL A 1 185 ? -2.300  1.373   8.692   1.00 28.01  ? 200 VAL A CG1 1 
ATOM   1266 C CG2 . VAL A 1 185 ? -4.595  0.365   9.231   1.00 26.79  ? 200 VAL A CG2 1 
ATOM   1267 N N   . ASP A 1 186 ? -2.491  -2.315  11.062  1.00 24.12  ? 201 ASP A N   1 
ATOM   1268 C CA  . ASP A 1 186 ? -3.097  -3.125  12.133  1.00 24.41  ? 201 ASP A CA  1 
ATOM   1269 C C   . ASP A 1 186 ? -4.235  -2.367  12.804  1.00 24.70  ? 201 ASP A C   1 
ATOM   1270 O O   . ASP A 1 186 ? -4.564  -1.224  12.415  1.00 23.22  ? 201 ASP A O   1 
ATOM   1271 C CB  . ASP A 1 186 ? -2.081  -3.712  13.135  1.00 25.74  ? 201 ASP A CB  1 
ATOM   1272 C CG  . ASP A 1 186 ? -1.401  -2.671  13.945  1.00 21.15  ? 201 ASP A CG  1 
ATOM   1273 O OD1 . ASP A 1 186 ? -1.835  -1.526  13.969  1.00 26.94  ? 201 ASP A OD1 1 
ATOM   1274 O OD2 . ASP A 1 186 ? -0.426  -3.024  14.602  1.00 28.03  ? 201 ASP A OD2 1 
ATOM   1275 N N   . SER A 1 187 ? -4.833  -3.006  13.815  1.00 26.96  ? 202 SER A N   1 
ATOM   1276 C CA  . SER A 1 187 ? -6.047  -2.488  14.533  1.00 29.35  ? 202 SER A CA  1 
ATOM   1277 C C   . SER A 1 187 ? -5.776  -1.186  15.286  1.00 31.22  ? 202 SER A C   1 
ATOM   1278 O O   . SER A 1 187 ? -6.730  -0.409  15.602  1.00 32.60  ? 202 SER A O   1 
ATOM   1279 C CB  . SER A 1 187 ? -6.577  -3.558  15.531  1.00 29.16  ? 202 SER A CB  1 
ATOM   1280 O OG  . SER A 1 187 ? -5.529  -4.251  16.225  1.00 31.42  ? 202 SER A OG  1 
ATOM   1281 N N   . SER A 1 188 ? -4.478  -0.981  15.590  1.00 32.23  ? 203 SER A N   1 
ATOM   1282 C CA  . SER A 1 188 ? -3.926  0.279   16.171  1.00 31.62  ? 203 SER A CA  1 
ATOM   1283 C C   . SER A 1 188 ? -3.556  1.382   15.164  1.00 33.28  ? 203 SER A C   1 
ATOM   1284 O O   . SER A 1 188 ? -3.019  2.440   15.570  1.00 34.55  ? 203 SER A O   1 
ATOM   1285 C CB  . SER A 1 188 ? -2.642  -0.017  16.928  1.00 32.15  ? 203 SER A CB  1 
ATOM   1286 O OG  . SER A 1 188 ? -2.888  -0.973  17.919  1.00 32.69  ? 203 SER A OG  1 
ATOM   1287 N N   . ASN A 1 189 ? -3.803  1.121   13.863  1.00 32.14  ? 204 ASN A N   1 
ATOM   1288 C CA  . ASN A 1 189 ? -3.403  1.991   12.758  1.00 30.65  ? 204 ASN A CA  1 
ATOM   1289 C C   . ASN A 1 189 ? -1.839  2.075   12.526  1.00 31.10  ? 204 ASN A C   1 
ATOM   1290 O O   . ASN A 1 189 ? -1.390  3.026   11.864  1.00 32.48  ? 204 ASN A O   1 
ATOM   1291 C CB  . ASN A 1 189 ? -4.064  3.366   12.928  1.00 29.41  ? 204 ASN A CB  1 
ATOM   1292 C CG  . ASN A 1 189 ? -5.559  3.349   12.528  1.00 32.51  ? 204 ASN A CG  1 
ATOM   1293 O OD1 . ASN A 1 189 ? -5.912  2.818   11.479  1.00 32.75  ? 204 ASN A OD1 1 
ATOM   1294 N ND2 . ASN A 1 189 ? -6.418  4.084   13.289  1.00 34.33  ? 204 ASN A ND2 1 
ATOM   1295 N N   . THR A 1 190 ? -1.060  1.126   13.078  1.00 27.96  ? 205 THR A N   1 
ATOM   1296 C CA  . THR A 1 190 ? 0.357   0.906   12.695  1.00 27.35  ? 205 THR A CA  1 
ATOM   1297 C C   . THR A 1 190 ? 0.514   0.344   11.295  1.00 26.88  ? 205 THR A C   1 
ATOM   1298 O O   . THR A 1 190 ? -0.209  -0.580  10.903  1.00 22.46  ? 205 THR A O   1 
ATOM   1299 C CB  . THR A 1 190 ? 1.111   0.056   13.749  1.00 28.90  ? 205 THR A CB  1 
ATOM   1300 O OG1 . THR A 1 190 ? 0.990   0.732   15.008  1.00 28.27  ? 205 THR A OG1 1 
ATOM   1301 C CG2 . THR A 1 190 ? 2.584   -0.177  13.330  1.00 26.94  ? 205 THR A CG2 1 
ATOM   1302 N N   . LEU A 1 191 ? 1.372   1.000   10.492  1.00 26.05  ? 206 LEU A N   1 
ATOM   1303 C CA  . LEU A 1 191 ? 1.713   0.514   9.138   1.00 25.22  ? 206 LEU A CA  1 
ATOM   1304 C C   . LEU A 1 191 ? 2.512   -0.778  9.122   1.00 25.11  ? 206 LEU A C   1 
ATOM   1305 O O   . LEU A 1 191 ? 3.694   -0.820  9.494   1.00 23.77  ? 206 LEU A O   1 
ATOM   1306 C CB  . LEU A 1 191 ? 2.485   1.581   8.341   1.00 28.99  ? 206 LEU A CB  1 
ATOM   1307 C CG  . LEU A 1 191 ? 2.570   1.305   6.805   1.00 24.36  ? 206 LEU A CG  1 
ATOM   1308 C CD1 . LEU A 1 191 ? 1.247   1.262   6.111   1.00 22.75  ? 206 LEU A CD1 1 
ATOM   1309 C CD2 . LEU A 1 191 ? 3.561   2.264   6.254   1.00 23.03  ? 206 LEU A CD2 1 
ATOM   1310 N N   . ILE A 1 192 ? 1.815   -1.846  8.694   1.00 25.81  ? 207 ILE A N   1 
ATOM   1311 C CA  . ILE A 1 192 ? 2.338   -3.225  8.722   1.00 24.74  ? 207 ILE A CA  1 
ATOM   1312 C C   . ILE A 1 192 ? 2.750   -3.642  7.353   1.00 22.51  ? 207 ILE A C   1 
ATOM   1313 O O   . ILE A 1 192 ? 3.543   -4.566  7.225   1.00 24.97  ? 207 ILE A O   1 
ATOM   1314 C CB  . ILE A 1 192 ? 1.379   -4.269  9.374   1.00 24.62  ? 207 ILE A CB  1 
ATOM   1315 C CG1 . ILE A 1 192 ? -0.005  -4.339  8.711   1.00 25.70  ? 207 ILE A CG1 1 
ATOM   1316 C CG2 . ILE A 1 192 ? 1.366   -4.090  10.918  1.00 26.86  ? 207 ILE A CG2 1 
ATOM   1317 C CD1 . ILE A 1 192 ? -0.845  -5.631  9.100   1.00 25.01  ? 207 ILE A CD1 1 
ATOM   1318 N N   . GLY A 1 193 ? 2.190   -3.013  6.331   1.00 24.70  ? 208 GLY A N   1 
ATOM   1319 C CA  . GLY A 1 193 ? 2.505   -3.393  4.942   1.00 24.55  ? 208 GLY A CA  1 
ATOM   1320 C C   . GLY A 1 193 ? 2.155   -2.364  3.868   1.00 25.61  ? 208 GLY A C   1 
ATOM   1321 O O   . GLY A 1 193 ? 1.507   -1.323  4.104   1.00 25.23  ? 208 GLY A O   1 
ATOM   1322 N N   . ALA A 1 194 ? 2.569   -2.705  2.639   1.00 26.27  ? 209 ALA A N   1 
ATOM   1323 C CA  . ALA A 1 194 ? 2.113   -2.045  1.439   1.00 25.15  ? 209 ALA A CA  1 
ATOM   1324 C C   . ALA A 1 194 ? 1.475   -3.053  0.553   1.00 24.76  ? 209 ALA A C   1 
ATOM   1325 O O   . ALA A 1 194 ? 2.035   -4.162  0.344   1.00 24.62  ? 209 ALA A O   1 
ATOM   1326 C CB  . ALA A 1 194 ? 3.290   -1.332  0.665   1.00 27.20  ? 209 ALA A CB  1 
ATOM   1327 N N   . VAL A 1 195 ? 0.384   -2.593  -0.097  1.00 24.87  ? 210 VAL A N   1 
ATOM   1328 C CA  . VAL A 1 195 ? -0.376  -3.443  -1.112  1.00 25.43  ? 210 VAL A CA  1 
ATOM   1329 C C   . VAL A 1 195 ? 0.652   -3.806  -2.238  1.00 25.61  ? 210 VAL A C   1 
ATOM   1330 O O   . VAL A 1 195 ? 1.338   -2.933  -2.806  1.00 25.53  ? 210 VAL A O   1 
ATOM   1331 C CB  . VAL A 1 195 ? -1.573  -2.715  -1.663  1.00 24.42  ? 210 VAL A CB  1 
ATOM   1332 C CG1 . VAL A 1 195 ? -2.194  -3.429  -2.823  1.00 27.45  ? 210 VAL A CG1 1 
ATOM   1333 C CG2 . VAL A 1 195 ? -2.571  -2.426  -0.631  1.00 27.28  ? 210 VAL A CG2 1 
ATOM   1334 N N   . SER A 1 196 ? 0.775   -5.117  -2.520  1.00 25.71  ? 211 SER A N   1 
ATOM   1335 C CA  . SER A 1 196 ? 1.765   -5.576  -3.448  1.00 26.64  ? 211 SER A CA  1 
ATOM   1336 C C   . SER A 1 196 ? 1.168   -6.333  -4.630  1.00 27.62  ? 211 SER A C   1 
ATOM   1337 O O   . SER A 1 196 ? 1.180   -5.835  -5.747  1.00 30.19  ? 211 SER A O   1 
ATOM   1338 C CB  . SER A 1 196 ? 2.889   -6.357  -2.697  1.00 27.20  ? 211 SER A CB  1 
ATOM   1339 O OG  . SER A 1 196 ? 3.914   -6.886  -3.510  1.00 25.64  ? 211 SER A OG  1 
ATOM   1340 N N   . TRP A 1 197 ? 0.623   -7.499  -4.407  1.00 26.85  ? 212 TRP A N   1 
ATOM   1341 C CA  . TRP A 1 197 ? 0.138   -8.367  -5.507  1.00 27.12  ? 212 TRP A CA  1 
ATOM   1342 C C   . TRP A 1 197 ? -0.927  -9.403  -5.031  1.00 26.06  ? 212 TRP A C   1 
ATOM   1343 O O   . TRP A 1 197 ? -1.198  -9.554  -3.846  1.00 26.06  ? 212 TRP A O   1 
ATOM   1344 C CB  . TRP A 1 197 ? 1.331   -9.045  -6.261  1.00 27.38  ? 212 TRP A CB  1 
ATOM   1345 C CG  . TRP A 1 197 ? 2.037   -10.058 -5.400  1.00 26.50  ? 212 TRP A CG  1 
ATOM   1346 C CD1 . TRP A 1 197 ? 2.929   -9.794  -4.362  1.00 26.15  ? 212 TRP A CD1 1 
ATOM   1347 C CD2 . TRP A 1 197 ? 1.876   -11.484 -5.432  1.00 28.09  ? 212 TRP A CD2 1 
ATOM   1348 N NE1 . TRP A 1 197 ? 3.383   -10.978 -3.816  1.00 28.64  ? 212 TRP A NE1 1 
ATOM   1349 C CE2 . TRP A 1 197 ? 2.762   -12.028 -4.443  1.00 27.27  ? 212 TRP A CE2 1 
ATOM   1350 C CE3 . TRP A 1 197 ? 1.118   -12.375 -6.226  1.00 28.04  ? 212 TRP A CE3 1 
ATOM   1351 C CZ2 . TRP A 1 197 ? 2.849   -13.385 -4.217  1.00 27.69  ? 212 TRP A CZ2 1 
ATOM   1352 C CZ3 . TRP A 1 197 ? 1.220   -13.691 -5.992  1.00 28.84  ? 212 TRP A CZ3 1 
ATOM   1353 C CH2 . TRP A 1 197 ? 2.083   -14.198 -5.012  1.00 26.72  ? 212 TRP A CH2 1 
ATOM   1354 N N   . GLY A 1 198 ? -1.437  -10.160 -5.988  1.00 26.07  ? 213 GLY A N   1 
ATOM   1355 C CA  . GLY A 1 198 ? -2.397  -11.221 -5.732  1.00 27.48  ? 213 GLY A CA  1 
ATOM   1356 C C   . GLY A 1 198 ? -2.809  -11.845 -7.039  1.00 26.08  ? 213 GLY A C   1 
ATOM   1357 O O   . GLY A 1 198 ? -2.582  -11.303 -8.097  1.00 28.37  ? 213 GLY A O   1 
ATOM   1358 N N   . ASN A 1 199 ? -3.386  -13.006 -6.970  1.00 28.46  ? 214 ASN A N   1 
ATOM   1359 C CA  . ASN A 1 199 ? -4.037  -13.648 -8.125  1.00 28.73  ? 214 ASN A CA  1 
ATOM   1360 C C   . ASN A 1 199 ? -5.452  -12.998 -8.174  1.00 28.90  ? 214 ASN A C   1 
ATOM   1361 O O   . ASN A 1 199 ? -6.340  -13.343 -7.335  1.00 30.99  ? 214 ASN A O   1 
ATOM   1362 C CB  . ASN A 1 199 ? -4.078  -15.205 -7.924  1.00 27.85  ? 214 ASN A CB  1 
ATOM   1363 C CG  . ASN A 1 199 ? -4.373  -15.988 -9.244  1.00 35.28  ? 214 ASN A CG  1 
ATOM   1364 O OD1 . ASN A 1 199 ? -4.112  -15.458 -10.363 1.00 61.05  ? 214 ASN A OD1 1 
ATOM   1365 N ND2 . ASN A 1 199 ? -4.998  -17.235 -9.134  1.00 33.59  ? 214 ASN A ND2 1 
ATOM   1366 N N   . GLY A 1 200 ? -5.631  -12.021 -9.075  1.00 26.17  ? 215 GLY A N   1 
ATOM   1367 C CA  . GLY A 1 200 ? -6.879  -11.281 -9.149  1.00 27.06  ? 215 GLY A CA  1 
ATOM   1368 C C   . GLY A 1 200 ? -7.135  -10.479 -7.873  1.00 26.19  ? 215 GLY A C   1 
ATOM   1369 O O   . GLY A 1 200 ? -6.186  -10.061 -7.231  1.00 27.45  ? 215 GLY A O   1 
ATOM   1370 N N   . CYS A 1 201 ? -8.432  -10.235 -7.544  1.00 25.31  ? 216 CYS A N   1 
ATOM   1371 C CA  . CYS A 1 201 ? -8.834  -9.501  -6.377  1.00 25.91  ? 216 CYS A CA  1 
ATOM   1372 C C   . CYS A 1 201 ? -10.027 -10.179 -5.788  1.00 25.88  ? 216 CYS A C   1 
ATOM   1373 O O   . CYS A 1 201 ? -11.016 -10.450 -6.477  1.00 25.00  ? 216 CYS A O   1 
ATOM   1374 C CB  . CYS A 1 201 ? -9.261  -8.071  -6.709  1.00 27.19  ? 216 CYS A CB  1 
ATOM   1375 S SG  . CYS A 1 201 ? -8.177  -7.267  -7.805  1.00 26.40  ? 216 CYS A SG  1 
ATOM   1376 N N   . ALA A 1 202 ? -9.900  -10.407 -4.488  1.00 25.19  ? 217 ALA A N   1 
ATOM   1377 C CA  . ALA A 1 202 ? -10.976 -10.884 -3.595  1.00 26.47  ? 217 ALA A CA  1 
ATOM   1378 C C   . ALA A 1 202 ? -11.459 -12.260 -3.936  1.00 26.14  ? 217 ALA A C   1 
ATOM   1379 O O   . ALA A 1 202 ? -12.590 -12.584 -3.638  1.00 26.51  ? 217 ALA A O   1 
ATOM   1380 C CB  . ALA A 1 202 ? -12.172 -9.862  -3.599  1.00 26.83  ? 217 ALA A CB  1 
ATOM   1381 N N   . ARG A 1 203 ? -10.630 -13.052 -4.598  1.00 25.72  ? 218 ARG A N   1 
ATOM   1382 C CA  . ARG A 1 203 ? -10.993 -14.423 -5.010  1.00 27.30  ? 218 ARG A CA  1 
ATOM   1383 C C   . ARG A 1 203 ? -10.965 -15.268 -3.727  1.00 28.64  ? 218 ARG A C   1 
ATOM   1384 O O   . ARG A 1 203 ? -10.038 -15.063 -2.867  1.00 28.23  ? 218 ARG A O   1 
ATOM   1385 C CB  . ARG A 1 203 ? -9.984  -15.047 -5.970  1.00 25.94  ? 218 ARG A CB  1 
ATOM   1386 C CG  . ARG A 1 203 ? -9.737  -14.309 -7.234  1.00 27.86  ? 218 ARG A CG  1 
ATOM   1387 C CD  . ARG A 1 203 ? -8.890  -15.034 -8.220  1.00 27.44  ? 218 ARG A CD  1 
ATOM   1388 N NE  . ARG A 1 203 ? -8.690  -14.198 -9.401  1.00 26.75  ? 218 ARG A NE  1 
ATOM   1389 C CZ  . ARG A 1 203 ? -7.910  -14.508 -10.424 1.00 22.51  ? 218 ARG A CZ  1 
ATOM   1390 N NH1 . ARG A 1 203 ? -7.198  -15.639 -10.435 1.00 29.76  ? 218 ARG A NH1 1 
ATOM   1391 N NH2 . ARG A 1 203 ? -7.822  -13.699 -11.447 1.00 23.55  ? 218 ARG A NH2 1 
ATOM   1392 N N   . PRO A 1 204 ? -11.964 -16.185 -3.567  1.00 29.22  ? 219 PRO A N   1 
ATOM   1393 C CA  . PRO A 1 204 ? -11.870 -17.125 -2.412  1.00 29.60  ? 219 PRO A CA  1 
ATOM   1394 C C   . PRO A 1 204 ? -10.554 -17.942 -2.543  1.00 29.79  ? 219 PRO A C   1 
ATOM   1395 O O   . PRO A 1 204 ? -10.153 -18.295 -3.660  1.00 32.22  ? 219 PRO A O   1 
ATOM   1396 C CB  . PRO A 1 204 ? -13.135 -17.998 -2.552  1.00 30.41  ? 219 PRO A CB  1 
ATOM   1397 C CG  . PRO A 1 204 ? -14.103 -17.156 -3.426  1.00 30.68  ? 219 PRO A CG  1 
ATOM   1398 C CD  . PRO A 1 204 ? -13.184 -16.389 -4.367  1.00 29.12  ? 219 PRO A CD  1 
ATOM   1399 N N   . ASN A 1 205 ? -9.834  -18.214 -1.488  1.00 29.51  ? 220 ASN A N   1 
ATOM   1400 C CA  . ASN A 1 205 ? -8.621  -19.007 -1.732  1.00 30.32  ? 220 ASN A CA  1 
ATOM   1401 C C   . ASN A 1 205 ? -7.477  -18.376 -2.464  1.00 29.96  ? 220 ASN A C   1 
ATOM   1402 O O   . ASN A 1 205 ? -6.570  -19.119 -2.801  1.00 31.99  ? 220 ASN A O   1 
ATOM   1403 C CB  . ASN A 1 205 ? -8.862  -20.361 -2.484  1.00 33.35  ? 220 ASN A CB  1 
ATOM   1404 C CG  . ASN A 1 205 ? -9.972  -21.196 -1.869  1.00 34.42  ? 220 ASN A CG  1 
ATOM   1405 O OD1 . ASN A 1 205 ? -10.192 -21.144 -0.636  1.00 41.71  ? 220 ASN A OD1 1 
ATOM   1406 N ND2 . ASN A 1 205 ? -10.679 -21.958 -2.719  1.00 34.37  ? 220 ASN A ND2 1 
ATOM   1407 N N   . TYR A 1 206 ? -7.496  -17.083 -2.793  1.00 29.22  ? 221 TYR A N   1 
ATOM   1408 C CA  . TYR A 1 206 ? -6.300  -16.393 -3.184  1.00 27.97  ? 221 TYR A CA  1 
ATOM   1409 C C   . TYR A 1 206 ? -6.232  -15.103 -2.368  1.00 27.30  ? 221 TYR A C   1 
ATOM   1410 O O   . TYR A 1 206 ? -6.915  -14.134 -2.663  1.00 25.58  ? 221 TYR A O   1 
ATOM   1411 C CB  . TYR A 1 206 ? -6.221  -16.120 -4.677  1.00 28.53  ? 221 TYR A CB  1 
ATOM   1412 C CG  . TYR A 1 206 ? -5.974  -17.355 -5.475  1.00 29.04  ? 221 TYR A CG  1 
ATOM   1413 C CD1 . TYR A 1 206 ? -4.673  -17.929 -5.567  1.00 31.00  ? 221 TYR A CD1 1 
ATOM   1414 C CD2 . TYR A 1 206 ? -7.036  -18.011 -6.106  1.00 29.72  ? 221 TYR A CD2 1 
ATOM   1415 C CE1 . TYR A 1 206 ? -4.466  -19.135 -6.307  1.00 29.11  ? 221 TYR A CE1 1 
ATOM   1416 C CE2 . TYR A 1 206 ? -6.844  -19.197 -6.802  1.00 30.36  ? 221 TYR A CE2 1 
ATOM   1417 C CZ  . TYR A 1 206 ? -5.561  -19.746 -6.933  1.00 29.54  ? 221 TYR A CZ  1 
ATOM   1418 O OH  . TYR A 1 206 ? -5.429  -20.933 -7.637  1.00 27.41  ? 221 TYR A OH  1 
ATOM   1419 N N   . SER A 1 207 ? -5.447  -15.141 -1.298  1.00 26.04  ? 222 SER A N   1 
ATOM   1420 C CA  . SER A 1 207 ? -5.182  -13.944 -0.452  1.00 25.36  ? 222 SER A CA  1 
ATOM   1421 C C   . SER A 1 207 ? -4.524  -12.812 -1.210  1.00 24.72  ? 222 SER A C   1 
ATOM   1422 O O   . SER A 1 207 ? -3.788  -13.024 -2.184  1.00 24.09  ? 222 SER A O   1 
ATOM   1423 C CB  . SER A 1 207 ? -4.276  -14.299 0.730   1.00 22.26  ? 222 SER A CB  1 
ATOM   1424 O OG  . SER A 1 207 ? -4.815  -15.477 1.350   1.00 28.19  ? 222 SER A OG  1 
ATOM   1425 N N   . GLY A 1 208 ? -4.806  -11.588 -0.731  1.00 26.34  ? 223 GLY A N   1 
ATOM   1426 C CA  . GLY A 1 208 ? -4.007  -10.437 -1.038  1.00 25.87  ? 223 GLY A CA  1 
ATOM   1427 C C   . GLY A 1 208 ? -2.663  -10.605 -0.373  1.00 24.66  ? 223 GLY A C   1 
ATOM   1428 O O   . GLY A 1 208 ? -2.511  -11.165 0.684   1.00 26.15  ? 223 GLY A O   1 
ATOM   1429 N N   . VAL A 1 209 ? -1.658  -10.147 -1.072  1.00 24.09  ? 224 VAL A N   1 
ATOM   1430 C CA  . VAL A 1 209 ? -0.267  -10.261 -0.676  1.00 23.83  ? 224 VAL A CA  1 
ATOM   1431 C C   . VAL A 1 209 ? 0.370   -8.860  -0.541  1.00 24.67  ? 224 VAL A C   1 
ATOM   1432 O O   . VAL A 1 209 ? 0.140   -7.920  -1.393  1.00 26.53  ? 224 VAL A O   1 
ATOM   1433 C CB  . VAL A 1 209 ? 0.519   -11.189 -1.591  1.00 22.77  ? 224 VAL A CB  1 
ATOM   1434 C CG1 . VAL A 1 209 ? 1.912   -11.492 -0.971  1.00 27.57  ? 224 VAL A CG1 1 
ATOM   1435 C CG2 . VAL A 1 209 ? -0.237  -12.469 -1.815  1.00 26.49  ? 224 VAL A CG2 1 
ATOM   1436 N N   . TYR A 1 210 ? 1.058   -8.699  0.580   1.00 22.54  ? 225 TYR A N   1 
ATOM   1437 C CA  . TYR A 1 210 ? 1.542   -7.386  1.033   1.00 22.80  ? 225 TYR A CA  1 
ATOM   1438 C C   . TYR A 1 210 ? 2.991   -7.484  1.266   1.00 22.16  ? 225 TYR A C   1 
ATOM   1439 O O   . TYR A 1 210 ? 3.479   -8.470  1.806   1.00 23.52  ? 225 TYR A O   1 
ATOM   1440 C CB  . TYR A 1 210 ? 0.794   -6.942  2.298   1.00 22.42  ? 225 TYR A CB  1 
ATOM   1441 C CG  . TYR A 1 210 ? -0.697  -6.815  1.997   1.00 24.21  ? 225 TYR A CG  1 
ATOM   1442 C CD1 . TYR A 1 210 ? -1.555  -7.892  2.063   1.00 24.39  ? 225 TYR A CD1 1 
ATOM   1443 C CD2 . TYR A 1 210 ? -1.222  -5.587  1.643   1.00 21.20  ? 225 TYR A CD2 1 
ATOM   1444 C CE1 . TYR A 1 210 ? -2.920  -7.764  1.693   1.00 24.72  ? 225 TYR A CE1 1 
ATOM   1445 C CE2 . TYR A 1 210 ? -2.601  -5.447  1.216   1.00 22.17  ? 225 TYR A CE2 1 
ATOM   1446 C CZ  . TYR A 1 210 ? -3.407  -6.532  1.286   1.00 22.75  ? 225 TYR A CZ  1 
ATOM   1447 O OH  . TYR A 1 210 ? -4.721  -6.364  0.991   1.00 25.90  ? 225 TYR A OH  1 
ATOM   1448 N N   . ALA A 1 211 ? 3.669   -6.421  0.954   1.00 23.38  ? 226 ALA A N   1 
ATOM   1449 C CA  . ALA A 1 211 ? 5.093   -6.244  1.312   1.00 25.67  ? 226 ALA A CA  1 
ATOM   1450 C C   . ALA A 1 211 ? 5.192   -5.875  2.820   1.00 25.19  ? 226 ALA A C   1 
ATOM   1451 O O   . ALA A 1 211 ? 4.443   -4.995  3.350   1.00 23.26  ? 226 ALA A O   1 
ATOM   1452 C CB  . ALA A 1 211 ? 5.679   -5.139  0.419   1.00 26.51  ? 226 ALA A CB  1 
ATOM   1453 N N   . SER A 1 212 ? 6.043   -6.623  3.530   1.00 26.69  ? 227 SER A N   1 
ATOM   1454 C CA  . SER A 1 212 ? 6.101   -6.597  5.019   1.00 26.51  ? 227 SER A CA  1 
ATOM   1455 C C   . SER A 1 212 ? 7.050   -5.490  5.511   1.00 27.11  ? 227 SER A C   1 
ATOM   1456 O O   . SER A 1 212 ? 8.272   -5.595  5.395   1.00 26.96  ? 227 SER A O   1 
ATOM   1457 C CB  . SER A 1 212 ? 6.508   -7.932  5.620   1.00 25.35  ? 227 SER A CB  1 
ATOM   1458 O OG  . SER A 1 212 ? 6.507   -7.948  7.080   1.00 24.42  ? 227 SER A OG  1 
ATOM   1459 N N   . VAL A 1 213 ? 6.458   -4.480  6.136   1.00 26.14  ? 228 VAL A N   1 
ATOM   1460 C CA  . VAL A 1 213 ? 7.244   -3.422  6.814   1.00 26.78  ? 228 VAL A CA  1 
ATOM   1461 C C   . VAL A 1 213 ? 8.203   -3.968  7.889   1.00 25.98  ? 228 VAL A C   1 
ATOM   1462 O O   . VAL A 1 213 ? 9.351   -3.563  7.929   1.00 24.42  ? 228 VAL A O   1 
ATOM   1463 C CB  . VAL A 1 213 ? 6.311   -2.297  7.363   1.00 24.60  ? 228 VAL A CB  1 
ATOM   1464 C CG1 . VAL A 1 213 ? 7.079   -1.323  8.420   1.00 25.79  ? 228 VAL A CG1 1 
ATOM   1465 C CG2 . VAL A 1 213 ? 5.691   -1.537  6.188   1.00 29.16  ? 228 VAL A CG2 1 
ATOM   1466 N N   . GLY A 1 214 ? 7.707   -4.890  8.743   1.00 27.48  ? 229 GLY A N   1 
ATOM   1467 C CA  . GLY A 1 214 ? 8.513   -5.473  9.815   1.00 27.14  ? 229 GLY A CA  1 
ATOM   1468 C C   . GLY A 1 214 ? 9.744   -6.189  9.245   1.00 27.11  ? 229 GLY A C   1 
ATOM   1469 O O   . GLY A 1 214 ? 10.819  -6.093  9.783   1.00 25.77  ? 229 GLY A O   1 
ATOM   1470 N N   . ALA A 1 215 ? 9.595   -6.910  8.137   1.00 25.07  ? 230 ALA A N   1 
ATOM   1471 C CA  . ALA A 1 215 ? 10.733  -7.590  7.508   1.00 25.33  ? 230 ALA A CA  1 
ATOM   1472 C C   . ALA A 1 215 ? 11.734  -6.667  6.864   1.00 26.58  ? 230 ALA A C   1 
ATOM   1473 O O   . ALA A 1 215 ? 12.901  -7.027  6.799   1.00 26.30  ? 230 ALA A O   1 
ATOM   1474 C CB  . ALA A 1 215 ? 10.252  -8.523  6.366   1.00 25.15  ? 230 ALA A CB  1 
ATOM   1475 N N   . LEU A 1 216 ? 11.245  -5.529  6.321   1.00 27.02  ? 231 LEU A N   1 
ATOM   1476 C CA  . LEU A 1 216 ? 12.000  -4.599  5.454   1.00 27.43  ? 231 LEU A CA  1 
ATOM   1477 C C   . LEU A 1 216 ? 12.350  -3.265  6.147   1.00 27.28  ? 231 LEU A C   1 
ATOM   1478 O O   . LEU A 1 216 ? 12.707  -2.319  5.472   1.00 27.99  ? 231 LEU A O   1 
ATOM   1479 C CB  . LEU A 1 216 ? 11.224  -4.397  4.158   1.00 27.95  ? 231 LEU A CB  1 
ATOM   1480 C CG  . LEU A 1 216 ? 10.734  -5.653  3.436   1.00 28.85  ? 231 LEU A CG  1 
ATOM   1481 C CD1 . LEU A 1 216 ? 9.722   -5.345  2.393   1.00 32.47  ? 231 LEU A CD1 1 
ATOM   1482 C CD2 . LEU A 1 216 ? 11.925  -6.384  2.794   1.00 36.46  ? 231 LEU A CD2 1 
ATOM   1483 N N   . ARG A 1 217 ? 12.367  -3.219  7.493   1.00 28.71  ? 232 ARG A N   1 
ATOM   1484 C CA  . ARG A 1 217 ? 12.702  -1.990  8.248   1.00 28.34  ? 232 ARG A CA  1 
ATOM   1485 C C   . ARG A 1 217 ? 14.101  -1.482  7.983   1.00 29.48  ? 232 ARG A C   1 
ATOM   1486 O O   . ARG A 1 217 ? 14.334  -0.307  8.037   1.00 31.24  ? 232 ARG A O   1 
ATOM   1487 C CB  . ARG A 1 217 ? 12.565  -2.182  9.734   1.00 26.56  ? 232 ARG A CB  1 
ATOM   1488 C CG  . ARG A 1 217 ? 11.152  -2.116  10.281  1.00 30.33  ? 232 ARG A CG  1 
ATOM   1489 C CD  . ARG A 1 217 ? 10.394  -0.748  10.010  1.00 30.29  ? 232 ARG A CD  1 
ATOM   1490 N NE  . ARG A 1 217 ? 11.118  0.332   10.648  1.00 29.75  ? 232 ARG A NE  1 
ATOM   1491 C CZ  . ARG A 1 217 ? 10.988  0.721   11.923  1.00 23.31  ? 232 ARG A CZ  1 
ATOM   1492 N NH1 . ARG A 1 217 ? 10.046  0.235   12.734  1.00 32.72  ? 232 ARG A NH1 1 
ATOM   1493 N NH2 . ARG A 1 217 ? 11.795  1.620   12.384  1.00 34.16  ? 232 ARG A NH2 1 
ATOM   1494 N N   . SER A 1 218 ? 15.041  -2.372  7.709   1.00 31.08  ? 233 SER A N   1 
ATOM   1495 C CA  . SER A 1 218 ? 16.410  -1.974  7.361   1.00 30.59  ? 233 SER A CA  1 
ATOM   1496 C C   . SER A 1 218 ? 16.482  -1.060  6.154   1.00 29.86  ? 233 SER A C   1 
ATOM   1497 O O   . SER A 1 218 ? 17.184  -0.040  6.161   1.00 29.91  ? 233 SER A O   1 
ATOM   1498 C CB  . SER A 1 218 ? 17.231  -3.213  6.962   1.00 32.85  ? 233 SER A CB  1 
ATOM   1499 O OG  . SER A 1 218 ? 17.376  -4.129  8.019   1.00 39.50  ? 233 SER A OG  1 
ATOM   1500 N N   . PHE A 1 219 ? 15.866  -1.513  5.082   1.00 29.72  ? 234 PHE A N   1 
ATOM   1501 C CA  . PHE A 1 219 ? 15.714  -0.729  3.878   1.00 29.30  ? 234 PHE A CA  1 
ATOM   1502 C C   . PHE A 1 219 ? 15.013  0.581   4.198   1.00 28.43  ? 234 PHE A C   1 
ATOM   1503 O O   . PHE A 1 219 ? 15.521  1.636   3.834   1.00 27.69  ? 234 PHE A O   1 
ATOM   1504 C CB  . PHE A 1 219 ? 14.959  -1.507  2.790   1.00 27.84  ? 234 PHE A CB  1 
ATOM   1505 C CG  . PHE A 1 219 ? 14.655  -0.678  1.563   1.00 30.32  ? 234 PHE A CG  1 
ATOM   1506 C CD1 . PHE A 1 219 ? 15.679  -0.216  0.714   1.00 35.04  ? 234 PHE A CD1 1 
ATOM   1507 C CD2 . PHE A 1 219 ? 13.357  -0.262  1.306   1.00 27.40  ? 234 PHE A CD2 1 
ATOM   1508 C CE1 . PHE A 1 219 ? 15.366  0.586   -0.406  1.00 30.90  ? 234 PHE A CE1 1 
ATOM   1509 C CE2 . PHE A 1 219 ? 13.050  0.469   0.201   1.00 29.92  ? 234 PHE A CE2 1 
ATOM   1510 C CZ  . PHE A 1 219 ? 14.039  0.945   -0.646  1.00 29.46  ? 234 PHE A CZ  1 
ATOM   1511 N N   . ILE A 1 220 ? 13.851  0.522   4.867   1.00 28.84  ? 235 ILE A N   1 
ATOM   1512 C CA  . ILE A 1 220 ? 13.063  1.726   5.133   1.00 29.41  ? 235 ILE A CA  1 
ATOM   1513 C C   . ILE A 1 220 ? 13.812  2.726   5.985   1.00 31.23  ? 235 ILE A C   1 
ATOM   1514 O O   . ILE A 1 220 ? 13.948  3.924   5.598   1.00 33.27  ? 235 ILE A O   1 
ATOM   1515 C CB  . ILE A 1 220 ? 11.656  1.459   5.773   1.00 28.21  ? 235 ILE A CB  1 
ATOM   1516 C CG1 . ILE A 1 220 ? 10.805  0.548   4.880   1.00 29.58  ? 235 ILE A CG1 1 
ATOM   1517 C CG2 . ILE A 1 220 ? 10.902  2.767   5.974   1.00 26.92  ? 235 ILE A CG2 1 
ATOM   1518 C CD1 . ILE A 1 220 ? 9.712   -0.135  5.620   1.00 26.72  ? 235 ILE A CD1 1 
ATOM   1519 N N   . ASP A 1 221 ? 14.329  2.257   7.128   1.00 31.92  ? 236 ASP A N   1 
ATOM   1520 C CA  . ASP A 1 221 ? 15.005  3.138   8.117   1.00 32.04  ? 236 ASP A CA  1 
ATOM   1521 C C   . ASP A 1 221 ? 16.280  3.767   7.521   1.00 32.88  ? 236 ASP A C   1 
ATOM   1522 O O   . ASP A 1 221 ? 16.715  4.841   7.925   1.00 34.33  ? 236 ASP A O   1 
ATOM   1523 C CB  . ASP A 1 221 ? 15.373  2.361   9.395   1.00 32.32  ? 236 ASP A CB  1 
ATOM   1524 C CG  . ASP A 1 221 ? 14.160  1.900   10.228  1.00 35.41  ? 236 ASP A CG  1 
ATOM   1525 O OD1 . ASP A 1 221 ? 12.967  2.196   9.882   1.00 36.29  ? 236 ASP A OD1 1 
ATOM   1526 O OD2 . ASP A 1 221 ? 14.426  1.189   11.237  1.00 34.07  ? 236 ASP A OD2 1 
ATOM   1527 N N   . THR A 1 222 ? 16.881  3.116   6.536   1.00 32.84  ? 237 THR A N   1 
ATOM   1528 C CA  . THR A 1 222 ? 18.066  3.655   5.931   1.00 32.04  ? 237 THR A CA  1 
ATOM   1529 C C   . THR A 1 222 ? 17.749  4.897   5.134   1.00 32.04  ? 237 THR A C   1 
ATOM   1530 O O   . THR A 1 222 ? 18.457  5.936   5.274   1.00 31.91  ? 237 THR A O   1 
ATOM   1531 C CB  . THR A 1 222 ? 18.814  2.555   5.100   1.00 32.29  ? 237 THR A CB  1 
ATOM   1532 O OG1 . THR A 1 222 ? 19.340  1.587   6.016   1.00 36.55  ? 237 THR A OG1 1 
ATOM   1533 C CG2 . THR A 1 222 ? 20.006  3.078   4.365   1.00 33.48  ? 237 THR A CG2 1 
ATOM   1534 N N   . TYR A 1 223 ? 16.732  4.831   4.292   1.00 31.15  ? 238 TYR A N   1 
ATOM   1535 C CA  . TYR A 1 223 ? 16.560  5.846   3.256   1.00 31.85  ? 238 TYR A CA  1 
ATOM   1536 C C   . TYR A 1 223 ? 15.482  6.827   3.613   1.00 31.95  ? 238 TYR A C   1 
ATOM   1537 O O   . TYR A 1 223 ? 15.277  7.783   2.843   1.00 31.27  ? 238 TYR A O   1 
ATOM   1538 C CB  . TYR A 1 223 ? 16.283  5.208   1.844   1.00 34.57  ? 238 TYR A CB  1 
ATOM   1539 C CG  . TYR A 1 223 ? 17.470  4.417   1.337   1.00 38.34  ? 238 TYR A CG  1 
ATOM   1540 C CD1 . TYR A 1 223 ? 18.441  5.020   0.517   1.00 41.69  ? 238 TYR A CD1 1 
ATOM   1541 C CD2 . TYR A 1 223 ? 17.650  3.069   1.728   1.00 44.67  ? 238 TYR A CD2 1 
ATOM   1542 C CE1 . TYR A 1 223 ? 19.555  4.308   0.087   1.00 41.64  ? 238 TYR A CE1 1 
ATOM   1543 C CE2 . TYR A 1 223 ? 18.744  2.332   1.307   1.00 39.09  ? 238 TYR A CE2 1 
ATOM   1544 C CZ  . TYR A 1 223 ? 19.709  2.957   0.509   1.00 41.29  ? 238 TYR A CZ  1 
ATOM   1545 O OH  . TYR A 1 223 ? 20.799  2.205   0.110   1.00 40.21  ? 238 TYR A OH  1 
ATOM   1546 N N   . ALA A 1 224 ? 14.815  6.617   4.759   1.00 31.50  ? 239 ALA A N   1 
ATOM   1547 C CA  . ALA A 1 224 ? 13.673  7.461   5.159   1.00 29.40  ? 239 ALA A CA  1 
ATOM   1548 C C   . ALA A 1 224 ? 14.191  8.755   5.691   1.00 30.46  ? 239 ALA A C   1 
ATOM   1549 O O   . ALA A 1 224 ? 13.623  9.805   5.381   1.00 29.23  ? 239 ALA A O   1 
ATOM   1550 C CB  . ALA A 1 224 ? 12.844  6.769   6.203   1.00 30.16  ? 239 ALA A CB  1 
ATOM   1551 O OXT . ALA A 1 224 ? 15.219  8.782   6.383   1.00 29.49  ? 239 ALA A OXT 1 
HETATM 1552 S S   . SO4 B 2 .   ? 9.190   -19.768 8.177   0.35 32.27  ? 240 SO4 A S   1 
HETATM 1553 O O1  . SO4 B 2 .   ? 10.560  -19.313 8.235   0.35 28.12  ? 240 SO4 A O1  1 
HETATM 1554 O O2  . SO4 B 2 .   ? 8.925   -20.627 9.306   0.35 30.04  ? 240 SO4 A O2  1 
HETATM 1555 O O3  . SO4 B 2 .   ? 9.033   -20.544 6.954   0.35 21.99  ? 240 SO4 A O3  1 
HETATM 1556 O O4  . SO4 B 2 .   ? 8.225   -18.660 8.101   0.35 21.05  ? 240 SO4 A O4  1 
HETATM 1557 S S   . SO4 C 2 .   ? -12.374 -16.191 6.803   0.35 25.66  ? 241 SO4 A S   1 
HETATM 1558 O O1  . SO4 C 2 .   ? -11.095 -16.049 6.146   0.35 28.74  ? 241 SO4 A O1  1 
HETATM 1559 O O2  . SO4 C 2 .   ? -12.463 -15.395 8.009   0.35 22.15  ? 241 SO4 A O2  1 
HETATM 1560 O O3  . SO4 C 2 .   ? -12.755 -17.597 7.040   0.35 24.62  ? 241 SO4 A O3  1 
HETATM 1561 O O4  . SO4 C 2 .   ? -13.420 -15.496 6.070   0.35 30.40  ? 241 SO4 A O4  1 
HETATM 1562 O O   . HOH D 3 .   ? -3.771  2.187   -1.843  1.00 17.65  ? 242 HOH A O   1 
HETATM 1563 O O   . HOH D 3 .   ? 5.846   7.222   -16.002 1.00 25.11  ? 243 HOH A O   1 
HETATM 1564 O O   . HOH D 3 .   ? -4.881  12.103  -2.293  1.00 20.02  ? 244 HOH A O   1 
HETATM 1565 O O   . HOH D 3 .   ? -4.688  3.665   -4.082  1.00 14.37  ? 245 HOH A O   1 
HETATM 1566 O O   . HOH D 3 .   ? -10.823 1.682   -3.941  1.00 19.34  ? 246 HOH A O   1 
HETATM 1567 O O   . HOH D 3 .   ? 2.683   2.254   1.816   1.00 19.68  ? 247 HOH A O   1 
HETATM 1568 O O   . HOH D 3 .   ? 15.502  -4.797  4.082   1.00 32.39  ? 248 HOH A O   1 
HETATM 1569 O O   . HOH D 3 .   ? -6.468  -8.323  1.250   1.00 19.75  ? 249 HOH A O   1 
HETATM 1570 O O   . HOH D 3 .   ? -7.460  -16.160 1.628   1.00 25.11  ? 250 HOH A O   1 
HETATM 1571 O O   . HOH D 3 .   ? 5.551   -8.377  -1.932  1.00 24.74  ? 251 HOH A O   1 
HETATM 1572 O O   . HOH D 3 .   ? -4.026  5.880   10.578  1.00 26.51  ? 252 HOH A O   1 
HETATM 1573 O O   . HOH D 3 .   ? -4.389  11.821  0.594   1.00 17.67  ? 253 HOH A O   1 
HETATM 1574 O O   . HOH D 3 .   ? -7.573  -12.679 -5.109  1.00 26.78  ? 254 HOH A O   1 
HETATM 1575 O O   . HOH D 3 .   ? -15.335 6.603   -3.426  1.00 26.22  ? 255 HOH A O   1 
HETATM 1576 O O   . HOH D 3 .   ? -7.944  4.424   10.276  1.00 26.33  ? 256 HOH A O   1 
HETATM 1577 O O   . HOH D 3 .   ? -5.097  -17.955 8.572   1.00 27.02  ? 257 HOH A O   1 
HETATM 1578 O O   . HOH D 3 .   ? -7.624  -2.940  11.432  1.00 28.52  ? 258 HOH A O   1 
HETATM 1579 O O   . HOH D 3 .   ? -4.641  -7.690  -3.653  1.00 27.60  ? 259 HOH A O   1 
HETATM 1580 O O   . HOH D 3 .   ? -13.693 -0.825  -10.458 1.00 24.43  ? 260 HOH A O   1 
HETATM 1581 O O   . HOH D 3 .   ? -10.594 -11.921 0.387   1.00 25.04  ? 261 HOH A O   1 
HETATM 1582 O O   . HOH D 3 .   ? -2.409  12.352  3.671   1.00 24.52  ? 262 HOH A O   1 
HETATM 1583 O O   . HOH D 3 .   ? 0.910   -14.052 6.254   1.00 21.45  ? 263 HOH A O   1 
HETATM 1584 O O   . HOH D 3 .   ? 1.974   -19.881 8.825   1.00 25.47  ? 264 HOH A O   1 
HETATM 1585 O O   . HOH D 3 .   ? 0.653   12.224  -12.777 1.00 26.83  ? 265 HOH A O   1 
HETATM 1586 O O   . HOH D 3 .   ? -12.411 -0.973  7.037   1.00 26.38  ? 266 HOH A O   1 
HETATM 1587 O O   . HOH D 3 .   ? -8.612  12.677  5.390   1.00 23.27  ? 267 HOH A O   1 
HETATM 1588 O O   . HOH D 3 .   ? 7.104   -10.255 7.669   1.00 28.80  ? 268 HOH A O   1 
HETATM 1589 O O   . HOH D 3 .   ? 10.618  18.377  -9.434  1.00 34.37  ? 269 HOH A O   1 
HETATM 1590 O O   . HOH D 3 .   ? -9.021  -14.855 0.009   1.00 28.52  ? 270 HOH A O   1 
HETATM 1591 O O   . HOH D 3 .   ? 7.253   -1.606  -12.522 1.00 29.55  ? 271 HOH A O   1 
HETATM 1592 O O   . HOH D 3 .   ? -7.348  -15.584 8.323   1.00 28.06  ? 272 HOH A O   1 
HETATM 1593 O O   . HOH D 3 .   ? -15.150 5.498   7.433   1.00 30.55  ? 273 HOH A O   1 
HETATM 1594 O O   . HOH D 3 .   ? -5.372  -9.578  -4.282  1.00 28.62  ? 274 HOH A O   1 
HETATM 1595 O O   . HOH D 3 .   ? 4.932   -6.180  8.654   1.00 21.97  ? 275 HOH A O   1 
HETATM 1596 O O   . HOH D 3 .   ? -5.579  -21.358 -4.279  1.00 39.73  ? 276 HOH A O   1 
HETATM 1597 O O   . HOH D 3 .   ? -13.279 6.066   10.949  1.00 25.74  ? 277 HOH A O   1 
HETATM 1598 O O   . HOH D 3 .   ? 4.414   -6.565  11.305  1.00 26.76  ? 278 HOH A O   1 
HETATM 1599 O O   . HOH D 3 .   ? 10.342  5.829   -11.603 1.00 26.70  ? 279 HOH A O   1 
HETATM 1600 O O   . HOH D 3 .   ? -13.770 8.671   1.371   1.00 23.67  ? 280 HOH A O   1 
HETATM 1601 O O   . HOH D 3 .   ? 5.344   9.338   -17.892 1.00 24.43  ? 281 HOH A O   1 
HETATM 1602 O O   . HOH D 3 .   ? 2.047   -13.382 8.708   1.00 24.38  ? 282 HOH A O   1 
HETATM 1603 O O   . HOH D 3 .   ? -15.216 -1.384  -2.229  1.00 24.11  ? 283 HOH A O   1 
HETATM 1604 O O   . HOH D 3 .   ? 5.837   -14.471 -5.695  1.00 27.06  ? 284 HOH A O   1 
HETATM 1605 O O   . HOH D 3 .   ? -16.756 -3.891  -4.055  1.00 24.22  ? 285 HOH A O   1 
HETATM 1606 O O   . HOH D 3 .   ? -3.949  6.658   -7.653  1.00 26.13  ? 286 HOH A O   1 
HETATM 1607 O O   . HOH D 3 .   ? -0.343  9.542   11.077  1.00 27.01  ? 287 HOH A O   1 
HETATM 1608 O O   . HOH D 3 .   ? -1.426  13.135  -7.687  1.00 29.04  ? 288 HOH A O   1 
HETATM 1609 O O   . HOH D 3 .   ? -3.268  11.586  -6.895  1.00 22.49  ? 289 HOH A O   1 
HETATM 1610 O O   . HOH D 3 .   ? -5.604  4.411   -7.944  1.00 23.88  ? 290 HOH A O   1 
HETATM 1611 O O   . HOH D 3 .   ? 7.046   19.281  -6.562  1.00 25.32  ? 291 HOH A O   1 
HETATM 1612 O O   . HOH D 3 .   ? -8.325  -12.083 -1.664  1.00 31.44  ? 292 HOH A O   1 
HETATM 1613 O O   . HOH D 3 .   ? 3.299   -8.621  14.770  1.00 23.60  ? 293 HOH A O   1 
HETATM 1614 O O   . HOH D 3 .   ? 1.684   -16.140 9.075   1.00 26.59  ? 294 HOH A O   1 
HETATM 1615 O O   . HOH D 3 .   ? 0.653   4.666   11.078  1.00 26.62  ? 295 HOH A O   1 
HETATM 1616 O O   . HOH D 3 .   ? 7.494   13.334  -10.520 1.00 28.64  ? 296 HOH A O   1 
HETATM 1617 O O   . HOH D 3 .   ? -4.424  20.558  -5.769  1.00 31.08  ? 297 HOH A O   1 
HETATM 1618 O O   . HOH D 3 .   ? -2.206  -1.299  -8.495  1.00 50.52  ? 298 HOH A O   1 
HETATM 1619 O O   . HOH D 3 .   ? 11.349  18.581  -0.143  1.00 33.03  ? 299 HOH A O   1 
HETATM 1620 O O   . HOH D 3 .   ? -8.845  -15.482 6.045   0.30 2.01   ? 300 HOH A O   1 
HETATM 1621 O O   . HOH D 3 .   ? -2.719  -7.252  11.854  1.00 25.64  ? 301 HOH A O   1 
HETATM 1622 O O   . HOH D 3 .   ? -12.662 15.390  -5.474  1.00 26.51  ? 302 HOH A O   1 
HETATM 1623 O O   . HOH D 3 .   ? 7.529   7.186   9.331   1.00 28.86  ? 303 HOH A O   1 
HETATM 1624 O O   . HOH D 3 .   ? 11.114  8.982   8.669   1.00 28.63  ? 304 HOH A O   1 
HETATM 1625 O O   . HOH D 3 .   ? 14.455  7.965   -3.079  1.00 35.44  ? 305 HOH A O   1 
HETATM 1626 O O   . HOH D 3 .   ? -0.561  3.507   15.352  1.00 31.95  ? 306 HOH A O   1 
HETATM 1627 O O   . HOH D 3 .   ? -7.098  0.419   11.997  1.00 28.37  ? 307 HOH A O   1 
HETATM 1628 O O   . HOH D 3 .   ? -14.983 -0.966  5.663   1.00 31.26  ? 308 HOH A O   1 
HETATM 1629 O O   . HOH D 3 .   ? 7.594   4.785   12.803  1.00 26.40  ? 309 HOH A O   1 
HETATM 1630 O O   . HOH D 3 .   ? 9.252   -9.895  9.736   1.00 23.66  ? 310 HOH A O   1 
HETATM 1631 O O   . HOH D 3 .   ? -16.282 -3.150  4.375   1.00 31.89  ? 311 HOH A O   1 
HETATM 1632 O O   . HOH D 3 .   ? -14.596 5.984   -12.190 1.00 30.59  ? 312 HOH A O   1 
HETATM 1633 O O   . HOH D 3 .   ? 4.841   -6.995  -7.337  1.00 34.95  ? 313 HOH A O   1 
HETATM 1634 O O   . HOH D 3 .   ? -2.566  -7.056  -2.138  1.00 32.89  ? 314 HOH A O   1 
HETATM 1635 O O   . HOH D 3 .   ? 12.043  4.957   9.930   1.00 31.83  ? 315 HOH A O   1 
HETATM 1636 O O   . HOH D 3 .   ? -14.412 -4.161  6.073   1.00 30.59  ? 316 HOH A O   1 
HETATM 1637 O O   . HOH D 3 .   ? -7.247  19.545  -7.903  1.00 34.88  ? 317 HOH A O   1 
HETATM 1638 O O   . HOH D 3 .   ? 6.669   12.079  -17.897 1.00 30.97  ? 318 HOH A O   1 
HETATM 1639 O O   . HOH D 3 .   ? 13.427  15.629  -1.171  1.00 35.83  ? 319 HOH A O   1 
HETATM 1640 O O   . HOH D 3 .   ? -5.870  10.493  -9.770  1.00 26.38  ? 320 HOH A O   1 
HETATM 1641 O O   . HOH D 3 .   ? 9.401   17.171  -0.046  1.00 101.57 ? 321 HOH A O   1 
HETATM 1642 O O   . HOH D 3 .   ? 2.946   -1.856  -12.553 1.00 33.21  ? 322 HOH A O   1 
HETATM 1643 O O   . HOH D 3 .   ? -1.128  -8.657  -8.832  1.00 27.77  ? 323 HOH A O   1 
HETATM 1644 O O   . HOH D 3 .   ? -10.688 -8.993  10.218  1.00 37.61  ? 324 HOH A O   1 
HETATM 1645 O O   . HOH D 3 .   ? -8.135  9.043   5.679   1.00 26.70  ? 325 HOH A O   1 
HETATM 1646 O O   . HOH D 3 .   ? -4.069  -8.480  -7.952  1.00 33.20  ? 326 HOH A O   1 
HETATM 1647 O O   . HOH D 3 .   ? -8.385  -5.570  -12.120 1.00 29.19  ? 327 HOH A O   1 
HETATM 1648 O O   . HOH D 3 .   ? -13.729 -3.227  -16.752 1.00 32.84  ? 328 HOH A O   1 
HETATM 1649 O O   . HOH D 3 .   ? -5.198  -13.707 15.763  1.00 37.05  ? 329 HOH A O   1 
HETATM 1650 O O   . HOH D 3 .   ? -11.942 -13.478 -10.205 1.00 64.36  ? 330 HOH A O   1 
HETATM 1651 O O   . HOH D 3 .   ? 14.767  -8.098  1.814   1.00 42.53  ? 331 HOH A O   1 
HETATM 1652 O O   . HOH D 3 .   ? -5.523  -2.215  18.369  1.00 38.78  ? 332 HOH A O   1 
HETATM 1653 O O   . HOH D 3 .   ? -17.903 -6.316  2.335   1.00 33.14  ? 333 HOH A O   1 
HETATM 1654 O O   . HOH D 3 .   ? -6.945  1.755   17.284  1.00 37.83  ? 334 HOH A O   1 
HETATM 1655 O O   . HOH D 3 .   ? 11.858  11.348  -15.506 1.00 32.17  ? 335 HOH A O   1 
HETATM 1656 O O   . HOH D 3 .   ? 1.517   9.000   2.121   1.00 72.12  ? 336 HOH A O   1 
HETATM 1657 O O   . HOH D 3 .   ? 15.808  13.291  2.827   1.00 40.36  ? 337 HOH A O   1 
HETATM 1658 O O   . HOH D 3 .   ? -10.507 2.987   9.892   1.00 35.95  ? 338 HOH A O   1 
HETATM 1659 O O   . HOH D 3 .   ? 6.337   -0.497  16.751  1.00 39.69  ? 339 HOH A O   1 
HETATM 1660 O O   . HOH D 3 .   ? 0.900   -24.911 3.532   1.00 30.75  ? 340 HOH A O   1 
HETATM 1661 O O   . HOH D 3 .   ? 2.682   -25.086 -1.079  1.00 40.99  ? 341 HOH A O   1 
HETATM 1662 O O   . HOH D 3 .   ? -16.471 -1.696  -13.913 1.00 32.59  ? 342 HOH A O   1 
HETATM 1663 O O   . HOH D 3 .   ? 7.973   -7.978  -0.423  1.00 20.66  ? 343 HOH A O   1 
HETATM 1664 O O   . HOH D 3 .   ? 6.007   8.171   13.103  1.00 39.23  ? 344 HOH A O   1 
HETATM 1665 O O   . HOH D 3 .   ? -1.475  -2.908  -9.755  1.00 43.31  ? 345 HOH A O   1 
HETATM 1666 O O   . HOH D 3 .   ? -12.723 -11.927 -7.609  1.00 30.09  ? 346 HOH A O   1 
HETATM 1667 O O   . HOH D 3 .   ? 4.302   -3.439  15.396  1.00 27.04  ? 347 HOH A O   1 
HETATM 1668 O O   . HOH D 3 .   ? -15.573 3.580   9.609   1.00 41.39  ? 348 HOH A O   1 
HETATM 1669 O O   . HOH D 3 .   ? 16.364  13.089  -3.454  1.00 41.37  ? 349 HOH A O   1 
HETATM 1670 O O   . HOH D 3 .   ? 14.856  -5.389  7.120   1.00 37.12  ? 350 HOH A O   1 
HETATM 1671 O O   . HOH D 3 .   ? -5.818  -20.046 7.251   1.00 30.02  ? 351 HOH A O   1 
HETATM 1672 O O   . HOH D 3 .   ? -1.834  -14.932 -8.886  1.00 35.92  ? 352 HOH A O   1 
HETATM 1673 O O   . HOH D 3 .   ? -7.570  1.062   -10.706 1.00 43.61  ? 353 HOH A O   1 
HETATM 1674 O O   . HOH D 3 .   ? -16.449 7.056   -1.308  1.00 40.37  ? 354 HOH A O   1 
HETATM 1675 O O   . HOH D 3 .   ? 2.949   13.056  12.055  1.00 32.29  ? 355 HOH A O   1 
HETATM 1676 O O   . HOH D 3 .   ? 9.172   -19.364 0.404   1.00 45.07  ? 356 HOH A O   1 
HETATM 1677 O O   . HOH D 3 .   ? -7.332  -21.339 1.126   1.00 35.46  ? 357 HOH A O   1 
HETATM 1678 O O   . HOH D 3 .   ? -0.451  -8.903  14.462  1.00 31.65  ? 358 HOH A O   1 
HETATM 1679 O O   . HOH D 3 .   ? -4.702  12.306  4.515   1.00 34.73  ? 359 HOH A O   1 
HETATM 1680 O O   . HOH D 3 .   ? -12.064 3.727   11.727  1.00 34.62  ? 360 HOH A O   1 
HETATM 1681 O O   . HOH D 3 .   ? 4.646   -25.216 -3.606  1.00 37.48  ? 361 HOH A O   1 
HETATM 1682 O O   . HOH D 3 .   ? 0.343   20.408  6.371   1.00 34.73  ? 362 HOH A O   1 
HETATM 1683 O O   . HOH D 3 .   ? 11.628  -2.004  16.177  1.00 32.93  ? 363 HOH A O   1 
HETATM 1684 O O   . HOH D 3 .   ? 3.882   21.633  -5.422  1.00 41.46  ? 364 HOH A O   1 
HETATM 1685 O O   . HOH D 3 .   ? 12.740  -11.426 6.345   1.00 39.97  ? 365 HOH A O   1 
HETATM 1686 O O   . HOH D 3 .   ? -7.017  -7.708  15.824  1.00 42.38  ? 366 HOH A O   1 
HETATM 1687 O O   . HOH D 3 .   ? 13.851  12.761  5.605   1.00 40.88  ? 367 HOH A O   1 
HETATM 1688 O O   . HOH D 3 .   ? -15.740 8.455   -5.124  1.00 29.03  ? 368 HOH A O   1 
HETATM 1689 O O   . HOH D 3 .   ? 10.479  -18.418 -1.664  1.00 37.17  ? 369 HOH A O   1 
HETATM 1690 O O   . HOH D 3 .   ? -7.260  20.863  -5.871  1.00 33.46  ? 370 HOH A O   1 
HETATM 1691 O O   . HOH D 3 .   ? 6.538   -9.751  -10.154 1.00 40.53  ? 371 HOH A O   1 
HETATM 1692 O O   . HOH D 3 .   ? 8.581   -14.259 8.144   1.00 43.12  ? 372 HOH A O   1 
HETATM 1693 O O   . HOH D 3 .   ? -7.061  3.527   -9.429  1.00 48.92  ? 373 HOH A O   1 
HETATM 1694 O O   . HOH D 3 .   ? 10.337  13.811  -11.767 1.00 46.72  ? 374 HOH A O   1 
HETATM 1695 O O   . HOH D 3 .   ? -0.144  5.220   -17.235 1.00 34.99  ? 375 HOH A O   1 
HETATM 1696 O O   . HOH D 3 .   ? -8.967  -3.004  -13.004 1.00 35.49  ? 376 HOH A O   1 
HETATM 1697 O O   . HOH D 3 .   ? -17.568 -2.539  -8.475  1.00 35.37  ? 377 HOH A O   1 
HETATM 1698 O O   . HOH D 3 .   ? -1.902  21.833  -3.409  1.00 33.30  ? 378 HOH A O   1 
HETATM 1699 O O   . HOH D 3 .   ? -15.476 1.883   -8.596  1.00 46.15  ? 379 HOH A O   1 
HETATM 1700 O O   . HOH D 3 .   ? -16.967 2.703   7.183   1.00 38.55  ? 380 HOH A O   1 
HETATM 1701 O O   . HOH D 3 .   ? 11.387  -16.051 3.150   1.00 38.23  ? 381 HOH A O   1 
HETATM 1702 O O   . HOH D 3 .   ? 15.934  8.651   -8.572  1.00 36.59  ? 382 HOH A O   1 
HETATM 1703 O O   . HOH D 3 .   ? 13.762  -12.502 -4.322  1.00 38.86  ? 383 HOH A O   1 
HETATM 1704 O O   . HOH D 3 .   ? -10.630 0.566   -12.187 1.00 41.96  ? 384 HOH A O   1 
HETATM 1705 O O   . HOH D 3 .   ? -10.493 -3.959  -17.016 1.00 36.29  ? 385 HOH A O   1 
HETATM 1706 O O   . HOH D 3 .   ? -3.767  14.399  -9.036  1.00 42.60  ? 386 HOH A O   1 
HETATM 1707 O O   . HOH D 3 .   ? -4.420  -5.985  13.916  1.00 32.58  ? 387 HOH A O   1 
HETATM 1708 O O   . HOH D 3 .   ? -13.629 7.933   -11.702 1.00 34.95  ? 388 HOH A O   1 
HETATM 1709 O O   . HOH D 3 .   ? 8.452   -13.342 -6.709  1.00 38.50  ? 389 HOH A O   1 
HETATM 1710 O O   . HOH D 3 .   ? -13.866 -8.874  -7.394  1.00 35.25  ? 390 HOH A O   1 
HETATM 1711 O O   . HOH D 3 .   ? 5.009   -21.454 5.915   1.00 41.25  ? 391 HOH A O   1 
HETATM 1712 O O   . HOH D 3 .   ? -4.182  9.245   -8.271  1.00 27.92  ? 392 HOH A O   1 
HETATM 1713 O O   . HOH D 3 .   ? -16.346 4.480   -5.081  1.00 25.70  ? 393 HOH A O   1 
HETATM 1714 O O   . HOH D 3 .   ? 3.852   -27.243 -1.623  1.00 30.81  ? 394 HOH A O   1 
# 
